data_1QXP
#
_entry.id   1QXP
#
_cell.length_a   72.738
_cell.length_b   184.596
_cell.length_c   86.370
_cell.angle_alpha   90.00
_cell.angle_beta   100.74
_cell.angle_gamma   90.00
#
_symmetry.space_group_name_H-M   'P 1 21 1'
#
loop_
_entity.id
_entity.type
_entity.pdbx_description
1 polymer 'mu-like calpain'
2 water water
#
_entity_poly.entity_id   1
_entity_poly.type   'polypeptide(L)'
_entity_poly.pdbx_seq_one_letter_code
;MAGIAMKLAKDREAAEGLGSHERAIKYLNQDYETLRNECLEAGALFQDPAFPPVSHSLGFKELGPNSSKTYGIKWKRPTE
LLSNPQFIVDGATRTDICQGALGDSWLLAAIASLTLNETILHRVVPYGQSFQEGYAGIFHFQLWQFGEWVDVVVDDLLPT
KDGKLVFVHSAQGNEFWSALLEKAYAKVNGSYEALSGGCTSEAFEDFTGGVTEWYDLQKAPSDLYQIILKALERGSLLGC
SINISDIRDLEAITFKNLVRGHAYSVTDAKQVTYQGQRVNLIRMRNPWGEVEWKGPWSDNSYEWNKVDPYEREQLRVKME
DGEFWMSFRDFIREFTKLEICNLTPDALKSRTLRNWNTTFYEGTWRRGSTAGGCRNYPATFWVNPQFKIRLEEVDDADDY
DSRESGCSFLLALMQKHRRRERRFGRDMETIGFAVYQVPRELAGQPVHLKRDFFLANASRAQSEHFINLREVSNRIRLPP
GEYIVVPSTFEPNKEGDFLLRFFSEKKAGTQELDDQIQANLPDEKVLSEEEIDDNFKTLFSKLAGDDMEISVKELQTILN
RIISKHKDLRTNGFSLESCRSMVNLMDRDGNGKLGLVEFNILWNRIRNYLTIFRKFDLDKSGSMSAYEMRMAIEAAGFKL
PCQLHQVIVARFADDELIIDFDNFVRCLVRLEILFKIFKQLDPENTGTIQLDLISWLSFSVLGKLAAAIEHHHHHHMHYS
NIEANESEEERQFRKLFVQLAGDDMEVSATELMNILNKVVTRHPDLKTDGFGIDTCRSMVAVMDSDTTGKLGFEEFKYLW
NNIKKWQGIYKRFETDRSGTIGSNELPGAFEAAGFHLNQHIYSMIIRRYSDETGNMDFDNFISCLVRLDAMFRAFRSLDK
NGTGQIQVNIQEWLQLTMYS
;
_entity_poly.pdbx_strand_id   A,B
#
# COMPACT_ATOMS: atom_id res chain seq x y z
N ALA A 2 -5.22 -24.65 7.41
CA ALA A 2 -5.50 -25.17 8.65
C ALA A 2 -4.54 -26.34 8.46
N GLY A 3 -3.79 -26.66 9.57
CA GLY A 3 -2.57 -27.44 9.46
C GLY A 3 -1.29 -26.60 9.14
N ILE A 4 -0.15 -27.25 9.16
CA ILE A 4 0.96 -26.71 8.52
C ILE A 4 0.84 -25.96 7.19
N ALA A 5 -0.16 -26.16 6.49
CA ALA A 5 -0.17 -25.40 5.21
C ALA A 5 -0.56 -23.92 5.53
N MET A 6 -1.55 -23.59 6.42
CA MET A 6 -1.81 -22.16 6.83
C MET A 6 -0.80 -21.72 7.82
N LYS A 7 0.40 -22.21 7.59
CA LYS A 7 1.53 -21.99 8.44
C LYS A 7 2.72 -21.99 7.64
N LEU A 8 2.64 -22.69 6.51
CA LEU A 8 3.61 -22.59 5.40
C LEU A 8 3.42 -21.24 4.55
N ALA A 9 2.24 -20.65 4.59
CA ALA A 9 2.00 -19.54 3.81
C ALA A 9 2.59 -18.42 4.46
N LYS A 10 2.28 -18.21 5.77
CA LYS A 10 2.95 -17.01 6.63
C LYS A 10 4.51 -17.16 6.32
N ASP A 11 5.02 -18.39 6.20
CA ASP A 11 6.35 -18.33 5.86
C ASP A 11 6.70 -17.78 4.57
N ARG A 12 6.28 -18.33 3.55
CA ARG A 12 6.44 -17.66 2.30
C ARG A 12 6.11 -15.98 2.25
N GLU A 13 5.01 -15.51 2.81
CA GLU A 13 4.71 -14.20 2.91
C GLU A 13 5.79 -13.45 3.72
N ALA A 14 5.71 -13.61 4.99
CA ALA A 14 6.76 -13.24 5.84
C ALA A 14 8.08 -13.08 5.33
N ALA A 15 8.81 -14.06 5.03
CA ALA A 15 10.00 -13.91 4.28
C ALA A 15 9.85 -13.13 3.01
N GLU A 16 8.65 -12.65 2.67
CA GLU A 16 8.49 -11.68 1.62
C GLU A 16 8.02 -10.25 1.94
N GLY A 17 8.19 -9.79 3.17
CA GLY A 17 7.82 -8.43 3.73
C GLY A 17 6.69 -8.57 4.74
N LEU A 18 5.81 -9.52 4.71
CA LEU A 18 4.65 -9.22 5.36
C LEU A 18 5.15 -9.22 6.67
N GLY A 19 4.58 -8.64 7.68
CA GLY A 19 5.30 -8.70 9.09
C GLY A 19 6.32 -7.45 9.36
N SER A 20 6.88 -6.90 8.30
CA SER A 20 7.78 -5.69 8.40
C SER A 20 7.19 -4.36 8.85
N HIS A 21 7.94 -3.39 9.31
CA HIS A 21 7.22 -2.18 9.56
C HIS A 21 6.72 -1.69 8.28
N GLU A 22 7.39 -2.01 7.21
CA GLU A 22 6.93 -1.45 5.88
C GLU A 22 5.65 -1.97 5.42
N ARG A 23 5.55 -3.27 5.64
CA ARG A 23 4.29 -4.17 5.45
C ARG A 23 3.51 -4.81 6.77
N ALA A 24 2.93 -3.99 7.62
CA ALA A 24 2.37 -4.62 8.76
C ALA A 24 1.43 -5.70 8.49
N ILE A 25 0.93 -6.34 9.54
CA ILE A 25 -0.17 -7.17 9.49
C ILE A 25 -1.41 -6.40 10.02
N LYS A 26 -2.58 -6.78 9.41
CA LYS A 26 -3.95 -6.30 9.55
C LYS A 26 -4.65 -6.87 10.75
N TYR A 27 -4.24 -6.52 11.91
CA TYR A 27 -4.96 -7.12 13.09
C TYR A 27 -6.45 -7.39 12.97
N LEU A 28 -6.84 -8.62 13.19
CA LEU A 28 -8.33 -9.08 13.03
C LEU A 28 -8.83 -8.92 11.57
N ASN A 29 -7.90 -8.90 10.69
CA ASN A 29 -8.26 -8.71 9.32
C ASN A 29 -9.17 -7.51 8.93
N GLN A 30 -9.15 -6.56 9.83
CA GLN A 30 -9.80 -5.21 9.58
C GLN A 30 -8.85 -4.15 8.92
N ASP A 31 -9.40 -3.34 8.04
CA ASP A 31 -8.60 -2.35 7.38
C ASP A 31 -9.13 -0.81 7.59
N TYR A 32 -8.24 0.05 8.01
CA TYR A 32 -8.57 1.43 8.35
C TYR A 32 -9.16 2.20 7.24
N GLU A 33 -8.47 2.30 6.05
CA GLU A 33 -8.93 3.03 4.78
C GLU A 33 -10.35 2.60 4.33
N THR A 34 -10.54 1.22 4.35
CA THR A 34 -11.76 0.61 3.87
C THR A 34 -12.78 0.86 4.87
N LEU A 35 -12.53 0.46 6.08
CA LEU A 35 -13.45 1.03 7.17
C LEU A 35 -13.67 2.55 7.07
N ARG A 36 -12.63 3.22 6.82
CA ARG A 36 -12.93 4.61 6.97
C ARG A 36 -14.04 4.99 5.83
N ASN A 37 -14.03 4.31 4.68
CA ASN A 37 -14.68 4.89 3.50
C ASN A 37 -16.05 4.26 3.74
N GLU A 38 -16.08 3.06 4.33
CA GLU A 38 -17.33 2.40 4.30
C GLU A 38 -18.19 3.24 5.30
N CYS A 39 -17.58 4.25 5.90
CA CYS A 39 -18.28 5.02 6.92
C CYS A 39 -18.59 6.23 6.22
N LEU A 40 -17.50 6.71 5.57
CA LEU A 40 -17.62 7.91 4.84
C LEU A 40 -18.83 7.82 3.92
N GLU A 41 -18.90 6.91 3.01
CA GLU A 41 -19.94 6.64 2.05
C GLU A 41 -21.13 5.90 2.80
N ALA A 42 -21.66 6.38 3.89
CA ALA A 42 -22.78 5.78 4.52
C ALA A 42 -23.36 6.64 5.61
N GLY A 43 -22.83 7.85 5.86
CA GLY A 43 -23.26 8.66 6.98
C GLY A 43 -23.08 8.10 8.34
N ALA A 44 -22.06 7.36 8.61
CA ALA A 44 -21.98 6.60 10.03
C ALA A 44 -20.63 6.90 10.68
N LEU A 45 -20.61 7.16 11.95
CA LEU A 45 -19.24 7.01 12.62
C LEU A 45 -18.95 5.67 12.89
N PHE A 46 -17.67 5.35 12.67
CA PHE A 46 -17.28 3.95 13.02
C PHE A 46 -17.57 3.41 14.38
N GLN A 47 -18.12 2.20 14.55
CA GLN A 47 -18.14 1.54 15.91
C GLN A 47 -17.30 0.26 15.98
N ASP A 48 -16.24 0.10 16.88
CA ASP A 48 -15.26 -1.07 16.74
C ASP A 48 -15.91 -2.50 17.03
N PRO A 49 -16.10 -3.32 15.96
CA PRO A 49 -16.92 -4.49 16.20
C PRO A 49 -15.97 -5.34 17.01
N ALA A 50 -14.68 -5.18 16.89
CA ALA A 50 -14.02 -6.35 17.37
C ALA A 50 -13.77 -6.21 18.96
N PHE A 51 -13.57 -4.91 19.25
CA PHE A 51 -13.25 -4.26 20.60
C PHE A 51 -14.38 -3.30 21.05
N PRO A 52 -15.60 -3.87 20.96
CA PRO A 52 -16.81 -3.13 21.17
C PRO A 52 -16.72 -2.31 22.39
N PRO A 53 -17.31 -1.18 22.38
CA PRO A 53 -17.36 -0.34 23.57
C PRO A 53 -18.32 -0.77 24.73
N VAL A 54 -18.30 -2.01 24.87
CA VAL A 54 -19.25 -2.53 25.76
C VAL A 54 -18.75 -2.36 27.13
N SER A 55 -18.96 -3.40 27.99
CA SER A 55 -18.26 -3.49 29.31
C SER A 55 -17.23 -4.50 29.38
N HIS A 56 -17.22 -5.54 28.67
CA HIS A 56 -16.00 -6.38 29.01
C HIS A 56 -14.62 -5.72 28.66
N SER A 57 -14.51 -4.66 27.83
CA SER A 57 -13.32 -4.30 27.12
C SER A 57 -12.57 -3.69 28.22
N LEU A 58 -13.27 -3.43 29.29
CA LEU A 58 -12.55 -2.61 30.20
C LEU A 58 -11.64 -3.51 31.19
N GLY A 59 -12.06 -4.78 31.13
CA GLY A 59 -11.52 -6.00 31.72
C GLY A 59 -12.33 -7.35 31.89
N PHE A 60 -12.60 -7.79 33.14
CA PHE A 60 -12.93 -9.19 33.61
C PHE A 60 -12.94 -9.53 35.16
N LYS A 61 -12.37 -8.60 35.88
CA LYS A 61 -12.38 -8.72 37.29
C LYS A 61 -11.54 -7.53 37.85
N GLU A 62 -12.06 -6.64 38.64
CA GLU A 62 -11.24 -5.64 39.32
C GLU A 62 -11.29 -4.51 38.57
N LEU A 63 -11.94 -4.65 37.41
CA LEU A 63 -12.05 -3.65 36.37
C LEU A 63 -12.84 -4.14 35.14
N GLY A 64 -13.51 -5.22 35.18
CA GLY A 64 -14.35 -5.36 34.02
C GLY A 64 -15.81 -5.19 34.46
N PRO A 65 -16.48 -6.32 34.83
CA PRO A 65 -17.96 -6.36 35.27
C PRO A 65 -18.36 -6.17 36.86
N ASN A 66 -19.45 -5.39 37.05
CA ASN A 66 -19.68 -4.89 38.39
C ASN A 66 -18.46 -4.11 38.85
N SER A 67 -17.59 -4.61 39.67
CA SER A 67 -16.41 -3.78 40.16
C SER A 67 -16.68 -2.21 40.20
N SER A 68 -16.92 -1.60 41.38
CA SER A 68 -17.49 -0.25 41.27
C SER A 68 -16.38 0.44 40.69
N LYS A 69 -15.21 0.02 41.11
CA LYS A 69 -14.02 0.49 40.46
C LYS A 69 -14.51 1.02 39.04
N THR A 70 -15.01 0.13 38.26
CA THR A 70 -15.35 0.45 36.87
C THR A 70 -16.84 0.85 36.76
N TYR A 71 -17.37 1.91 37.34
CA TYR A 71 -18.78 1.93 37.26
C TYR A 71 -19.06 3.25 36.88
N GLY A 72 -19.97 3.36 35.88
CA GLY A 72 -20.64 4.59 35.53
C GLY A 72 -19.84 5.14 34.43
N ILE A 73 -18.99 4.27 33.84
CA ILE A 73 -18.18 4.69 32.66
C ILE A 73 -19.04 4.98 31.45
N LYS A 74 -18.69 6.07 30.97
CA LYS A 74 -19.52 6.43 29.93
C LYS A 74 -18.50 6.81 28.83
N TRP A 75 -18.56 5.87 27.84
CA TRP A 75 -17.76 5.87 26.58
C TRP A 75 -18.20 6.96 25.82
N LYS A 76 -17.30 7.84 25.41
CA LYS A 76 -17.60 8.93 24.50
C LYS A 76 -16.52 9.23 23.51
N ARG A 77 -16.82 10.07 22.50
CA ARG A 77 -15.78 10.44 21.52
C ARG A 77 -15.20 11.81 21.95
N PRO A 78 -13.98 12.14 21.49
CA PRO A 78 -13.52 13.47 21.68
C PRO A 78 -14.43 14.44 21.09
N THR A 79 -14.72 14.44 19.75
CA THR A 79 -15.69 15.38 19.08
C THR A 79 -16.93 15.56 19.84
N GLU A 80 -17.24 14.66 20.74
CA GLU A 80 -18.39 14.77 21.68
C GLU A 80 -18.13 15.54 23.00
N LEU A 81 -16.95 16.13 23.09
CA LEU A 81 -16.45 16.99 24.29
C LEU A 81 -15.22 17.90 24.01
N LEU A 82 -15.09 18.55 22.91
CA LEU A 82 -13.98 19.37 22.65
C LEU A 82 -14.52 20.15 21.43
N SER A 83 -14.98 21.37 21.65
CA SER A 83 -15.22 22.20 20.44
C SER A 83 -13.98 22.26 19.45
N ASN A 84 -13.82 21.22 18.69
CA ASN A 84 -12.91 21.13 17.59
C ASN A 84 -11.66 20.33 18.02
N PRO A 85 -11.68 18.91 18.17
CA PRO A 85 -10.58 18.01 18.73
C PRO A 85 -9.23 18.08 18.08
N GLN A 86 -8.06 18.00 18.75
CA GLN A 86 -6.85 17.74 17.94
C GLN A 86 -6.46 16.39 18.11
N PHE A 87 -6.27 15.63 17.06
CA PHE A 87 -5.86 14.20 17.30
C PHE A 87 -4.42 14.24 17.71
N ILE A 88 -3.60 14.85 16.84
CA ILE A 88 -2.25 15.14 17.21
C ILE A 88 -1.87 16.53 16.61
N VAL A 89 -1.06 17.28 17.31
CA VAL A 89 -0.51 18.44 16.52
C VAL A 89 0.85 18.78 16.94
N ASP A 90 1.94 18.08 16.59
CA ASP A 90 3.26 18.29 17.21
C ASP A 90 4.16 19.49 16.74
N GLY A 91 5.49 19.28 16.67
CA GLY A 91 6.41 20.39 16.90
C GLY A 91 6.51 20.71 18.39
N ALA A 92 5.88 19.91 19.23
CA ALA A 92 5.71 20.26 20.68
C ALA A 92 7.07 19.97 21.22
N THR A 93 7.28 20.66 22.37
CA THR A 93 8.52 20.52 23.18
C THR A 93 8.54 19.63 24.53
N ARG A 94 7.64 19.99 25.49
CA ARG A 94 7.19 19.40 26.78
C ARG A 94 6.19 18.47 26.23
N THR A 95 5.17 18.02 27.02
CA THR A 95 4.20 16.93 26.90
C THR A 95 3.41 17.05 28.15
N ASP A 96 2.10 16.88 28.14
CA ASP A 96 1.26 17.43 29.17
C ASP A 96 0.74 16.22 29.48
N ILE A 97 1.41 15.15 29.19
CA ILE A 97 0.71 13.84 29.15
C ILE A 97 0.25 13.56 30.49
N CYS A 98 -0.28 12.40 30.92
CA CYS A 98 -0.72 12.28 32.31
C CYS A 98 -1.45 10.91 32.47
N GLN A 99 -1.04 10.11 33.47
CA GLN A 99 -1.59 8.62 33.67
C GLN A 99 -2.94 8.64 33.48
N GLY A 100 -3.48 7.52 33.27
CA GLY A 100 -4.78 7.33 33.82
C GLY A 100 -5.34 7.82 35.25
N ALA A 101 -6.17 8.88 35.34
CA ALA A 101 -6.99 8.96 36.55
C ALA A 101 -7.81 7.71 37.08
N LEU A 102 -7.68 6.51 36.47
CA LEU A 102 -8.12 5.31 37.06
C LEU A 102 -7.33 4.32 36.21
N GLY A 103 -6.26 4.93 35.64
CA GLY A 103 -5.15 4.27 34.93
C GLY A 103 -3.85 4.07 35.72
N ASP A 104 -3.03 3.13 35.28
CA ASP A 104 -1.80 2.68 35.99
C ASP A 104 -0.63 3.50 35.36
N SER A 105 0.13 4.39 36.03
CA SER A 105 1.23 5.22 35.37
C SER A 105 2.41 4.60 34.38
N TRP A 106 2.86 3.44 34.74
CA TRP A 106 4.07 2.87 34.03
C TRP A 106 4.12 3.34 32.61
N LEU A 107 3.06 3.04 31.92
CA LEU A 107 2.91 3.15 30.49
C LEU A 107 3.09 4.47 30.00
N LEU A 108 2.48 5.39 30.76
CA LEU A 108 2.88 6.83 30.75
C LEU A 108 4.20 7.10 30.27
N ALA A 109 5.08 6.45 30.97
CA ALA A 109 6.49 6.73 30.62
C ALA A 109 6.94 6.21 29.10
N ALA A 110 6.44 5.02 28.62
CA ALA A 110 6.72 4.70 27.08
C ALA A 110 6.21 5.62 26.14
N ILE A 111 4.96 6.08 26.36
CA ILE A 111 4.20 6.96 25.62
C ILE A 111 4.78 8.36 25.66
N ALA A 112 5.02 8.82 26.85
CA ALA A 112 5.76 10.00 26.81
C ALA A 112 7.17 10.03 26.18
N SER A 113 7.98 9.01 26.34
CA SER A 113 9.29 9.04 25.86
C SER A 113 9.33 8.94 24.43
N LEU A 114 8.18 9.17 23.73
CA LEU A 114 7.95 8.82 22.20
C LEU A 114 7.98 10.06 21.51
N THR A 115 7.19 11.13 21.88
CA THR A 115 7.24 12.52 21.57
C THR A 115 8.63 13.40 21.61
N LEU A 116 9.63 13.16 22.44
CA LEU A 116 11.00 13.47 22.08
C LEU A 116 11.50 12.91 20.77
N ASN A 117 11.26 11.70 20.26
CA ASN A 117 11.68 11.58 18.87
C ASN A 117 10.61 11.39 17.82
N GLU A 118 10.58 12.30 16.80
CA GLU A 118 9.47 12.53 15.87
C GLU A 118 9.33 11.40 14.92
N THR A 119 10.43 10.89 14.39
CA THR A 119 10.49 9.91 13.54
C THR A 119 10.00 8.59 14.16
N ILE A 120 10.35 8.42 15.41
CA ILE A 120 9.86 7.17 16.10
C ILE A 120 8.49 7.07 16.37
N LEU A 121 7.97 8.17 16.82
CA LEU A 121 6.55 8.36 17.18
C LEU A 121 5.58 8.20 16.02
N HIS A 122 5.70 8.82 14.78
CA HIS A 122 4.73 8.53 13.70
C HIS A 122 4.85 7.12 13.00
N ARG A 123 5.98 6.43 13.38
CA ARG A 123 6.32 5.05 13.06
C ARG A 123 5.25 4.22 13.75
N VAL A 124 4.60 4.80 14.81
CA VAL A 124 3.67 4.01 15.69
C VAL A 124 2.55 4.79 15.55
N VAL A 125 2.67 6.02 15.26
CA VAL A 125 1.44 6.97 14.98
C VAL A 125 1.50 7.62 13.51
N PRO A 126 0.91 6.94 12.46
CA PRO A 126 1.02 7.46 11.06
C PRO A 126 0.16 8.67 10.89
N TYR A 127 0.72 9.55 10.02
CA TYR A 127 0.30 10.83 9.55
C TYR A 127 -0.74 10.53 8.67
N GLY A 128 -1.30 11.58 8.24
CA GLY A 128 -2.62 11.36 7.79
C GLY A 128 -3.75 11.27 8.77
N GLN A 129 -3.98 11.96 9.86
CA GLN A 129 -5.27 11.65 10.70
C GLN A 129 -5.81 12.92 11.39
N SER A 130 -7.08 13.02 11.59
CA SER A 130 -7.60 14.25 12.15
C SER A 130 -8.98 14.06 12.54
N PHE A 131 -9.46 15.04 13.33
CA PHE A 131 -10.79 14.86 13.78
C PHE A 131 -11.69 15.65 12.91
N GLN A 132 -11.07 16.43 11.99
CA GLN A 132 -11.67 17.15 10.88
C GLN A 132 -11.29 16.68 9.47
N GLU A 133 -10.40 17.31 8.76
CA GLU A 133 -10.19 16.68 7.54
C GLU A 133 -10.49 14.97 7.52
N GLY A 134 -11.43 14.51 6.67
CA GLY A 134 -11.64 13.02 6.51
C GLY A 134 -11.93 12.07 7.78
N TYR A 135 -12.59 12.67 8.83
CA TYR A 135 -12.86 12.16 9.96
C TYR A 135 -13.43 10.77 9.91
N ALA A 136 -14.63 10.56 10.42
CA ALA A 136 -15.20 9.18 10.57
C ALA A 136 -15.08 8.29 11.65
N GLY A 137 -14.18 8.47 12.48
CA GLY A 137 -14.49 7.92 13.81
C GLY A 137 -13.54 6.77 13.95
N ILE A 138 -12.34 6.89 13.29
CA ILE A 138 -11.39 5.72 13.23
C ILE A 138 -9.96 5.97 13.01
N PHE A 139 -9.22 5.53 14.03
CA PHE A 139 -7.80 5.88 13.94
C PHE A 139 -7.07 4.58 13.81
N HIS A 140 -5.99 4.56 13.14
CA HIS A 140 -5.14 3.42 13.35
C HIS A 140 -3.71 3.63 13.95
N PHE A 141 -3.14 2.58 14.49
CA PHE A 141 -1.72 2.59 15.02
C PHE A 141 -0.86 1.44 14.50
N GLN A 142 0.37 1.52 14.75
CA GLN A 142 1.16 0.40 14.40
C GLN A 142 2.02 0.02 15.76
N LEU A 143 2.00 -1.27 16.15
CA LEU A 143 2.68 -1.88 17.31
C LEU A 143 3.52 -3.09 16.87
N TRP A 144 4.70 -3.17 17.39
CA TRP A 144 5.54 -4.56 17.47
C TRP A 144 4.95 -5.54 18.33
N GLN A 145 4.68 -6.68 17.74
CA GLN A 145 4.18 -7.88 18.58
C GLN A 145 4.94 -9.25 18.20
N PHE A 146 5.83 -9.61 19.17
CA PHE A 146 6.60 -10.95 18.97
C PHE A 146 7.23 -11.05 17.63
N GLY A 147 7.89 -9.95 17.22
CA GLY A 147 8.56 -9.74 16.03
C GLY A 147 7.88 -9.48 14.71
N GLU A 148 6.54 -9.33 14.73
CA GLU A 148 5.91 -8.92 13.54
C GLU A 148 5.20 -7.66 13.78
N TRP A 149 5.07 -6.79 12.83
CA TRP A 149 4.46 -5.40 13.03
C TRP A 149 2.96 -5.54 12.56
N VAL A 150 2.11 -4.97 13.29
CA VAL A 150 0.80 -5.07 12.99
C VAL A 150 0.05 -3.61 12.96
N ASP A 151 -0.68 -3.39 11.85
CA ASP A 151 -1.65 -2.30 11.78
C ASP A 151 -2.88 -2.38 12.52
N VAL A 152 -2.95 -1.80 13.74
CA VAL A 152 -4.18 -1.86 14.56
C VAL A 152 -5.11 -0.57 14.44
N VAL A 153 -6.34 -0.81 14.18
CA VAL A 153 -7.30 0.18 14.18
C VAL A 153 -7.99 0.17 15.41
N VAL A 154 -8.69 1.29 15.55
CA VAL A 154 -9.62 1.44 16.67
C VAL A 154 -10.60 2.73 16.47
N ASP A 155 -11.56 2.81 17.36
CA ASP A 155 -12.54 3.84 17.19
C ASP A 155 -12.33 4.78 18.26
N ASP A 156 -12.68 6.10 17.99
CA ASP A 156 -12.38 7.19 19.00
C ASP A 156 -13.29 7.22 20.15
N LEU A 157 -13.99 6.20 20.38
CA LEU A 157 -14.68 6.29 21.56
C LEU A 157 -13.62 6.18 22.78
N LEU A 158 -13.97 6.62 23.99
CA LEU A 158 -13.03 6.60 25.09
C LEU A 158 -13.75 6.40 26.33
N PRO A 159 -13.17 5.49 27.15
CA PRO A 159 -13.65 5.30 28.50
C PRO A 159 -13.48 6.47 29.36
N THR A 160 -14.61 6.98 29.97
CA THR A 160 -14.80 8.27 30.65
C THR A 160 -15.73 8.40 31.90
N LYS A 161 -15.53 9.44 32.64
CA LYS A 161 -16.44 9.77 33.70
C LYS A 161 -16.50 11.32 33.73
N ASP A 162 -17.73 11.82 33.93
CA ASP A 162 -17.96 13.34 34.13
C ASP A 162 -17.53 14.17 32.83
N GLY A 163 -17.28 13.41 31.75
CA GLY A 163 -16.81 13.97 30.51
C GLY A 163 -15.36 14.25 30.39
N LYS A 164 -14.69 13.70 31.41
CA LYS A 164 -13.31 13.61 31.56
C LYS A 164 -12.77 12.09 31.50
N LEU A 165 -11.59 12.09 30.82
CA LEU A 165 -11.10 10.86 30.09
C LEU A 165 -10.56 10.08 31.25
N VAL A 166 -10.90 8.88 31.61
CA VAL A 166 -10.20 8.34 33.01
C VAL A 166 -8.98 7.39 32.88
N PHE A 167 -8.50 7.46 31.68
CA PHE A 167 -7.26 7.15 31.27
C PHE A 167 -6.22 8.20 30.65
N VAL A 168 -5.29 7.71 29.72
CA VAL A 168 -4.08 8.50 29.58
C VAL A 168 -4.53 9.64 28.70
N HIS A 169 -3.95 10.76 28.82
CA HIS A 169 -4.50 11.95 28.29
C HIS A 169 -3.61 13.34 28.36
N SER A 170 -4.04 14.43 27.74
CA SER A 170 -3.30 15.70 27.80
C SER A 170 -3.88 16.84 28.77
N ALA A 171 -3.05 17.60 29.51
CA ALA A 171 -3.59 17.95 30.88
C ALA A 171 -4.24 19.28 30.82
N GLN A 172 -3.50 20.28 30.50
CA GLN A 172 -4.11 21.42 29.99
C GLN A 172 -4.47 21.01 28.46
N GLY A 173 -3.50 21.20 27.57
CA GLY A 173 -3.76 21.16 26.15
C GLY A 173 -4.49 19.86 25.76
N ASN A 174 -5.83 19.86 25.68
CA ASN A 174 -6.57 18.84 25.05
C ASN A 174 -6.24 18.50 23.40
N GLU A 175 -5.15 17.63 23.25
CA GLU A 175 -4.84 16.58 22.13
C GLU A 175 -5.09 15.19 22.73
N PHE A 176 -5.24 14.33 21.67
CA PHE A 176 -5.73 12.97 21.97
C PHE A 176 -5.01 11.75 21.31
N TRP A 177 -3.89 11.90 20.56
CA TRP A 177 -3.27 10.80 19.95
C TRP A 177 -2.91 9.64 20.90
N SER A 178 -2.21 10.04 21.92
CA SER A 178 -1.83 9.09 22.98
C SER A 178 -3.06 8.49 23.59
N ALA A 179 -4.13 9.26 23.44
CA ALA A 179 -5.37 8.88 24.25
C ALA A 179 -5.99 7.69 23.59
N LEU A 180 -5.63 7.46 22.29
CA LEU A 180 -5.99 6.34 21.44
C LEU A 180 -4.92 5.34 21.18
N LEU A 181 -3.68 5.72 21.10
CA LEU A 181 -2.66 4.73 21.23
C LEU A 181 -2.92 3.75 22.31
N GLU A 182 -3.18 4.15 23.52
CA GLU A 182 -3.44 3.13 24.54
C GLU A 182 -4.59 2.30 24.29
N LYS A 183 -5.58 2.84 23.61
CA LYS A 183 -6.91 2.03 23.27
C LYS A 183 -6.64 0.81 22.40
N ALA A 184 -5.62 1.06 21.64
CA ALA A 184 -5.38 0.15 20.53
C ALA A 184 -4.47 -0.81 21.30
N TYR A 185 -3.79 -0.34 22.38
CA TYR A 185 -2.69 -1.11 22.93
C TYR A 185 -3.40 -2.01 23.77
N ALA A 186 -4.33 -1.39 24.58
CA ALA A 186 -5.28 -2.15 25.43
C ALA A 186 -6.09 -3.18 24.58
N LYS A 187 -6.04 -3.04 23.23
CA LYS A 187 -6.92 -3.78 22.42
C LYS A 187 -6.17 -4.98 21.99
N VAL A 188 -5.09 -4.88 21.25
CA VAL A 188 -4.33 -6.10 20.87
C VAL A 188 -4.03 -6.96 22.11
N ASN A 189 -3.87 -6.46 23.42
CA ASN A 189 -3.80 -7.49 24.52
C ASN A 189 -5.04 -8.37 24.96
N GLY A 190 -6.19 -7.67 24.84
CA GLY A 190 -7.54 -8.11 25.25
C GLY A 190 -8.40 -6.90 25.74
N SER A 191 -8.09 -6.32 26.89
CA SER A 191 -8.95 -5.55 27.68
C SER A 191 -8.02 -4.51 28.20
N TYR A 192 -8.41 -3.53 29.04
CA TYR A 192 -7.52 -2.50 29.61
C TYR A 192 -6.81 -2.99 30.91
N GLU A 193 -7.42 -4.00 31.69
CA GLU A 193 -6.78 -4.78 32.80
C GLU A 193 -5.73 -5.56 32.21
N ALA A 194 -5.99 -6.00 30.92
CA ALA A 194 -5.03 -6.82 30.21
C ALA A 194 -3.62 -6.23 30.52
N LEU A 195 -3.60 -4.91 30.91
CA LEU A 195 -2.38 -4.02 30.86
C LEU A 195 -2.06 -3.50 32.13
N SER A 196 -3.03 -3.55 33.05
CA SER A 196 -2.66 -3.56 34.48
C SER A 196 -1.23 -4.33 34.72
N GLY A 197 -0.28 -3.77 35.52
CA GLY A 197 1.05 -4.37 35.65
C GLY A 197 1.41 -4.76 34.22
N GLY A 198 1.77 -3.67 33.44
CA GLY A 198 2.51 -3.72 32.15
C GLY A 198 3.96 -3.90 32.52
N CYS A 199 4.77 -2.88 32.34
CA CYS A 199 6.13 -2.94 32.32
C CYS A 199 6.54 -1.99 31.19
N THR A 200 7.19 -0.95 31.54
CA THR A 200 7.72 0.07 30.68
C THR A 200 8.48 -0.47 29.62
N SER A 201 9.19 -1.44 29.93
CA SER A 201 10.18 -1.78 28.89
C SER A 201 9.55 -2.45 27.71
N GLU A 202 8.70 -3.41 28.06
CA GLU A 202 7.79 -4.00 27.21
C GLU A 202 7.10 -3.07 26.33
N ALA A 203 6.28 -2.16 26.89
CA ALA A 203 5.90 -0.94 26.04
C ALA A 203 6.84 -0.53 25.00
N PHE A 204 7.99 -0.15 25.48
CA PHE A 204 8.89 0.50 24.56
C PHE A 204 9.19 -0.41 23.34
N GLU A 205 9.23 -1.68 23.55
CA GLU A 205 9.83 -2.56 22.51
C GLU A 205 8.67 -2.72 21.70
N ASP A 206 7.43 -2.67 22.28
CA ASP A 206 6.24 -2.79 21.46
C ASP A 206 6.00 -1.52 20.60
N PHE A 207 6.46 -0.28 21.00
CA PHE A 207 6.44 0.97 20.14
C PHE A 207 7.68 1.17 19.35
N THR A 208 8.57 0.19 19.26
CA THR A 208 9.71 0.34 18.32
C THR A 208 10.24 -0.83 17.52
N GLY A 209 9.95 -2.05 18.11
CA GLY A 209 10.57 -3.34 17.68
C GLY A 209 12.03 -3.34 18.02
N GLY A 210 12.52 -2.71 19.06
CA GLY A 210 13.85 -2.92 19.56
C GLY A 210 14.03 -3.80 20.82
N VAL A 211 15.20 -3.76 21.51
CA VAL A 211 15.41 -4.68 22.67
C VAL A 211 15.73 -3.95 23.76
N THR A 212 15.10 -4.23 24.86
CA THR A 212 15.59 -3.49 25.97
C THR A 212 16.52 -4.04 27.05
N GLU A 213 17.87 -3.93 26.83
CA GLU A 213 18.94 -3.94 27.93
C GLU A 213 18.75 -3.08 29.21
N TRP A 214 19.15 -3.59 30.37
CA TRP A 214 19.05 -2.85 31.58
C TRP A 214 20.19 -3.03 32.64
N TYR A 215 20.41 -2.00 33.48
CA TYR A 215 21.41 -2.07 34.59
C TYR A 215 20.94 -1.41 35.96
N ASP A 216 21.67 -1.92 36.99
CA ASP A 216 21.45 -1.55 38.42
C ASP A 216 22.54 -0.59 38.55
N LEU A 217 22.17 0.72 38.70
CA LEU A 217 23.06 1.79 38.39
C LEU A 217 23.87 1.66 39.43
N GLN A 218 23.44 1.97 40.66
CA GLN A 218 24.42 1.84 41.78
C GLN A 218 24.58 0.32 42.35
N LYS A 219 25.55 -0.39 41.66
CA LYS A 219 25.75 -1.72 41.05
C LYS A 219 26.24 -1.74 39.61
N ALA A 220 26.82 -0.73 39.12
CA ALA A 220 26.90 -0.61 37.69
C ALA A 220 28.17 -1.27 37.19
N PRO A 221 28.08 -1.71 36.03
CA PRO A 221 29.32 -2.11 35.45
C PRO A 221 30.19 -0.89 35.18
N SER A 222 31.51 -1.10 35.37
CA SER A 222 32.61 -0.11 35.23
C SER A 222 32.85 0.10 33.80
N ASP A 223 31.78 -0.29 33.08
CA ASP A 223 31.78 0.11 31.71
C ASP A 223 30.52 0.84 31.06
N LEU A 224 29.73 1.13 32.04
CA LEU A 224 28.36 1.72 31.84
C LEU A 224 28.44 2.91 30.91
N TYR A 225 29.56 3.71 31.12
CA TYR A 225 29.72 5.03 30.50
C TYR A 225 30.05 4.81 29.02
N GLN A 226 30.83 3.81 28.74
CA GLN A 226 31.10 3.48 27.36
C GLN A 226 29.97 2.61 26.69
N ILE A 227 29.15 1.92 27.50
CA ILE A 227 27.98 1.42 26.84
C ILE A 227 27.13 2.75 26.61
N ILE A 228 27.04 3.65 27.60
CA ILE A 228 26.02 4.71 27.49
C ILE A 228 26.37 5.46 26.20
N LEU A 229 27.66 5.68 26.08
CA LEU A 229 28.12 6.32 24.98
C LEU A 229 27.61 5.34 24.05
N LYS A 230 28.31 4.27 23.84
CA LYS A 230 28.16 3.59 22.46
C LYS A 230 26.71 3.37 22.06
N ALA A 231 25.81 3.41 22.99
CA ALA A 231 24.46 3.28 22.54
C ALA A 231 24.04 4.61 21.93
N LEU A 232 24.23 5.76 22.67
CA LEU A 232 23.84 7.01 22.22
C LEU A 232 24.26 7.30 20.72
N GLU A 233 25.37 6.67 20.23
CA GLU A 233 25.84 6.95 18.98
C GLU A 233 25.22 6.05 17.92
N ARG A 234 24.02 5.73 18.13
CA ARG A 234 23.26 4.72 17.46
C ARG A 234 21.88 5.10 17.72
N GLY A 235 21.61 6.29 18.24
CA GLY A 235 20.24 6.51 18.48
C GLY A 235 19.46 5.56 19.35
N SER A 236 20.08 4.91 20.27
CA SER A 236 19.22 4.27 21.27
C SER A 236 18.57 5.10 22.26
N LEU A 237 17.41 4.59 22.77
CA LEU A 237 16.42 5.38 23.66
C LEU A 237 16.79 5.05 25.13
N LEU A 238 17.49 5.87 25.92
CA LEU A 238 17.89 5.50 27.14
C LEU A 238 17.03 6.24 28.11
N GLY A 239 16.32 5.55 29.00
CA GLY A 239 15.75 6.31 30.08
C GLY A 239 16.09 5.77 31.53
N CYS A 240 15.90 6.60 32.57
CA CYS A 240 16.40 6.53 33.83
C CYS A 240 15.39 6.84 34.80
N SER A 241 15.55 6.20 35.91
CA SER A 241 14.28 6.02 36.76
C SER A 241 14.81 5.94 38.18
N ILE A 242 14.03 6.38 39.12
CA ILE A 242 14.49 6.20 40.55
C ILE A 242 13.39 5.32 41.17
N ASN A 243 13.46 3.99 41.30
CA ASN A 243 12.57 3.12 42.30
C ASN A 243 12.57 3.14 43.96
N ILE A 244 11.55 3.90 44.55
CA ILE A 244 11.05 3.96 45.95
C ILE A 244 11.36 2.59 46.61
N THR A 254 17.99 18.15 48.81
CA THR A 254 19.11 18.61 48.06
C THR A 254 19.25 18.03 46.54
N PHE A 255 19.62 16.67 46.40
CA PHE A 255 19.84 15.85 45.04
C PHE A 255 18.53 15.72 44.28
N LYS A 256 17.95 14.58 44.33
CA LYS A 256 16.70 14.60 43.67
C LYS A 256 15.75 14.08 44.70
N ASN A 257 15.06 15.04 45.34
CA ASN A 257 13.86 14.77 46.18
C ASN A 257 12.49 14.36 45.43
N LEU A 258 12.47 14.75 44.09
CA LEU A 258 11.62 14.39 42.90
C LEU A 258 12.30 13.13 42.14
N HIS A 262 9.51 8.09 36.77
CA HIS A 262 8.38 8.78 35.88
C HIS A 262 9.00 8.92 34.54
N ALA A 263 10.18 9.52 34.41
CA ALA A 263 10.93 9.47 33.22
C ALA A 263 12.41 10.06 33.39
N TYR A 264 12.62 11.20 32.82
CA TYR A 264 13.95 11.60 32.59
C TYR A 264 14.68 10.61 31.62
N SER A 265 15.29 11.10 30.54
CA SER A 265 15.97 10.23 29.71
C SER A 265 17.30 10.79 29.54
N VAL A 266 18.29 10.08 29.10
CA VAL A 266 19.64 10.57 28.93
C VAL A 266 19.47 10.82 27.47
N THR A 267 20.00 11.96 26.97
CA THR A 267 19.98 12.32 25.52
C THR A 267 21.36 12.59 25.11
N ASP A 268 22.29 12.67 26.05
CA ASP A 268 23.68 13.01 25.64
C ASP A 268 24.69 12.86 26.59
N ALA A 269 25.88 12.86 26.02
CA ALA A 269 26.99 12.41 26.78
C ALA A 269 28.23 12.97 26.41
N LYS A 270 29.05 13.41 27.47
CA LYS A 270 30.12 14.42 27.32
C LYS A 270 31.32 14.39 28.22
N GLN A 271 32.53 14.23 27.65
CA GLN A 271 33.76 14.24 28.46
C GLN A 271 34.43 15.76 28.49
N VAL A 272 34.35 16.50 29.57
CA VAL A 272 34.95 17.76 29.62
C VAL A 272 36.22 17.68 30.50
N THR A 273 37.30 18.45 30.19
CA THR A 273 38.43 18.84 31.17
C THR A 273 38.24 19.91 32.27
N TYR A 274 38.33 19.51 33.56
CA TYR A 274 37.92 20.39 34.65
C TYR A 274 38.95 20.23 35.82
N GLN A 275 39.77 21.26 36.00
CA GLN A 275 40.81 21.18 36.79
C GLN A 275 41.76 20.08 36.34
N GLY A 276 42.09 20.06 35.16
CA GLY A 276 43.15 19.15 34.76
C GLY A 276 42.87 17.70 35.11
N GLN A 277 41.59 17.19 34.97
CA GLN A 277 41.20 15.83 35.04
C GLN A 277 40.08 15.52 34.04
N ARG A 278 39.72 14.24 34.22
CA ARG A 278 38.63 13.57 33.51
C ARG A 278 37.44 14.13 33.50
N VAL A 279 36.75 14.06 34.53
CA VAL A 279 35.27 14.26 34.49
C VAL A 279 34.40 13.74 33.34
N ASN A 280 33.40 12.84 33.48
CA ASN A 280 32.44 12.42 32.49
C ASN A 280 30.97 12.95 32.84
N LEU A 281 30.28 13.67 31.86
CA LEU A 281 29.05 14.31 32.23
C LEU A 281 28.27 13.55 31.45
N ILE A 282 27.00 13.61 31.71
CA ILE A 282 25.97 13.04 30.99
C ILE A 282 24.74 13.99 31.03
N ARG A 283 24.10 14.11 29.84
CA ARG A 283 23.02 15.06 29.70
C ARG A 283 21.65 14.39 29.71
N MET A 284 20.76 14.77 30.66
CA MET A 284 19.46 14.07 30.98
C MET A 284 18.31 14.95 30.29
N ARG A 285 17.04 14.47 30.30
CA ARG A 285 15.91 15.28 30.01
C ARG A 285 14.46 14.88 30.27
N ASN A 286 13.81 15.75 31.01
CA ASN A 286 12.45 15.39 31.45
C ASN A 286 11.50 15.81 30.37
N PRO A 287 10.84 14.83 29.85
CA PRO A 287 9.84 15.07 28.73
C PRO A 287 8.64 15.94 29.18
N TRP A 288 8.66 16.28 30.46
CA TRP A 288 7.43 16.90 30.84
C TRP A 288 7.93 18.30 31.17
N GLY A 289 9.16 18.58 30.83
CA GLY A 289 9.72 19.83 30.88
C GLY A 289 10.32 20.43 32.09
N GLU A 290 9.77 20.26 33.20
CA GLU A 290 10.53 20.90 34.28
C GLU A 290 11.96 20.36 34.52
N VAL A 291 12.98 21.27 34.42
CA VAL A 291 14.32 20.95 34.99
C VAL A 291 14.32 20.59 36.50
N GLU A 292 14.11 21.62 37.27
CA GLU A 292 13.99 21.40 38.64
C GLU A 292 15.41 20.90 39.24
N TRP A 293 16.51 20.77 38.49
CA TRP A 293 17.64 20.12 39.04
C TRP A 293 18.43 21.16 39.53
N LYS A 294 18.58 21.31 40.83
CA LYS A 294 19.18 22.59 41.45
C LYS A 294 20.66 22.60 41.01
N GLY A 295 20.80 22.81 39.63
CA GLY A 295 22.04 23.29 39.00
C GLY A 295 22.63 22.63 37.73
N PRO A 296 23.69 23.21 37.18
CA PRO A 296 23.98 23.00 35.83
C PRO A 296 25.12 21.92 35.65
N TRP A 297 25.41 21.42 36.78
CA TRP A 297 26.53 20.49 36.94
C TRP A 297 26.77 20.24 38.50
N SER A 298 25.60 20.09 39.14
CA SER A 298 25.27 19.71 40.61
C SER A 298 24.21 20.70 40.90
N ASN A 300 25.17 22.30 43.40
CA ASN A 300 25.74 23.54 43.91
C ASN A 300 27.11 23.51 43.51
N SER A 301 27.55 22.24 43.57
CA SER A 301 28.97 21.79 43.50
C SER A 301 29.59 21.82 42.08
N TYR A 302 30.75 21.19 41.84
CA TYR A 302 31.55 21.36 40.57
C TYR A 302 30.72 22.14 39.54
N GLU A 303 31.19 23.25 38.87
CA GLU A 303 30.28 23.82 37.90
C GLU A 303 30.50 24.54 36.51
N TRP A 304 29.36 24.87 35.94
CA TRP A 304 29.10 25.54 34.73
C TRP A 304 30.14 26.62 34.39
N ASN A 305 30.02 27.64 35.18
CA ASN A 305 30.37 28.94 34.68
C ASN A 305 31.69 29.02 35.33
N LYS A 306 31.84 28.19 36.24
CA LYS A 306 33.17 28.18 36.89
C LYS A 306 34.38 27.56 36.18
N VAL A 307 35.56 27.90 36.50
CA VAL A 307 36.77 27.60 35.64
C VAL A 307 36.35 26.59 34.69
N ASP A 308 36.08 26.80 33.42
CA ASP A 308 35.71 25.71 32.67
C ASP A 308 35.50 26.35 31.39
N PRO A 309 36.49 26.25 30.47
CA PRO A 309 36.62 27.19 29.33
C PRO A 309 35.54 27.06 28.40
N TYR A 310 34.95 28.18 28.06
CA TYR A 310 33.73 28.07 27.29
C TYR A 310 33.77 27.03 26.31
N GLU A 311 34.96 26.81 25.76
CA GLU A 311 35.21 25.79 24.69
C GLU A 311 34.59 24.48 25.09
N ARG A 312 35.19 24.04 26.25
CA ARG A 312 35.07 22.79 26.90
C ARG A 312 33.92 23.24 27.75
N GLU A 313 32.85 23.85 27.18
CA GLU A 313 31.61 24.31 27.92
C GLU A 313 30.46 24.81 27.03
N GLN A 314 30.70 25.00 25.64
CA GLN A 314 29.71 25.28 24.58
C GLN A 314 29.29 24.04 24.03
N LEU A 315 30.28 23.22 23.92
CA LEU A 315 30.20 21.74 23.91
C LEU A 315 29.06 21.32 24.88
N ARG A 316 28.77 21.86 26.07
CA ARG A 316 27.58 21.54 26.83
C ARG A 316 26.29 22.11 26.32
N VAL A 317 25.88 23.32 26.71
CA VAL A 317 24.64 24.11 26.25
C VAL A 317 24.35 23.69 24.89
N LYS A 318 23.22 22.91 24.72
CA LYS A 318 22.63 22.51 23.22
C LYS A 318 21.26 21.82 23.14
N MET A 319 20.22 22.34 23.89
CA MET A 319 18.96 21.64 24.17
C MET A 319 17.70 22.18 24.89
N GLU A 320 16.55 21.60 24.71
CA GLU A 320 15.76 22.24 25.72
C GLU A 320 14.59 21.49 26.44
N ASP A 321 13.61 22.20 26.93
CA ASP A 321 12.72 21.46 27.80
C ASP A 321 13.34 20.26 28.73
N GLY A 322 14.51 20.39 29.40
CA GLY A 322 15.25 19.23 30.03
C GLY A 322 16.74 19.39 29.55
N GLU A 323 17.43 20.29 30.26
CA GLU A 323 18.77 20.41 29.98
C GLU A 323 19.45 19.34 30.85
N PHE A 324 19.93 19.79 32.01
CA PHE A 324 20.67 19.02 32.96
C PHE A 324 21.76 18.54 32.22
N TRP A 325 22.77 18.79 32.87
CA TRP A 325 24.00 18.24 32.36
C TRP A 325 24.84 17.57 33.48
N MET A 326 24.21 17.04 34.51
CA MET A 326 24.81 16.21 35.47
C MET A 326 26.08 15.40 35.23
N SER A 327 27.02 15.38 36.19
CA SER A 327 28.12 14.46 36.00
C SER A 327 27.81 12.89 36.22
N PHE A 328 28.60 11.96 35.74
CA PHE A 328 28.42 10.50 36.04
C PHE A 328 28.37 10.05 37.48
N ARG A 329 28.52 10.72 38.58
CA ARG A 329 27.67 10.45 39.93
C ARG A 329 26.17 10.89 39.71
N ASP A 330 25.68 10.60 38.49
CA ASP A 330 24.33 10.48 38.17
C ASP A 330 23.91 9.13 38.57
N PHE A 331 24.76 8.29 39.22
CA PHE A 331 24.43 7.09 40.07
C PHE A 331 23.85 7.16 41.37
N ILE A 332 24.36 8.09 42.15
CA ILE A 332 23.66 8.29 43.45
C ILE A 332 22.15 8.89 43.41
N ARG A 333 21.85 9.44 42.26
CA ARG A 333 20.55 10.19 42.01
C ARG A 333 20.13 9.33 40.79
N GLU A 334 19.06 8.46 40.95
CA GLU A 334 18.63 7.52 39.81
C GLU A 334 19.10 6.00 40.00
N PHE A 335 18.04 5.11 40.10
CA PHE A 335 18.02 3.80 40.56
C PHE A 335 18.20 3.01 39.29
N THR A 336 17.61 3.21 38.13
CA THR A 336 18.03 2.23 37.07
C THR A 336 18.11 2.81 35.80
N LYS A 337 18.26 2.06 34.71
CA LYS A 337 18.55 2.70 33.51
C LYS A 337 18.32 1.70 32.39
N LEU A 338 17.32 1.82 31.53
CA LEU A 338 16.85 0.84 30.60
C LEU A 338 17.26 1.43 29.25
N GLU A 339 17.94 0.76 28.40
CA GLU A 339 18.12 1.27 27.15
C GLU A 339 17.43 0.67 26.04
N ILE A 340 16.88 1.34 24.98
CA ILE A 340 16.20 0.56 23.96
C ILE A 340 17.01 0.88 22.80
N CYS A 341 17.93 0.05 22.47
CA CYS A 341 18.51 -0.03 21.23
C CYS A 341 17.49 -0.53 19.95
N ASN A 342 17.42 0.43 18.92
CA ASN A 342 16.87 0.33 17.55
C ASN A 342 17.55 -0.56 16.54
N LEU A 343 16.72 -1.18 15.76
CA LEU A 343 16.96 -1.80 14.56
C LEU A 343 17.41 -0.75 13.52
N THR A 344 18.37 -1.06 12.76
CA THR A 344 18.67 -0.23 11.74
C THR A 344 17.61 0.64 11.14
N PRO A 345 16.46 0.28 10.44
CA PRO A 345 15.43 1.26 9.91
C PRO A 345 14.73 2.14 10.89
N LEU A 348 15.37 4.70 12.30
CA LEU A 348 16.08 5.95 11.96
C LEU A 348 17.07 6.01 10.83
N LYS A 349 17.02 4.95 10.00
CA LYS A 349 17.80 4.82 8.68
C LYS A 349 18.09 6.09 8.16
N SER A 350 19.29 6.57 8.56
CA SER A 350 19.71 7.87 7.94
C SER A 350 20.85 7.85 8.60
N ARG A 351 21.91 8.21 7.86
CA ARG A 351 23.38 8.18 8.13
C ARG A 351 23.55 9.17 9.24
N THR A 352 22.63 8.89 10.23
CA THR A 352 22.64 9.20 11.73
C THR A 352 23.34 8.22 12.76
N LEU A 353 24.66 8.27 12.68
CA LEU A 353 25.67 7.92 13.75
C LEU A 353 26.28 6.57 13.21
N ARG A 354 26.12 5.60 14.14
CA ARG A 354 26.28 4.25 13.79
C ARG A 354 24.98 3.35 13.87
N ASN A 355 25.11 2.21 13.27
CA ASN A 355 24.01 1.32 12.80
C ASN A 355 23.76 0.37 14.07
N TRP A 356 23.86 -0.88 13.99
CA TRP A 356 23.59 -1.83 15.12
C TRP A 356 23.37 -3.01 14.17
N ASN A 357 24.35 -3.80 13.89
CA ASN A 357 23.86 -4.95 13.09
C ASN A 357 22.80 -5.97 13.65
N THR A 358 21.86 -6.46 12.86
CA THR A 358 20.70 -7.23 13.38
C THR A 358 20.35 -8.67 12.62
N THR A 359 19.61 -9.62 13.28
CA THR A 359 19.24 -10.84 12.89
C THR A 359 18.42 -11.46 14.01
N PHE A 360 17.33 -12.14 13.53
CA PHE A 360 16.26 -12.64 14.36
C PHE A 360 15.89 -13.96 13.93
N TYR A 361 15.38 -14.75 14.88
CA TYR A 361 15.01 -16.21 14.50
C TYR A 361 13.89 -16.54 15.26
N GLU A 362 12.92 -16.96 14.48
CA GLU A 362 11.61 -17.41 15.22
C GLU A 362 11.78 -18.94 15.66
N GLY A 363 11.40 -19.41 16.85
CA GLY A 363 11.64 -20.84 17.16
C GLY A 363 10.57 -21.32 18.09
N THR A 364 10.57 -22.60 18.21
CA THR A 364 9.63 -23.23 19.12
C THR A 364 10.30 -24.41 20.09
N TRP A 365 9.49 -24.82 21.11
CA TRP A 365 9.86 -25.89 21.97
C TRP A 365 8.59 -26.64 22.08
N ARG A 366 8.70 -27.87 21.63
CA ARG A 366 7.53 -28.99 21.81
C ARG A 366 7.85 -30.31 22.74
N ARG A 367 6.86 -30.65 23.38
CA ARG A 367 6.93 -31.82 24.03
C ARG A 367 7.54 -32.93 23.28
N GLY A 368 8.61 -33.55 23.81
CA GLY A 368 9.14 -34.78 23.26
C GLY A 368 9.86 -34.69 22.06
N SER A 369 10.16 -33.48 21.67
CA SER A 369 11.24 -33.29 20.63
C SER A 369 12.38 -32.23 20.75
N THR A 370 11.97 -30.98 21.08
CA THR A 370 12.97 -29.84 21.02
C THR A 370 13.08 -29.20 22.39
N ALA A 371 12.08 -29.30 23.29
CA ALA A 371 11.93 -28.88 24.59
C ALA A 371 12.73 -29.72 25.53
N GLY A 372 13.92 -29.37 25.53
CA GLY A 372 14.90 -30.14 26.29
C GLY A 372 15.15 -29.83 27.74
N GLY A 373 14.81 -28.62 27.98
CA GLY A 373 15.38 -28.08 29.15
C GLY A 373 16.71 -27.36 29.00
N CYS A 374 17.23 -26.80 30.18
CA CYS A 374 18.56 -26.33 30.22
C CYS A 374 19.72 -27.34 30.42
N ARG A 375 20.90 -26.86 30.49
CA ARG A 375 21.98 -27.71 30.72
C ARG A 375 21.86 -28.53 31.98
N ASN A 376 21.18 -28.20 32.93
CA ASN A 376 21.33 -28.91 34.00
C ASN A 376 20.47 -30.27 33.82
N TYR A 377 19.82 -30.51 32.64
CA TYR A 377 19.06 -31.74 32.20
C TYR A 377 19.80 -32.24 31.09
N PRO A 378 20.96 -32.88 31.27
CA PRO A 378 21.81 -33.21 30.10
C PRO A 378 21.11 -34.27 29.27
N ALA A 379 20.14 -35.06 29.88
CA ALA A 379 19.59 -36.07 29.07
C ALA A 379 18.86 -35.42 27.78
N THR A 380 18.25 -34.16 27.91
CA THR A 380 17.66 -33.48 26.94
C THR A 380 18.29 -32.20 26.42
N PHE A 381 18.81 -31.38 27.28
CA PHE A 381 19.41 -30.08 26.86
C PHE A 381 19.78 -30.00 25.52
N TRP A 382 20.33 -31.10 24.97
CA TRP A 382 20.70 -31.06 23.52
C TRP A 382 19.58 -31.09 22.37
N VAL A 383 18.34 -31.33 22.75
CA VAL A 383 17.30 -31.28 21.69
C VAL A 383 16.76 -29.95 21.45
N ASN A 384 17.22 -28.91 22.12
CA ASN A 384 16.74 -27.55 22.00
C ASN A 384 17.46 -27.14 20.70
N PRO A 385 16.93 -26.16 20.08
CA PRO A 385 17.47 -25.88 18.86
C PRO A 385 18.61 -25.16 19.12
N GLN A 386 19.36 -25.00 18.10
CA GLN A 386 20.67 -24.33 17.97
C GLN A 386 20.83 -23.18 16.92
N PHE A 387 21.86 -22.32 16.93
CA PHE A 387 21.89 -21.10 16.29
C PHE A 387 23.37 -20.71 16.40
N LYS A 388 24.08 -20.59 15.32
CA LYS A 388 25.42 -20.26 15.41
C LYS A 388 25.75 -18.71 15.25
N ILE A 389 26.75 -18.26 16.03
CA ILE A 389 27.20 -16.84 15.99
C ILE A 389 28.58 -16.76 15.67
N ARG A 390 28.92 -15.95 14.75
CA ARG A 390 30.22 -15.89 14.33
C ARG A 390 30.91 -14.39 14.60
N LEU A 391 31.76 -14.22 15.58
CA LEU A 391 32.28 -12.89 15.97
C LEU A 391 33.65 -12.77 15.35
N GLU A 392 33.76 -11.75 14.47
CA GLU A 392 34.96 -11.52 13.72
C GLU A 392 35.81 -10.23 14.26
N GLU A 393 35.32 -9.07 13.82
CA GLU A 393 36.08 -7.95 14.19
C GLU A 393 35.67 -7.74 15.64
N VAL A 394 36.65 -7.24 16.37
CA VAL A 394 36.44 -6.77 17.72
C VAL A 394 36.08 -5.30 18.04
N ASP A 395 35.48 -5.08 19.19
CA ASP A 395 35.01 -3.75 19.64
C ASP A 395 36.04 -2.65 19.59
N ASP A 396 35.56 -1.44 19.71
CA ASP A 396 36.51 -0.38 19.66
C ASP A 396 36.89 -0.24 21.16
N SER A 402 40.83 -1.35 29.79
CA SER A 402 40.47 -2.26 28.60
C SER A 402 40.27 -3.77 29.05
N ARG A 403 38.98 -4.28 28.85
CA ARG A 403 38.46 -5.68 28.52
C ARG A 403 39.09 -6.46 27.26
N GLU A 404 40.22 -5.95 26.71
CA GLU A 404 41.27 -6.70 25.88
C GLU A 404 40.80 -6.72 24.44
N SER A 405 40.28 -7.84 23.85
CA SER A 405 39.65 -7.69 22.49
C SER A 405 38.09 -7.95 22.40
N GLY A 406 37.44 -6.89 21.88
CA GLY A 406 36.02 -6.86 21.54
C GLY A 406 35.20 -8.12 21.26
N CYS A 407 34.50 -8.11 20.18
CA CYS A 407 33.64 -9.10 19.72
C CYS A 407 32.76 -9.15 20.83
N SER A 408 31.80 -8.21 20.76
CA SER A 408 30.63 -8.13 21.63
C SER A 408 29.25 -7.91 21.03
N PHE A 409 28.24 -8.36 21.79
CA PHE A 409 26.91 -8.42 21.26
C PHE A 409 25.90 -8.56 22.32
N LEU A 410 24.70 -8.16 22.04
CA LEU A 410 23.55 -8.44 22.84
C LEU A 410 22.71 -9.67 22.31
N LEU A 411 22.14 -10.48 23.27
CA LEU A 411 21.48 -11.72 22.90
C LEU A 411 20.17 -11.65 23.57
N ALA A 412 19.01 -11.86 22.90
CA ALA A 412 17.80 -11.59 23.55
C ALA A 412 16.96 -12.53 23.08
N LEU A 413 16.12 -12.98 24.02
CA LEU A 413 15.40 -14.24 23.80
C LEU A 413 14.00 -14.03 24.39
N MET A 414 12.90 -13.82 23.56
CA MET A 414 11.58 -13.48 24.05
C MET A 414 10.74 -14.74 23.92
N GLN A 415 9.75 -14.86 24.76
CA GLN A 415 8.66 -16.06 24.58
C GLN A 415 7.34 -15.54 24.13
N LYS A 416 6.87 -15.89 23.02
CA LYS A 416 5.78 -15.24 22.44
C LYS A 416 4.66 -15.42 23.28
N ASP A 427 1.56 -15.86 33.03
CA ASP A 427 1.87 -17.34 33.59
C ASP A 427 2.66 -18.13 32.55
N MET A 428 3.78 -17.50 32.26
CA MET A 428 4.54 -17.87 31.14
C MET A 428 5.70 -18.69 31.82
N GLU A 429 6.65 -19.11 30.98
CA GLU A 429 7.56 -19.99 31.32
C GLU A 429 8.94 -19.31 31.82
N THR A 430 9.70 -20.06 32.60
CA THR A 430 11.09 -19.54 33.01
C THR A 430 12.02 -19.84 31.84
N ILE A 431 12.63 -18.84 31.31
CA ILE A 431 13.62 -19.00 30.15
C ILE A 431 14.91 -18.30 30.33
N GLY A 432 15.80 -18.77 29.49
CA GLY A 432 17.16 -18.34 29.80
C GLY A 432 17.96 -18.83 28.70
N PHE A 433 19.27 -18.76 28.67
CA PHE A 433 19.99 -19.42 27.47
C PHE A 433 21.43 -19.69 27.83
N ALA A 434 22.14 -20.35 26.89
CA ALA A 434 23.53 -20.40 27.03
C ALA A 434 24.36 -20.65 25.94
N VAL A 435 25.63 -20.30 25.90
CA VAL A 435 26.38 -20.20 24.60
C VAL A 435 27.76 -20.81 24.69
N TYR A 436 28.01 -21.70 23.73
CA TYR A 436 29.19 -22.60 23.75
C TYR A 436 29.89 -22.37 22.43
N GLN A 437 31.13 -22.91 22.39
CA GLN A 437 31.94 -22.38 21.46
C GLN A 437 32.16 -23.51 20.38
N VAL A 438 31.98 -23.17 19.02
CA VAL A 438 32.09 -24.34 18.05
C VAL A 438 33.48 -25.10 18.05
N PRO A 439 33.57 -26.41 17.91
CA PRO A 439 34.94 -27.00 17.87
C PRO A 439 35.88 -26.63 16.64
N ARG A 440 35.35 -26.70 15.46
CA ARG A 440 36.15 -26.14 14.43
C ARG A 440 35.15 -26.12 13.21
N GLU A 441 34.01 -27.04 13.34
CA GLU A 441 32.93 -27.32 12.32
C GLU A 441 32.47 -25.99 11.83
N LEU A 442 32.92 -25.54 10.63
CA LEU A 442 32.49 -24.20 10.07
C LEU A 442 31.24 -24.27 9.19
N VAL A 447 26.77 -31.19 12.35
CA VAL A 447 25.82 -29.88 12.22
C VAL A 447 24.60 -30.20 13.07
N HIS A 448 23.91 -29.38 13.74
CA HIS A 448 23.14 -30.20 14.95
C HIS A 448 23.84 -30.96 16.07
N LEU A 449 24.50 -30.33 17.09
CA LEU A 449 25.37 -30.90 18.13
C LEU A 449 24.52 -31.87 18.89
N LYS A 450 25.04 -33.10 19.08
CA LYS A 450 24.46 -34.09 19.89
C LYS A 450 24.82 -34.05 21.20
N ARG A 451 24.32 -35.03 21.96
CA ARG A 451 24.34 -34.94 23.49
C ARG A 451 25.84 -34.91 23.93
N ASP A 452 26.69 -35.39 22.95
CA ASP A 452 28.12 -35.71 23.37
C ASP A 452 28.83 -34.51 23.74
N PHE A 453 28.56 -33.63 22.84
CA PHE A 453 29.17 -32.26 22.80
C PHE A 453 29.08 -31.43 24.04
N PHE A 454 27.88 -31.48 24.63
CA PHE A 454 27.63 -30.63 25.81
C PHE A 454 28.08 -31.24 27.14
N LEU A 455 28.13 -32.64 27.22
CA LEU A 455 28.66 -33.27 28.42
C LEU A 455 30.14 -33.13 28.32
N ALA A 456 30.70 -32.36 27.35
CA ALA A 456 32.10 -32.60 27.02
C ALA A 456 32.81 -31.27 26.97
N ASN A 457 32.09 -30.20 26.58
CA ASN A 457 32.68 -28.83 26.49
C ASN A 457 32.10 -27.83 27.56
N ALA A 458 32.69 -26.59 27.59
CA ALA A 458 32.17 -25.64 28.65
C ALA A 458 31.47 -24.43 28.06
N SER A 459 30.63 -23.90 28.87
CA SER A 459 29.67 -22.89 28.61
C SER A 459 30.44 -21.78 28.75
N ARG A 460 30.44 -20.98 27.80
CA ARG A 460 31.14 -19.67 27.80
C ARG A 460 30.19 -18.69 27.56
N ALA A 461 30.02 -17.72 28.29
CA ALA A 461 28.65 -16.83 28.27
C ALA A 461 27.43 -17.52 28.60
N GLN A 462 26.60 -16.92 29.48
CA GLN A 462 25.20 -17.37 29.51
C GLN A 462 24.13 -16.39 30.01
N SER A 463 22.87 -16.43 29.79
CA SER A 463 22.16 -15.48 30.50
C SER A 463 22.36 -15.42 31.98
N GLU A 464 22.44 -14.29 32.61
CA GLU A 464 22.53 -14.08 34.13
C GLU A 464 21.26 -14.64 34.45
N HIS A 465 21.14 -15.59 35.30
CA HIS A 465 19.68 -16.18 35.52
C HIS A 465 18.85 -16.49 34.41
N PHE A 466 17.93 -17.39 34.81
CA PHE A 466 16.81 -17.82 34.09
C PHE A 466 15.75 -17.18 34.76
N ILE A 467 14.79 -16.73 34.01
CA ILE A 467 13.61 -16.07 34.57
C ILE A 467 12.23 -16.32 34.07
N ASN A 468 11.24 -15.89 34.97
CA ASN A 468 9.72 -16.00 34.75
C ASN A 468 9.24 -14.69 34.16
N LEU A 469 9.76 -14.30 32.93
CA LEU A 469 9.22 -13.13 32.24
C LEU A 469 9.57 -12.95 30.83
N ARG A 470 8.64 -12.34 30.07
CA ARG A 470 8.90 -12.05 28.66
C ARG A 470 10.22 -11.68 28.36
N GLU A 471 10.79 -12.32 27.40
CA GLU A 471 12.31 -11.76 27.07
C GLU A 471 13.30 -11.50 28.15
N VAL A 472 14.39 -12.22 28.08
CA VAL A 472 15.66 -12.19 28.88
C VAL A 472 16.79 -12.01 27.99
N SER A 473 17.64 -11.04 28.37
CA SER A 473 18.82 -10.59 27.45
C SER A 473 20.03 -10.32 28.19
N ASN A 474 21.20 -10.51 27.59
CA ASN A 474 22.28 -10.00 28.18
C ASN A 474 23.41 -9.41 27.28
N ARG A 475 24.25 -8.47 27.74
CA ARG A 475 25.43 -8.06 26.88
C ARG A 475 26.51 -9.04 27.04
N ILE A 476 27.22 -9.40 25.98
CA ILE A 476 28.16 -10.45 26.11
C ILE A 476 29.36 -10.20 25.28
N ARG A 477 30.55 -10.48 25.82
CA ARG A 477 31.82 -10.14 25.22
C ARG A 477 32.63 -11.33 25.25
N LEU A 478 33.17 -11.62 24.00
CA LEU A 478 33.83 -12.94 23.65
C LEU A 478 34.79 -12.75 22.55
N PRO A 479 35.89 -13.50 22.60
CA PRO A 479 36.82 -13.43 21.53
C PRO A 479 36.36 -13.84 20.32
N PRO A 480 37.03 -13.35 19.39
CA PRO A 480 36.70 -13.79 18.02
C PRO A 480 36.54 -15.22 17.81
N GLY A 481 35.42 -15.75 17.57
CA GLY A 481 35.39 -17.18 17.34
C GLY A 481 34.05 -17.61 16.66
N GLU A 482 33.73 -18.89 16.31
CA GLU A 482 32.38 -19.37 15.92
C GLU A 482 31.71 -19.92 17.09
N TYR A 483 30.64 -19.31 17.64
CA TYR A 483 30.00 -19.81 18.80
C TYR A 483 28.62 -20.31 18.42
N ILE A 484 28.09 -21.22 19.25
CA ILE A 484 26.79 -21.87 19.12
C ILE A 484 25.93 -21.29 20.28
N VAL A 485 24.60 -21.05 20.07
CA VAL A 485 23.79 -20.50 21.04
C VAL A 485 22.52 -21.25 21.28
N VAL A 486 22.19 -21.58 22.53
CA VAL A 486 21.22 -22.56 22.85
C VAL A 486 20.25 -21.92 23.79
N PRO A 487 18.97 -21.51 23.34
CA PRO A 487 17.92 -21.04 24.07
C PRO A 487 17.02 -22.12 24.60
N SER A 488 16.37 -21.86 25.71
CA SER A 488 15.41 -22.84 26.05
C SER A 488 14.69 -22.35 27.34
N THR A 489 13.85 -23.23 27.95
CA THR A 489 13.25 -23.02 29.23
C THR A 489 14.20 -23.71 30.31
N PHE A 490 13.96 -23.50 31.57
CA PHE A 490 14.71 -24.11 32.54
C PHE A 490 14.48 -25.64 32.67
N GLU A 491 13.25 -26.08 33.04
CA GLU A 491 12.75 -27.45 32.86
C GLU A 491 12.29 -27.88 31.42
N PRO A 492 12.43 -29.09 31.15
CA PRO A 492 11.72 -29.57 30.09
C PRO A 492 10.41 -30.04 30.27
N ASN A 493 10.02 -30.30 29.04
CA ASN A 493 8.77 -30.38 28.40
C ASN A 493 7.86 -29.21 28.56
N LYS A 494 8.33 -28.03 28.38
CA LYS A 494 7.48 -26.78 28.41
C LYS A 494 7.36 -26.19 27.02
N GLU A 495 6.21 -26.13 26.38
CA GLU A 495 6.15 -25.85 25.00
C GLU A 495 5.93 -24.30 24.78
N GLY A 496 6.38 -23.74 23.69
CA GLY A 496 6.64 -22.34 23.66
C GLY A 496 6.93 -21.90 22.30
N ASP A 497 6.72 -20.59 22.02
CA ASP A 497 7.45 -19.99 20.83
C ASP A 497 8.29 -18.87 21.30
N PHE A 498 9.42 -18.74 20.61
CA PHE A 498 10.29 -17.66 20.91
C PHE A 498 10.89 -16.96 19.74
N LEU A 499 11.32 -15.76 19.96
CA LEU A 499 12.21 -14.92 19.01
C LEU A 499 13.58 -14.68 19.55
N LEU A 500 14.68 -15.15 18.99
CA LEU A 500 15.97 -14.91 19.70
C LEU A 500 16.40 -13.85 18.79
N ARG A 501 17.16 -12.93 19.39
CA ARG A 501 17.73 -11.85 18.62
C ARG A 501 19.19 -11.55 18.75
N PHE A 502 19.93 -11.16 17.71
CA PHE A 502 21.29 -10.67 18.03
C PHE A 502 21.68 -9.24 17.66
N PHE A 503 22.14 -8.33 18.50
CA PHE A 503 22.58 -7.00 18.10
C PHE A 503 23.98 -6.76 18.59
N SER A 504 24.78 -6.37 17.64
CA SER A 504 26.21 -6.16 17.93
C SER A 504 26.75 -4.84 17.55
N GLU A 505 27.84 -4.41 18.09
CA GLU A 505 28.41 -3.22 17.43
C GLU A 505 29.08 -3.39 16.18
N LYS A 506 29.52 -4.63 15.77
CA LYS A 506 30.25 -4.88 14.57
C LYS A 506 29.63 -6.10 13.79
N LYS A 507 29.90 -6.25 12.44
CA LYS A 507 29.13 -7.23 11.77
C LYS A 507 29.41 -8.61 12.32
N ALA A 508 28.33 -9.38 12.46
CA ALA A 508 28.42 -10.75 12.99
C ALA A 508 27.63 -11.68 12.20
N GLY A 509 28.17 -12.76 11.65
CA GLY A 509 27.23 -13.75 11.04
C GLY A 509 26.39 -14.50 11.95
N THR A 510 25.15 -14.71 11.56
CA THR A 510 24.17 -15.55 12.36
C THR A 510 23.24 -16.43 11.47
N GLN A 511 22.85 -17.60 11.93
CA GLN A 511 22.22 -18.59 11.20
C GLN A 511 21.54 -19.66 12.16
N GLU A 512 20.83 -20.60 11.62
CA GLU A 512 20.23 -21.72 12.37
C GLU A 512 21.29 -22.82 12.30
N LEU A 513 21.22 -23.61 13.41
CA LEU A 513 22.14 -24.70 13.57
C LEU A 513 21.35 -25.93 13.64
N ASP A 514 21.27 -26.48 12.45
CA ASP A 514 20.55 -27.73 12.38
C ASP A 514 21.03 -28.62 11.23
N ASP A 515 20.47 -29.82 11.13
CA ASP A 515 20.87 -30.86 10.19
C ASP A 515 20.19 -30.63 8.90
N GLN A 516 20.80 -30.98 7.67
CA GLN A 516 20.17 -31.06 6.21
C GLN A 516 19.35 -32.17 5.93
N ILE A 517 18.23 -31.91 5.27
CA ILE A 517 17.34 -33.06 5.01
C ILE A 517 18.19 -34.31 4.26
N GLN A 518 18.55 -35.28 5.04
CA GLN A 518 19.28 -36.35 4.52
C GLN A 518 18.40 -37.78 4.55
N ALA A 519 18.65 -38.65 3.58
CA ALA A 519 17.98 -39.92 3.38
C ALA A 519 18.93 -40.72 2.59
N ASN A 520 19.47 -41.80 3.25
CA ASN A 520 20.28 -42.83 2.46
C ASN A 520 19.65 -43.95 1.43
N LEU A 521 20.38 -44.20 0.26
CA LEU A 521 19.91 -45.03 -0.94
C LEU A 521 18.93 -44.10 -1.84
N PRO A 522 19.28 -42.80 -2.13
CA PRO A 522 18.46 -41.89 -3.05
C PRO A 522 17.30 -42.24 -4.00
N SER A 541 8.64 -69.37 3.88
CA SER A 541 7.60 -68.33 3.32
C SER A 541 6.27 -68.90 3.04
N LYS A 542 5.16 -68.62 3.74
CA LYS A 542 3.88 -69.35 3.18
C LYS A 542 2.85 -68.26 2.79
N LEU A 543 3.06 -67.67 1.58
CA LEU A 543 2.33 -66.47 1.04
C LEU A 543 0.76 -66.50 1.19
N ALA A 544 0.23 -67.78 1.50
CA ALA A 544 -1.19 -68.13 1.69
C ALA A 544 -1.90 -67.10 0.76
N GLY A 545 -1.46 -67.09 -0.56
CA GLY A 545 -2.10 -66.49 -1.78
C GLY A 545 -3.63 -66.90 -2.00
N ASP A 546 -4.52 -65.90 -2.39
CA ASP A 546 -5.96 -66.16 -2.74
C ASP A 546 -6.12 -66.44 -4.27
N ASP A 547 -5.09 -66.04 -5.12
CA ASP A 547 -4.61 -66.80 -6.38
C ASP A 547 -3.26 -66.27 -6.80
N MET A 548 -2.49 -67.10 -7.53
CA MET A 548 -1.05 -66.83 -7.81
C MET A 548 -0.33 -65.75 -6.90
N GLU A 549 0.15 -64.67 -7.52
CA GLU A 549 1.34 -63.88 -7.05
C GLU A 549 1.23 -62.87 -5.85
N ILE A 550 0.44 -61.82 -6.11
CA ILE A 550 -0.71 -61.46 -5.18
C ILE A 550 -0.71 -61.98 -3.56
N SER A 551 -0.84 -60.95 -2.63
CA SER A 551 -1.10 -60.78 -1.14
C SER A 551 -1.38 -59.26 -1.08
N VAL A 552 -2.61 -58.83 -1.38
CA VAL A 552 -3.32 -57.73 -0.69
C VAL A 552 -2.66 -57.49 0.61
N LYS A 553 -3.39 -56.79 1.49
CA LYS A 553 -2.85 -56.28 2.78
C LYS A 553 -3.29 -57.38 3.69
N GLU A 554 -3.80 -57.04 4.85
CA GLU A 554 -4.32 -58.20 5.68
C GLU A 554 -3.04 -58.95 6.09
N LEU A 555 -1.87 -58.29 5.76
CA LEU A 555 -0.44 -58.75 5.96
C LEU A 555 -0.14 -58.76 7.47
N GLN A 556 -1.03 -58.02 8.15
CA GLN A 556 -1.27 -58.00 9.55
C GLN A 556 -1.64 -59.32 10.18
N THR A 557 -2.14 -60.29 9.34
CA THR A 557 -2.07 -61.78 9.69
C THR A 557 -0.60 -62.24 9.86
N ILE A 558 -0.04 -62.42 8.65
CA ILE A 558 1.28 -63.00 8.58
C ILE A 558 2.32 -62.28 9.54
N LEU A 559 2.67 -60.97 9.32
CA LEU A 559 3.61 -60.34 10.20
C LEU A 559 3.08 -60.37 11.68
N ASN A 560 2.03 -61.06 12.11
CA ASN A 560 2.20 -61.67 13.48
C ASN A 560 2.38 -63.28 13.56
N ARG A 570 1.64 -61.27 24.21
CA ARG A 570 2.83 -60.61 24.72
C ARG A 570 2.31 -59.23 24.43
N THR A 571 2.09 -59.08 23.14
CA THR A 571 2.25 -57.77 22.37
C THR A 571 1.49 -57.72 20.96
N ASN A 572 1.30 -56.44 20.61
CA ASN A 572 0.52 -55.93 19.51
C ASN A 572 1.35 -56.11 18.22
N GLY A 573 0.78 -56.41 17.06
CA GLY A 573 1.64 -56.03 15.89
C GLY A 573 1.06 -55.45 14.66
N PHE A 574 1.95 -54.99 13.92
CA PHE A 574 1.60 -54.19 12.81
C PHE A 574 0.07 -53.57 12.85
N SER A 575 -0.46 -53.07 11.73
CA SER A 575 -1.82 -52.53 11.69
C SER A 575 -1.92 -51.91 10.32
N LEU A 576 -3.14 -52.04 9.75
CA LEU A 576 -3.48 -52.06 8.34
C LEU A 576 -2.87 -50.74 7.81
N GLU A 577 -2.60 -49.73 8.71
CA GLU A 577 -2.16 -48.46 8.19
C GLU A 577 -0.70 -48.63 7.95
N SER A 578 0.02 -49.36 8.88
CA SER A 578 1.55 -49.62 8.66
C SER A 578 1.66 -50.49 7.41
N CYS A 579 0.87 -51.50 7.64
CA CYS A 579 0.45 -52.43 6.54
C CYS A 579 0.18 -51.82 5.08
N ARG A 580 -0.72 -50.93 5.10
CA ARG A 580 -0.88 -50.35 3.95
C ARG A 580 0.30 -49.46 3.53
N SER A 581 0.92 -48.69 4.41
CA SER A 581 2.05 -48.01 3.90
C SER A 581 3.19 -48.94 3.36
N MET A 582 3.36 -50.13 4.05
CA MET A 582 4.52 -50.95 3.64
C MET A 582 4.17 -51.57 2.39
N VAL A 583 2.80 -51.76 2.31
CA VAL A 583 2.10 -52.32 1.07
C VAL A 583 2.26 -51.46 -0.13
N ASN A 584 2.58 -50.23 0.18
CA ASN A 584 2.53 -49.14 -0.81
C ASN A 584 3.97 -48.95 -1.44
N LEU A 585 4.97 -48.81 -0.49
CA LEU A 585 6.39 -48.89 -0.88
C LEU A 585 6.63 -50.01 -1.82
N MET A 586 6.06 -51.14 -1.53
CA MET A 586 5.89 -52.18 -2.51
C MET A 586 5.98 -51.78 -4.06
N ASP A 587 4.81 -51.47 -4.64
CA ASP A 587 4.81 -50.78 -5.99
C ASP A 587 3.48 -50.29 -6.52
N ARG A 588 3.58 -49.29 -7.45
CA ARG A 588 2.45 -48.38 -7.92
C ARG A 588 2.29 -48.52 -9.47
N ASN A 591 -3.74 -51.77 -7.61
CA ASN A 591 -4.37 -53.04 -7.22
C ASN A 591 -3.92 -52.74 -5.75
N GLY A 592 -2.90 -53.40 -5.26
CA GLY A 592 -2.81 -53.53 -3.83
C GLY A 592 -2.26 -54.88 -3.35
N LYS A 593 -1.36 -55.46 -4.07
CA LYS A 593 -1.09 -56.72 -3.64
C LYS A 593 0.32 -56.91 -3.96
N LEU A 594 0.99 -57.72 -3.10
CA LEU A 594 2.44 -57.60 -2.68
C LEU A 594 3.05 -58.62 -3.37
N GLY A 595 2.70 -59.75 -2.81
CA GLY A 595 3.17 -61.04 -3.29
C GLY A 595 4.15 -61.65 -2.30
N LEU A 596 4.58 -62.98 -2.50
CA LEU A 596 5.78 -63.70 -1.78
C LEU A 596 7.32 -63.59 -2.28
N VAL A 597 7.69 -62.59 -3.06
CA VAL A 597 9.02 -62.53 -3.67
C VAL A 597 9.70 -61.20 -3.36
N GLU A 598 8.85 -60.27 -2.89
CA GLU A 598 9.26 -58.92 -2.68
C GLU A 598 8.62 -58.63 -1.41
N PHE A 599 7.79 -59.45 -0.85
CA PHE A 599 7.71 -59.50 0.61
C PHE A 599 9.06 -60.06 1.31
N ASN A 600 10.02 -60.38 0.46
CA ASN A 600 11.39 -60.51 0.90
C ASN A 600 12.20 -59.11 1.19
N ILE A 601 12.25 -58.27 0.16
CA ILE A 601 13.01 -56.90 0.08
C ILE A 601 12.55 -56.17 1.24
N LEU A 602 11.26 -56.63 1.66
CA LEU A 602 10.43 -56.00 2.72
C LEU A 602 10.79 -56.56 4.08
N TRP A 603 10.77 -57.82 4.11
CA TRP A 603 10.93 -58.54 5.38
C TRP A 603 11.95 -57.94 6.16
N ASN A 604 13.13 -57.89 5.57
CA ASN A 604 14.34 -57.44 6.28
C ASN A 604 14.17 -55.97 6.68
N ARG A 605 13.65 -55.14 5.73
CA ARG A 605 13.29 -53.78 6.01
C ARG A 605 12.90 -53.79 7.43
N ILE A 606 11.81 -54.57 7.66
CA ILE A 606 11.35 -54.73 9.02
C ILE A 606 12.54 -55.13 9.91
N ARG A 607 12.98 -56.35 9.96
CA ARG A 607 14.00 -56.84 10.95
C ARG A 607 15.23 -55.93 11.35
N ASN A 608 15.57 -55.19 10.35
CA ASN A 608 16.50 -54.06 10.34
C ASN A 608 15.90 -52.99 11.21
N TYR A 609 14.80 -52.59 10.93
CA TYR A 609 14.19 -51.64 11.74
C TYR A 609 14.13 -52.17 13.14
N LEU A 610 13.68 -53.35 13.18
CA LEU A 610 13.64 -54.11 14.42
C LEU A 610 15.05 -54.10 15.18
N THR A 611 16.14 -54.03 14.45
CA THR A 611 17.42 -53.99 15.10
C THR A 611 17.86 -52.77 15.66
N ILE A 612 17.04 -51.79 15.26
CA ILE A 612 17.08 -50.42 15.78
C ILE A 612 16.34 -50.14 17.04
N PHE A 613 15.05 -50.22 16.98
CA PHE A 613 14.11 -49.90 18.11
C PHE A 613 14.76 -50.61 19.29
N ARG A 614 15.26 -51.86 19.14
CA ARG A 614 15.94 -52.52 20.31
C ARG A 614 17.06 -51.74 20.96
N LYS A 615 18.03 -51.17 20.18
CA LYS A 615 19.09 -50.35 20.61
C LYS A 615 18.61 -49.28 21.52
N PHE A 616 17.45 -48.80 21.31
CA PHE A 616 16.90 -47.81 22.33
C PHE A 616 15.86 -48.38 23.30
N ASP A 617 15.73 -49.71 23.17
CA ASP A 617 14.77 -50.45 23.98
C ASP A 617 15.45 -51.56 24.92
N LEU A 618 16.70 -51.34 25.39
CA LEU A 618 17.27 -52.14 26.54
C LEU A 618 16.29 -52.97 27.37
N ASP A 619 15.40 -52.14 27.90
CA ASP A 619 14.51 -52.47 28.87
C ASP A 619 13.23 -53.11 28.16
N LYS A 620 13.51 -53.94 27.24
CA LYS A 620 12.41 -54.44 26.51
C LYS A 620 10.97 -53.89 27.00
N SER A 621 10.60 -52.73 26.52
CA SER A 621 9.41 -52.08 27.13
C SER A 621 8.40 -52.05 26.01
N GLY A 622 8.82 -52.17 24.78
CA GLY A 622 7.82 -51.82 23.82
C GLY A 622 8.01 -50.37 23.31
N SER A 623 8.30 -49.53 24.27
CA SER A 623 8.22 -48.19 24.16
C SER A 623 9.63 -47.82 23.77
N MET A 624 10.20 -46.63 24.01
CA MET A 624 11.08 -45.76 23.11
C MET A 624 10.59 -44.30 23.34
N SER A 625 11.35 -43.50 24.09
CA SER A 625 11.09 -41.97 24.30
C SER A 625 11.14 -41.17 23.08
N ALA A 626 10.05 -40.63 22.68
CA ALA A 626 10.21 -39.65 21.76
C ALA A 626 11.57 -38.85 21.60
N TYR A 627 12.04 -38.15 22.65
CA TYR A 627 13.33 -37.64 22.67
C TYR A 627 14.49 -38.29 22.02
N GLU A 628 14.38 -39.49 21.63
CA GLU A 628 15.42 -40.11 21.09
C GLU A 628 15.15 -40.61 19.66
N MET A 629 13.85 -40.51 19.34
CA MET A 629 13.55 -40.84 17.99
C MET A 629 14.70 -40.18 17.10
N ARG A 630 15.10 -39.00 17.46
CA ARG A 630 15.81 -38.11 16.48
C ARG A 630 16.91 -39.03 16.16
N MET A 631 17.40 -39.84 17.14
CA MET A 631 18.69 -40.52 16.84
C MET A 631 18.39 -41.83 16.12
N ALA A 632 17.44 -42.64 16.69
CA ALA A 632 16.83 -43.65 15.81
C ALA A 632 16.70 -43.26 14.32
N ILE A 633 16.27 -42.02 14.05
CA ILE A 633 15.77 -41.84 12.68
C ILE A 633 16.93 -41.94 11.80
N GLU A 634 18.01 -41.54 12.47
CA GLU A 634 19.27 -41.21 11.83
C GLU A 634 20.06 -42.49 11.59
N ALA A 635 19.95 -43.45 12.52
CA ALA A 635 20.34 -45.02 12.49
C ALA A 635 19.82 -45.75 11.29
N ALA A 636 18.57 -45.34 11.05
CA ALA A 636 17.86 -45.76 9.92
C ALA A 636 18.26 -45.13 8.74
N GLY A 637 18.83 -43.93 8.81
CA GLY A 637 19.21 -43.19 7.63
C GLY A 637 18.61 -41.88 7.38
N PHE A 638 17.89 -41.29 8.31
CA PHE A 638 17.41 -40.10 7.75
C PHE A 638 17.90 -39.04 8.61
N LYS A 639 18.40 -37.94 8.05
CA LYS A 639 18.71 -36.81 8.88
C LYS A 639 17.72 -35.54 8.57
N LEU A 640 16.81 -35.31 9.48
CA LEU A 640 15.82 -34.24 9.24
C LEU A 640 15.97 -33.06 10.22
N PRO A 641 15.69 -31.80 9.85
CA PRO A 641 15.67 -30.55 10.74
C PRO A 641 14.81 -30.60 11.96
N CYS A 642 15.15 -29.84 12.95
CA CYS A 642 14.18 -29.92 14.19
C CYS A 642 12.66 -29.80 13.88
N GLN A 643 12.30 -29.01 12.91
CA GLN A 643 10.93 -28.93 12.56
C GLN A 643 10.26 -30.20 12.19
N LEU A 644 10.94 -30.92 11.28
CA LEU A 644 10.53 -32.30 10.96
C LEU A 644 10.56 -33.26 12.12
N HIS A 645 11.31 -32.87 13.17
CA HIS A 645 11.39 -33.91 14.27
C HIS A 645 10.27 -33.58 15.11
N GLN A 646 9.89 -32.45 14.88
CA GLN A 646 8.74 -32.00 15.76
C GLN A 646 7.46 -32.47 15.24
N VAL A 647 7.38 -32.74 13.83
CA VAL A 647 6.17 -33.35 13.27
C VAL A 647 5.95 -34.86 13.47
N ILE A 648 7.13 -35.44 13.59
CA ILE A 648 7.19 -36.85 13.83
C ILE A 648 6.59 -37.25 15.08
N VAL A 649 6.99 -36.59 16.04
CA VAL A 649 6.43 -36.92 17.41
C VAL A 649 5.18 -36.40 17.80
N ALA A 650 4.82 -35.35 17.08
CA ALA A 650 3.39 -34.90 17.38
C ALA A 650 2.36 -35.85 16.70
N ARG A 651 2.68 -36.46 15.55
CA ARG A 651 1.81 -37.39 14.94
C ARG A 651 1.85 -38.90 15.54
N PHE A 652 3.01 -39.55 15.54
CA PHE A 652 3.26 -40.89 16.19
C PHE A 652 3.47 -41.13 17.68
N ALA A 653 4.00 -40.15 18.36
CA ALA A 653 4.31 -40.42 19.79
C ALA A 653 3.05 -40.49 20.64
N ASP A 654 3.08 -41.11 21.74
CA ASP A 654 2.01 -41.09 22.62
C ASP A 654 1.96 -39.85 23.57
N ASP A 655 1.05 -39.78 24.56
CA ASP A 655 0.95 -38.75 25.58
C ASP A 655 2.07 -38.85 26.64
N GLU A 656 2.75 -39.93 26.81
CA GLU A 656 4.02 -39.96 27.61
C GLU A 656 5.25 -39.76 26.91
N LEU A 657 5.15 -39.62 25.59
CA LEU A 657 6.28 -39.22 24.81
C LEU A 657 7.10 -40.44 24.66
N ILE A 658 6.34 -41.43 24.40
CA ILE A 658 6.84 -42.68 23.97
C ILE A 658 6.36 -43.14 22.61
N ILE A 659 7.10 -44.02 21.98
CA ILE A 659 6.76 -44.53 20.70
C ILE A 659 7.17 -45.98 20.58
N ASP A 660 6.32 -46.85 19.98
CA ASP A 660 6.43 -48.21 20.01
C ASP A 660 6.80 -48.54 18.68
N PHE A 661 6.93 -49.90 18.50
CA PHE A 661 7.62 -50.42 17.25
C PHE A 661 6.61 -50.04 15.97
N ASP A 662 5.33 -50.02 16.34
CA ASP A 662 4.30 -49.79 15.20
C ASP A 662 4.44 -48.47 14.77
N ASN A 663 4.11 -47.54 15.67
CA ASN A 663 4.20 -46.02 15.28
C ASN A 663 5.59 -45.70 14.91
N PHE A 664 6.48 -46.57 15.43
CA PHE A 664 7.85 -46.49 14.93
C PHE A 664 7.91 -46.68 13.44
N VAL A 665 7.91 -47.92 13.03
CA VAL A 665 8.02 -48.27 11.51
C VAL A 665 7.12 -47.45 10.52
N ARG A 666 5.89 -47.37 10.89
CA ARG A 666 5.11 -46.52 10.03
C ARG A 666 5.84 -45.28 9.63
N CYS A 667 6.16 -44.35 10.58
CA CYS A 667 6.79 -43.10 10.23
C CYS A 667 8.07 -43.40 9.53
N LEU A 668 8.78 -44.43 10.01
CA LEU A 668 9.98 -44.73 9.17
C LEU A 668 9.71 -45.09 7.63
N VAL A 669 8.42 -45.59 7.40
CA VAL A 669 8.03 -46.12 6.20
C VAL A 669 7.50 -45.03 5.42
N ARG A 670 6.78 -44.29 6.06
CA ARG A 670 6.29 -43.15 5.39
C ARG A 670 7.32 -42.27 4.68
N LEU A 671 8.31 -42.03 5.51
CA LEU A 671 9.26 -41.05 5.10
C LEU A 671 9.96 -41.62 3.99
N GLU A 672 10.20 -42.84 4.11
CA GLU A 672 10.72 -43.63 3.01
C GLU A 672 9.83 -43.36 1.78
N ILE A 673 8.48 -43.45 1.87
CA ILE A 673 7.66 -43.35 0.57
C ILE A 673 7.76 -41.90 -0.01
N LEU A 674 8.01 -40.87 0.89
CA LEU A 674 7.87 -39.45 0.48
C LEU A 674 9.04 -38.91 -0.11
N PHE A 675 10.11 -39.21 0.48
CA PHE A 675 11.33 -38.98 -0.40
C PHE A 675 11.02 -39.70 -1.78
N LYS A 676 10.61 -40.93 -1.79
CA LYS A 676 10.68 -41.67 -3.01
C LYS A 676 9.81 -40.80 -3.97
N ILE A 677 8.63 -40.31 -3.60
CA ILE A 677 8.12 -39.46 -4.50
C ILE A 677 8.87 -38.22 -4.96
N PHE A 678 8.95 -37.24 -4.16
CA PHE A 678 9.83 -36.18 -4.41
C PHE A 678 11.12 -36.52 -5.17
N LYS A 679 11.58 -37.77 -5.00
CA LYS A 679 12.73 -38.13 -5.83
C LYS A 679 12.34 -38.45 -7.31
N GLN A 680 11.18 -39.04 -7.50
CA GLN A 680 10.60 -39.29 -8.85
C GLN A 680 10.18 -38.05 -9.43
N LEU A 681 9.09 -37.46 -8.95
CA LEU A 681 8.59 -36.13 -9.48
C LEU A 681 9.59 -35.09 -9.64
N ASP A 682 10.79 -35.42 -9.45
CA ASP A 682 11.80 -34.52 -9.80
C ASP A 682 12.88 -35.38 -10.37
N PRO A 683 13.03 -35.37 -11.75
CA PRO A 683 14.25 -35.76 -12.46
C PRO A 683 15.54 -34.84 -12.23
N GLU A 684 15.39 -33.62 -12.75
CA GLU A 684 16.51 -32.77 -13.09
C GLU A 684 16.81 -32.15 -11.87
N ASN A 685 17.23 -32.94 -10.91
CA ASN A 685 17.09 -32.64 -9.49
C ASN A 685 16.91 -31.03 -9.06
N THR A 686 15.81 -30.20 -9.36
CA THR A 686 15.96 -28.62 -9.24
C THR A 686 15.56 -28.05 -7.92
N GLY A 687 15.25 -29.05 -7.06
CA GLY A 687 14.80 -28.83 -5.75
C GLY A 687 13.36 -28.80 -5.52
N THR A 688 12.55 -28.60 -6.54
CA THR A 688 11.15 -28.47 -6.30
C THR A 688 10.39 -29.40 -7.15
N ILE A 689 9.13 -29.54 -6.75
CA ILE A 689 8.27 -30.45 -7.39
C ILE A 689 6.89 -29.77 -7.54
N GLN A 690 6.15 -30.41 -8.48
CA GLN A 690 5.06 -29.88 -9.32
C GLN A 690 3.71 -30.57 -8.83
N LEU A 691 2.55 -29.91 -8.58
CA LEU A 691 1.33 -30.75 -8.14
C LEU A 691 0.34 -29.82 -8.61
N ASP A 692 -0.46 -30.25 -9.47
CA ASP A 692 -1.69 -29.62 -9.76
C ASP A 692 -2.79 -30.18 -8.80
N LEU A 693 -4.01 -29.56 -8.80
CA LEU A 693 -5.06 -29.91 -7.82
C LEU A 693 -5.22 -31.49 -7.88
N ILE A 694 -5.40 -32.00 -9.12
CA ILE A 694 -5.84 -33.33 -9.37
C ILE A 694 -4.80 -34.30 -8.84
N SER A 695 -3.52 -34.10 -9.04
CA SER A 695 -2.49 -35.04 -8.33
C SER A 695 -2.59 -34.82 -6.82
N TRP A 696 -2.37 -33.58 -6.35
CA TRP A 696 -2.48 -33.30 -4.94
C TRP A 696 -3.48 -34.03 -4.38
N LEU A 697 -4.58 -34.20 -4.95
CA LEU A 697 -5.65 -34.83 -4.32
C LEU A 697 -5.44 -36.22 -4.01
N SER A 698 -4.88 -36.94 -4.95
CA SER A 698 -4.31 -38.26 -4.55
C SER A 698 -2.99 -38.31 -3.61
N PHE A 699 -1.85 -37.81 -4.14
CA PHE A 699 -0.51 -37.93 -3.50
C PHE A 699 -0.59 -37.67 -1.99
N SER A 700 -1.70 -36.94 -1.74
CA SER A 700 -2.15 -36.48 -0.47
C SER A 700 -3.24 -37.48 -0.10
N VAL A 701 -3.05 -38.69 -0.63
CA VAL A 701 -3.80 -39.93 -0.20
C VAL A 701 -2.96 -41.32 -0.39
N LEU A 702 -1.65 -41.29 -0.94
CA LEU A 702 -0.42 -42.30 -0.98
C LEU A 702 -0.53 -43.04 -2.28
N MET A 717 -7.35 -21.70 36.55
CA MET A 717 -8.24 -21.15 37.67
C MET A 717 -8.67 -19.67 37.56
N HIS A 718 -9.03 -19.32 36.25
CA HIS A 718 -9.25 -18.03 35.42
C HIS A 718 -9.65 -18.18 33.92
N TYR A 719 -10.46 -17.18 33.42
CA TYR A 719 -10.92 -16.87 32.03
C TYR A 719 -11.89 -17.95 31.41
N SER A 720 -13.25 -17.76 31.54
CA SER A 720 -14.32 -18.44 30.60
C SER A 720 -14.01 -18.34 28.95
N ASN A 721 -13.38 -17.18 28.64
CA ASN A 721 -13.22 -16.60 27.33
C ASN A 721 -14.27 -16.86 26.20
N ILE A 722 -13.92 -16.30 24.99
CA ILE A 722 -14.82 -16.28 23.79
C ILE A 722 -16.15 -15.33 23.84
N PHE A 737 -17.38 -22.25 25.46
CA PHE A 737 -18.23 -23.35 26.18
C PHE A 737 -17.79 -24.72 25.72
N VAL A 738 -17.06 -25.54 26.50
CA VAL A 738 -16.69 -26.90 25.86
C VAL A 738 -17.32 -28.06 26.72
N GLN A 739 -16.36 -28.79 27.34
CA GLN A 739 -16.40 -29.39 28.64
C GLN A 739 -14.92 -29.53 29.15
N LEU A 740 -13.98 -28.56 28.96
CA LEU A 740 -12.52 -29.00 28.91
C LEU A 740 -11.91 -28.85 30.31
N ALA A 741 -11.49 -29.95 31.10
CA ALA A 741 -10.97 -29.88 32.57
C ALA A 741 -9.81 -28.76 32.62
N GLY A 742 -10.23 -27.67 33.37
CA GLY A 742 -9.70 -26.28 33.35
C GLY A 742 -8.29 -26.27 32.87
N ASP A 743 -8.29 -26.45 31.54
CA ASP A 743 -7.09 -26.49 30.71
C ASP A 743 -7.64 -25.95 29.30
N ASP A 744 -7.26 -24.68 28.87
CA ASP A 744 -7.87 -23.83 27.85
C ASP A 744 -8.14 -24.67 26.62
N MET A 745 -7.10 -25.28 26.08
CA MET A 745 -7.43 -25.87 24.88
C MET A 745 -7.28 -27.30 24.99
N GLU A 746 -6.33 -27.88 24.33
CA GLU A 746 -5.97 -29.16 24.70
C GLU A 746 -7.08 -29.97 24.38
N VAL A 747 -7.12 -30.28 23.13
CA VAL A 747 -7.79 -31.44 22.69
C VAL A 747 -6.67 -32.21 22.10
N SER A 748 -6.52 -33.47 22.55
CA SER A 748 -5.61 -34.43 21.87
C SER A 748 -6.39 -35.53 21.18
N ALA A 749 -5.59 -36.43 20.51
CA ALA A 749 -6.12 -37.40 19.63
C ALA A 749 -6.85 -37.96 20.87
N THR A 750 -6.29 -37.92 22.06
CA THR A 750 -7.05 -38.68 23.07
C THR A 750 -8.39 -38.15 23.49
N GLU A 751 -8.28 -36.99 23.94
CA GLU A 751 -9.54 -36.36 24.10
C GLU A 751 -10.50 -36.51 22.79
N LEU A 752 -9.89 -36.51 21.52
CA LEU A 752 -10.70 -36.53 20.27
C LEU A 752 -11.34 -37.85 19.93
N MET A 753 -10.83 -38.90 20.48
CA MET A 753 -11.48 -40.16 20.54
C MET A 753 -12.23 -40.37 21.81
N ASN A 754 -12.47 -39.37 22.65
CA ASN A 754 -13.39 -39.66 23.82
C ASN A 754 -14.75 -38.96 23.65
N ILE A 755 -15.13 -38.57 22.44
CA ILE A 755 -16.39 -37.72 22.46
C ILE A 755 -17.24 -38.02 21.32
N LEU A 756 -16.51 -38.00 20.23
CA LEU A 756 -16.97 -38.38 18.93
C LEU A 756 -17.58 -39.75 18.97
N ASN A 757 -16.58 -40.73 19.08
CA ASN A 757 -16.82 -42.09 19.56
C ASN A 757 -17.59 -42.15 20.90
N LYS A 758 -18.90 -41.65 20.90
CA LYS A 758 -20.03 -41.60 22.00
C LYS A 758 -21.41 -41.46 21.51
N HIS A 763 -25.90 -41.94 19.25
CA HIS A 763 -26.20 -43.35 19.96
C HIS A 763 -27.40 -43.68 18.95
N PRO A 764 -27.73 -45.06 18.93
CA PRO A 764 -28.56 -45.81 18.04
C PRO A 764 -29.00 -44.74 16.81
N ASP A 765 -28.87 -45.35 15.61
CA ASP A 765 -28.84 -44.68 14.40
C ASP A 765 -27.37 -45.06 13.94
N LEU A 766 -26.79 -46.12 14.47
CA LEU A 766 -25.41 -46.23 13.95
C LEU A 766 -24.55 -44.87 14.14
N LYS A 767 -24.27 -44.70 15.47
CA LYS A 767 -23.46 -43.70 16.34
C LYS A 767 -24.06 -42.14 16.81
N GLY A 770 -15.91 -48.67 15.38
CA GLY A 770 -16.01 -47.26 15.96
C GLY A 770 -14.76 -46.60 15.37
N PHE A 771 -14.79 -45.29 15.72
CA PHE A 771 -13.65 -44.16 15.86
C PHE A 771 -12.54 -44.53 16.69
N GLY A 772 -11.33 -44.19 16.25
CA GLY A 772 -10.14 -44.76 16.91
C GLY A 772 -8.91 -43.84 17.01
N ILE A 773 -8.01 -44.17 17.89
CA ILE A 773 -6.89 -43.34 18.13
C ILE A 773 -6.26 -42.93 16.85
N ASP A 774 -5.96 -43.92 15.96
CA ASP A 774 -5.34 -43.63 14.72
C ASP A 774 -6.09 -42.45 14.05
N THR A 775 -7.31 -42.77 13.58
CA THR A 775 -8.13 -41.72 13.06
C THR A 775 -8.14 -40.33 13.70
N CYS A 776 -8.69 -40.33 14.87
CA CYS A 776 -8.43 -39.23 15.79
C CYS A 776 -7.10 -38.51 15.75
N ARG A 777 -6.09 -39.33 15.89
CA ARG A 777 -4.72 -38.73 15.65
C ARG A 777 -4.72 -37.87 14.41
N SER A 778 -4.95 -38.34 13.32
CA SER A 778 -4.79 -37.78 11.95
C SER A 778 -5.74 -36.66 11.68
N MET A 779 -6.91 -36.66 12.38
CA MET A 779 -7.65 -35.54 12.24
C MET A 779 -6.95 -34.49 12.95
N VAL A 780 -6.50 -34.78 14.19
CA VAL A 780 -5.84 -33.75 14.87
C VAL A 780 -4.71 -33.06 14.09
N ALA A 781 -3.80 -33.81 13.58
CA ALA A 781 -2.76 -33.10 12.74
C ALA A 781 -3.36 -32.10 11.86
N VAL A 782 -4.20 -32.51 11.01
CA VAL A 782 -4.54 -31.70 9.86
C VAL A 782 -5.17 -30.52 10.30
N MET A 783 -5.85 -30.52 11.41
CA MET A 783 -6.46 -29.24 11.67
C MET A 783 -5.67 -28.42 12.66
N ASP A 784 -4.40 -28.79 12.82
CA ASP A 784 -3.55 -28.15 13.84
C ASP A 784 -2.59 -27.48 13.08
N SER A 785 -2.24 -26.29 13.36
CA SER A 785 -1.23 -25.68 12.45
C SER A 785 -0.18 -25.20 13.37
N ASP A 786 -0.39 -25.61 14.69
CA ASP A 786 0.72 -25.23 15.65
C ASP A 786 1.95 -26.15 15.92
N THR A 787 1.87 -27.36 15.41
CA THR A 787 2.62 -28.47 15.76
C THR A 787 2.69 -28.78 17.28
N THR A 788 1.49 -28.81 17.98
CA THR A 788 1.56 -29.21 19.31
C THR A 788 0.93 -30.59 19.50
N GLY A 789 0.32 -31.16 18.48
CA GLY A 789 -0.47 -32.44 18.68
C GLY A 789 -1.86 -32.28 19.14
N LYS A 790 -2.33 -31.07 19.45
CA LYS A 790 -3.62 -30.77 20.08
C LYS A 790 -4.48 -29.72 19.15
N LEU A 791 -5.72 -29.36 19.54
CA LEU A 791 -6.47 -28.49 18.75
C LEU A 791 -6.99 -27.58 19.71
N GLY A 792 -6.87 -26.33 19.28
CA GLY A 792 -7.49 -25.17 19.90
C GLY A 792 -9.04 -25.00 20.10
N PHE A 793 -9.63 -23.80 20.41
CA PHE A 793 -11.10 -23.59 20.71
C PHE A 793 -11.44 -23.43 19.22
N GLU A 794 -11.15 -22.33 18.56
CA GLU A 794 -11.53 -22.23 17.09
C GLU A 794 -11.41 -23.44 16.11
N GLU A 795 -10.24 -23.98 15.96
CA GLU A 795 -9.97 -25.12 15.19
C GLU A 795 -10.73 -26.46 15.65
N PHE A 796 -11.54 -26.50 16.69
CA PHE A 796 -12.13 -27.66 17.25
C PHE A 796 -13.35 -27.27 16.92
N LYS A 797 -13.87 -26.08 17.33
CA LYS A 797 -15.07 -25.43 16.69
C LYS A 797 -15.28 -25.63 15.04
N TYR A 798 -14.27 -25.57 14.22
CA TYR A 798 -14.42 -25.56 12.81
C TYR A 798 -14.59 -27.01 12.52
N LEU A 799 -13.76 -27.91 13.06
CA LEU A 799 -13.94 -29.36 12.86
C LEU A 799 -15.26 -30.07 13.31
N TRP A 800 -15.83 -29.46 14.32
CA TRP A 800 -17.00 -29.98 15.04
C TRP A 800 -18.27 -29.58 14.35
N ASN A 801 -18.24 -28.35 13.76
CA ASN A 801 -19.31 -27.99 13.04
C ASN A 801 -19.26 -28.76 11.79
N ASN A 802 -18.28 -29.56 11.46
CA ASN A 802 -18.52 -30.24 10.18
C ASN A 802 -18.94 -31.53 10.54
N ILE A 803 -18.49 -32.13 11.55
CA ILE A 803 -18.83 -33.52 11.76
C ILE A 803 -20.25 -33.40 11.93
N LYS A 804 -20.68 -32.65 12.93
CA LYS A 804 -22.09 -32.26 13.06
C LYS A 804 -22.88 -31.81 11.83
N LYS A 805 -22.37 -31.18 10.87
CA LYS A 805 -23.08 -31.03 9.66
C LYS A 805 -22.88 -32.18 8.86
N TRP A 806 -21.70 -32.68 8.60
CA TRP A 806 -21.60 -34.00 7.80
C TRP A 806 -22.43 -35.22 8.29
N GLN A 807 -23.04 -35.22 9.41
CA GLN A 807 -23.38 -36.31 10.02
C GLN A 807 -24.57 -36.82 9.19
N GLY A 808 -25.79 -36.19 9.18
CA GLY A 808 -26.80 -36.71 8.18
C GLY A 808 -26.17 -36.49 6.77
N ILE A 809 -25.65 -37.49 5.99
CA ILE A 809 -25.04 -37.05 4.68
C ILE A 809 -24.84 -37.96 3.57
N TYR A 810 -25.67 -37.73 2.55
CA TYR A 810 -26.37 -38.67 1.70
C TYR A 810 -27.10 -37.82 0.70
N THR A 815 -28.69 -43.70 4.24
CA THR A 815 -29.02 -45.13 4.37
C THR A 815 -30.38 -45.11 4.99
N ASP A 816 -31.18 -46.06 4.32
CA ASP A 816 -32.48 -46.65 4.55
C ASP A 816 -32.40 -47.47 6.01
N ARG A 817 -32.35 -46.62 7.04
CA ARG A 817 -32.21 -46.99 8.41
C ARG A 817 -31.34 -48.37 8.47
N SER A 818 -30.30 -48.48 7.68
CA SER A 818 -29.37 -49.54 7.81
C SER A 818 -28.02 -49.02 8.48
N GLY A 819 -26.83 -49.52 7.94
CA GLY A 819 -25.40 -48.89 7.99
C GLY A 819 -24.96 -47.65 7.17
N PRO A 827 -24.42 -43.25 -4.14
CA PRO A 827 -24.11 -42.09 -3.10
C PRO A 827 -22.63 -41.25 -2.99
N GLY A 828 -22.74 -40.20 -3.79
CA GLY A 828 -21.85 -39.14 -3.96
C GLY A 828 -22.60 -38.05 -3.13
N ALA A 829 -22.77 -38.37 -1.73
CA ALA A 829 -23.17 -37.45 -0.50
C ALA A 829 -22.09 -36.49 -0.12
N PHE A 830 -21.14 -36.57 -1.05
CA PHE A 830 -19.90 -35.89 -1.12
C PHE A 830 -20.17 -34.41 -1.67
N GLU A 831 -20.56 -34.34 -2.94
CA GLU A 831 -20.96 -33.11 -3.73
C GLU A 831 -22.12 -32.66 -2.85
N ALA A 832 -22.83 -33.68 -2.44
CA ALA A 832 -23.85 -33.51 -1.46
C ALA A 832 -23.43 -32.76 -0.20
N ALA A 833 -22.17 -32.51 -0.11
CA ALA A 833 -21.66 -31.98 1.16
C ALA A 833 -20.74 -30.85 0.91
N GLY A 834 -20.36 -30.63 -0.30
CA GLY A 834 -19.29 -29.77 -0.47
C GLY A 834 -18.52 -30.08 -1.64
N PHE A 835 -18.26 -31.35 -1.77
CA PHE A 835 -17.20 -31.84 -2.60
C PHE A 835 -17.90 -32.41 -3.75
N HIS A 836 -17.81 -31.74 -4.86
CA HIS A 836 -18.40 -32.51 -5.92
C HIS A 836 -17.23 -33.06 -6.67
N LEU A 837 -17.08 -34.42 -6.76
CA LEU A 837 -15.85 -35.09 -7.45
C LEU A 837 -15.87 -35.60 -8.86
N ASN A 838 -14.76 -35.65 -9.58
CA ASN A 838 -15.12 -35.89 -10.85
C ASN A 838 -14.77 -37.22 -10.86
N GLN A 839 -13.87 -37.72 -11.68
CA GLN A 839 -13.48 -39.16 -11.82
C GLN A 839 -13.73 -40.15 -10.67
N HIS A 840 -12.90 -41.21 -10.43
CA HIS A 840 -12.79 -42.08 -9.09
C HIS A 840 -13.69 -41.99 -7.60
N ILE A 841 -13.03 -42.54 -6.57
CA ILE A 841 -13.75 -43.25 -5.55
C ILE A 841 -12.87 -44.52 -5.59
N TYR A 842 -13.32 -45.66 -4.93
CA TYR A 842 -12.38 -46.61 -4.23
C TYR A 842 -12.59 -46.78 -2.73
N SER A 843 -11.61 -47.49 -2.22
CA SER A 843 -11.38 -47.69 -0.75
C SER A 843 -10.52 -46.67 0.17
N GLU A 852 -16.54 -56.38 1.93
CA GLU A 852 -17.97 -56.48 1.74
C GLU A 852 -18.50 -55.74 0.29
N THR A 853 -19.76 -55.22 0.24
CA THR A 853 -20.33 -54.58 -1.03
C THR A 853 -20.10 -53.17 -1.01
N GLY A 854 -21.10 -52.36 -1.40
CA GLY A 854 -20.91 -50.91 -1.18
C GLY A 854 -21.03 -50.59 0.36
N ASN A 855 -19.87 -50.19 0.96
CA ASN A 855 -19.94 -49.92 2.42
C ASN A 855 -19.97 -48.36 2.53
N MET A 856 -18.74 -47.86 2.77
CA MET A 856 -18.40 -46.66 3.59
C MET A 856 -19.29 -46.51 4.86
N ASP A 857 -18.70 -46.69 6.10
CA ASP A 857 -19.40 -46.31 7.44
C ASP A 857 -19.02 -44.99 8.04
N PHE A 858 -19.73 -44.57 9.07
CA PHE A 858 -19.67 -43.16 9.56
C PHE A 858 -18.18 -42.87 9.77
N ASP A 859 -17.39 -43.90 10.25
CA ASP A 859 -15.99 -43.90 10.88
C ASP A 859 -15.29 -43.50 9.70
N ASN A 860 -15.50 -44.18 8.61
CA ASN A 860 -14.78 -43.71 7.35
C ASN A 860 -15.34 -42.54 6.63
N PHE A 861 -16.53 -42.14 6.91
CA PHE A 861 -17.07 -41.27 5.97
C PHE A 861 -16.65 -39.95 6.43
N ILE A 862 -17.01 -39.74 7.71
CA ILE A 862 -16.57 -38.56 8.51
C ILE A 862 -15.07 -38.22 8.52
N SER A 863 -14.27 -39.24 8.31
CA SER A 863 -12.87 -38.98 8.45
C SER A 863 -12.38 -38.78 7.16
N CYS A 864 -13.09 -39.24 6.19
CA CYS A 864 -12.75 -38.98 4.81
C CYS A 864 -13.04 -37.47 4.53
N LEU A 865 -14.21 -37.02 5.06
CA LEU A 865 -14.66 -35.69 4.69
C LEU A 865 -13.70 -34.67 5.33
N VAL A 866 -12.61 -35.15 5.97
CA VAL A 866 -11.90 -34.29 6.91
C VAL A 866 -10.59 -34.11 6.31
N ARG A 867 -10.15 -35.12 5.59
CA ARG A 867 -8.92 -35.02 4.93
C ARG A 867 -9.18 -34.46 3.60
N LEU A 868 -10.44 -34.56 3.07
CA LEU A 868 -10.52 -34.13 1.64
C LEU A 868 -10.57 -32.59 1.93
N ASP A 869 -11.25 -32.24 2.97
CA ASP A 869 -11.43 -30.83 3.25
C ASP A 869 -10.12 -30.17 3.62
N ALA A 870 -9.46 -30.66 4.62
CA ALA A 870 -8.03 -30.38 4.74
C ALA A 870 -7.21 -30.31 3.53
N MET A 871 -7.25 -31.23 2.71
CA MET A 871 -6.17 -31.05 1.63
C MET A 871 -6.46 -30.09 0.46
N PHE A 872 -7.75 -29.80 0.39
CA PHE A 872 -8.36 -28.91 -0.52
C PHE A 872 -7.99 -27.53 -0.06
N ARG A 873 -8.13 -27.18 1.22
CA ARG A 873 -7.70 -25.90 1.87
C ARG A 873 -6.21 -25.69 1.79
N ALA A 874 -5.55 -26.81 1.75
CA ALA A 874 -4.08 -26.73 1.65
C ALA A 874 -3.69 -26.25 0.39
N PHE A 875 -4.35 -26.82 -0.45
CA PHE A 875 -4.18 -26.34 -1.80
C PHE A 875 -4.44 -24.90 -2.07
N ARG A 876 -5.52 -24.44 -1.64
CA ARG A 876 -5.77 -23.10 -1.94
C ARG A 876 -4.67 -22.37 -1.32
N SER A 877 -4.61 -22.33 0.04
CA SER A 877 -3.62 -21.51 0.89
C SER A 877 -2.41 -21.28 0.09
N LEU A 878 -1.89 -22.38 -0.48
CA LEU A 878 -0.54 -22.39 -1.13
C LEU A 878 -0.67 -21.80 -2.35
N ASP A 879 -1.58 -22.29 -3.16
CA ASP A 879 -1.89 -21.69 -4.55
C ASP A 879 -2.94 -20.57 -4.54
N LYS A 880 -2.55 -19.52 -3.73
CA LYS A 880 -3.31 -18.34 -3.45
C LYS A 880 -3.88 -17.51 -4.76
N ASN A 881 -2.98 -17.40 -5.83
CA ASN A 881 -3.42 -16.79 -7.15
C ASN A 881 -4.17 -17.80 -8.08
N GLY A 882 -4.99 -18.68 -7.52
CA GLY A 882 -5.57 -19.65 -8.31
C GLY A 882 -4.79 -20.16 -9.44
N THR A 883 -3.41 -20.00 -9.46
CA THR A 883 -2.58 -20.45 -10.64
C THR A 883 -2.89 -21.77 -11.11
N GLY A 884 -3.28 -22.66 -10.22
CA GLY A 884 -3.83 -24.13 -10.49
C GLY A 884 -2.91 -25.46 -10.16
N GLN A 885 -1.60 -25.09 -10.07
CA GLN A 885 -0.52 -25.88 -9.52
C GLN A 885 0.37 -25.28 -8.32
N ILE A 886 0.56 -26.03 -7.26
CA ILE A 886 1.38 -25.54 -6.20
C ILE A 886 2.75 -25.98 -6.36
N GLN A 887 3.64 -25.62 -5.53
CA GLN A 887 4.98 -26.20 -5.87
C GLN A 887 5.82 -26.05 -4.61
N VAL A 888 6.72 -27.00 -4.29
CA VAL A 888 7.41 -26.98 -2.96
C VAL A 888 8.67 -27.73 -2.96
N ASN A 889 9.60 -27.32 -2.05
CA ASN A 889 10.89 -28.05 -1.84
C ASN A 889 10.56 -29.22 -0.85
N ILE A 890 11.51 -30.22 -0.83
CA ILE A 890 11.52 -31.33 0.16
C ILE A 890 11.07 -30.92 1.57
N GLN A 891 11.49 -29.71 1.95
CA GLN A 891 11.13 -29.37 3.21
C GLN A 891 9.54 -29.21 3.23
N GLU A 892 8.97 -28.33 2.51
CA GLU A 892 7.63 -27.94 2.79
C GLU A 892 6.78 -29.10 2.44
N TRP A 893 7.26 -29.85 1.41
CA TRP A 893 6.68 -31.22 1.13
C TRP A 893 6.80 -32.31 2.21
N LEU A 894 7.97 -32.46 2.83
CA LEU A 894 7.96 -33.26 4.07
C LEU A 894 6.99 -32.94 5.27
N GLN A 895 7.03 -31.68 5.70
CA GLN A 895 6.07 -31.11 6.57
C GLN A 895 4.71 -31.53 6.32
N LEU A 896 4.34 -31.47 5.00
CA LEU A 896 2.85 -31.62 4.67
C LEU A 896 2.48 -33.05 4.65
N THR A 897 3.21 -33.86 4.04
CA THR A 897 2.69 -35.26 3.93
C THR A 897 2.89 -35.89 5.28
N MET A 898 4.00 -35.55 6.02
CA MET A 898 4.37 -36.32 7.30
C MET A 898 3.22 -35.98 8.08
N TYR A 899 2.91 -34.77 8.21
CA TYR A 899 2.15 -34.41 9.37
C TYR A 899 0.76 -34.65 8.98
N SER A 900 0.16 -35.73 9.42
CA SER A 900 -1.23 -36.10 8.86
C SER A 900 -1.63 -37.58 9.01
N ALA B 2 6.00 32.30 -18.12
CA ALA B 2 5.34 30.87 -18.43
C ALA B 2 3.82 30.74 -18.05
N GLY B 3 3.56 29.80 -17.12
CA GLY B 3 2.47 29.99 -16.16
C GLY B 3 1.26 29.78 -16.92
N ILE B 4 0.26 30.67 -16.66
CA ILE B 4 -0.98 30.61 -17.44
C ILE B 4 -0.65 30.79 -18.95
N ALA B 5 0.02 31.83 -19.38
CA ALA B 5 0.39 31.74 -20.79
C ALA B 5 0.82 30.35 -21.39
N MET B 6 1.21 29.35 -20.55
CA MET B 6 1.74 28.09 -21.10
C MET B 6 0.62 27.30 -21.38
N LYS B 7 -0.08 27.13 -20.30
CA LYS B 7 -1.28 26.48 -20.36
C LYS B 7 -2.11 26.92 -21.55
N LEU B 8 -2.28 28.19 -21.86
CA LEU B 8 -3.05 28.45 -22.91
C LEU B 8 -2.26 28.03 -24.17
N ALA B 9 -1.09 28.52 -24.31
CA ALA B 9 -0.53 28.07 -25.57
C ALA B 9 -0.87 26.60 -25.89
N LYS B 10 -0.83 25.80 -24.84
CA LYS B 10 -1.25 24.43 -25.01
C LYS B 10 -2.72 24.08 -25.34
N ASP B 11 -3.64 24.67 -24.62
CA ASP B 11 -5.00 24.35 -24.83
C ASP B 11 -5.22 24.73 -26.47
N ARG B 12 -4.46 25.62 -27.15
CA ARG B 12 -4.88 26.16 -28.45
C ARG B 12 -4.52 25.14 -29.36
N GLU B 13 -3.47 24.38 -28.97
CA GLU B 13 -2.97 23.37 -29.94
C GLU B 13 -3.96 22.25 -29.84
N ALA B 14 -4.32 21.76 -28.64
CA ALA B 14 -5.22 20.65 -28.49
C ALA B 14 -6.33 20.97 -29.43
N ALA B 15 -7.15 21.92 -29.06
CA ALA B 15 -8.01 22.72 -30.09
C ALA B 15 -7.77 22.66 -31.69
N GLU B 16 -6.53 22.75 -32.13
CA GLU B 16 -6.11 22.66 -33.50
C GLU B 16 -5.77 21.29 -33.82
N GLY B 17 -6.25 20.35 -32.96
CA GLY B 17 -5.87 18.87 -33.06
C GLY B 17 -4.64 18.00 -32.41
N LEU B 18 -3.76 18.70 -31.73
CA LEU B 18 -2.59 18.12 -31.40
C LEU B 18 -2.89 17.14 -30.22
N GLY B 19 -2.83 15.82 -30.32
CA GLY B 19 -3.26 15.15 -29.25
C GLY B 19 -4.28 14.23 -29.71
N SER B 20 -4.59 14.41 -30.94
CA SER B 20 -5.63 13.41 -31.59
C SER B 20 -4.87 12.37 -32.26
N HIS B 21 -5.40 11.23 -32.29
CA HIS B 21 -4.59 10.10 -32.86
C HIS B 21 -4.01 10.54 -34.17
N GLU B 22 -4.67 11.38 -34.99
CA GLU B 22 -3.97 11.85 -36.28
C GLU B 22 -2.71 12.80 -36.01
N ARG B 23 -2.55 13.13 -34.75
CA ARG B 23 -1.63 14.13 -34.33
C ARG B 23 -1.28 13.92 -32.93
N ALA B 24 -0.24 13.30 -32.81
CA ALA B 24 0.12 13.01 -31.46
C ALA B 24 1.35 13.73 -30.97
N ILE B 25 1.17 14.14 -29.76
CA ILE B 25 2.38 14.80 -29.09
C ILE B 25 3.61 13.84 -29.04
N LYS B 26 4.76 14.39 -28.92
CA LYS B 26 5.88 13.48 -29.04
C LYS B 26 6.36 13.43 -27.60
N TYR B 27 6.03 12.36 -26.88
CA TYR B 27 6.43 12.22 -25.55
C TYR B 27 7.93 12.71 -25.31
N LEU B 28 8.09 13.72 -24.60
CA LEU B 28 9.48 14.19 -24.36
C LEU B 28 10.21 14.80 -25.62
N ASN B 29 9.44 15.29 -26.47
CA ASN B 29 10.09 15.97 -27.63
C ASN B 29 10.95 15.17 -28.47
N GLN B 30 11.05 13.96 -28.06
CA GLN B 30 11.56 12.90 -29.04
C GLN B 30 10.73 12.55 -30.33
N ASP B 31 11.37 12.44 -31.43
CA ASP B 31 10.84 12.09 -32.65
C ASP B 31 11.58 10.95 -33.23
N TYR B 32 10.74 9.95 -33.57
CA TYR B 32 11.03 8.69 -34.18
C TYR B 32 11.71 8.93 -35.44
N GLU B 33 11.06 9.43 -36.48
CA GLU B 33 11.63 9.54 -37.80
C GLU B 33 12.97 10.29 -37.66
N THR B 34 13.02 11.23 -36.72
CA THR B 34 14.41 12.05 -36.33
C THR B 34 15.51 11.34 -35.78
N LEU B 35 15.35 10.93 -34.58
CA LEU B 35 16.34 10.08 -34.00
C LEU B 35 16.78 8.90 -34.92
N ARG B 36 15.81 7.97 -35.17
CA ARG B 36 16.15 6.97 -36.14
C ARG B 36 16.92 7.46 -37.35
N ASN B 37 16.40 8.40 -38.00
CA ASN B 37 17.17 8.77 -39.16
C ASN B 37 18.61 9.22 -38.82
N GLU B 38 18.75 10.13 -37.82
CA GLU B 38 20.01 10.58 -37.24
C GLU B 38 20.81 9.33 -37.04
N CYS B 39 20.33 8.32 -36.47
CA CYS B 39 21.10 7.18 -36.11
C CYS B 39 21.60 6.56 -37.27
N LEU B 40 20.77 6.07 -38.08
CA LEU B 40 21.05 5.42 -39.35
C LEU B 40 22.18 6.11 -40.11
N GLU B 41 22.15 7.41 -40.33
CA GLU B 41 23.16 8.03 -40.92
C GLU B 41 24.45 7.89 -40.06
N ALA B 42 24.38 7.93 -38.74
CA ALA B 42 25.56 7.65 -37.86
C ALA B 42 26.08 6.31 -37.88
N GLY B 43 25.30 5.37 -38.30
CA GLY B 43 25.91 4.11 -38.35
C GLY B 43 25.74 3.11 -37.19
N ALA B 44 24.78 3.40 -36.35
CA ALA B 44 24.85 3.10 -35.00
C ALA B 44 23.58 2.89 -34.32
N LEU B 45 23.60 2.18 -33.22
CA LEU B 45 22.31 1.88 -32.57
C LEU B 45 21.77 3.00 -31.64
N PHE B 46 20.45 3.14 -31.48
CA PHE B 46 19.82 4.19 -30.60
C PHE B 46 20.01 3.84 -29.20
N GLN B 47 20.30 4.81 -28.34
CA GLN B 47 20.43 4.66 -26.83
C GLN B 47 19.44 5.67 -26.17
N ASP B 48 18.42 5.03 -25.59
CA ASP B 48 17.39 5.67 -25.04
C ASP B 48 17.96 6.55 -23.80
N PRO B 49 17.83 7.83 -23.80
CA PRO B 49 18.35 8.61 -22.81
C PRO B 49 17.32 9.01 -21.84
N ALA B 50 16.04 8.75 -22.00
CA ALA B 50 14.92 9.19 -21.16
C ALA B 50 14.53 7.95 -20.35
N PHE B 51 14.93 6.75 -20.87
CA PHE B 51 14.57 5.49 -20.23
C PHE B 51 15.87 4.53 -20.37
N PRO B 52 16.90 4.69 -19.58
CA PRO B 52 18.16 3.95 -19.93
C PRO B 52 18.17 2.65 -19.59
N PRO B 53 19.02 1.81 -20.09
CA PRO B 53 19.07 0.38 -19.81
C PRO B 53 19.65 0.05 -18.56
N VAL B 54 19.16 0.78 -17.63
CA VAL B 54 19.99 0.90 -16.45
C VAL B 54 19.11 0.39 -15.43
N SER B 55 19.10 0.78 -14.17
CA SER B 55 18.39 0.13 -13.13
C SER B 55 17.25 1.10 -12.54
N HIS B 56 17.57 2.36 -12.54
CA HIS B 56 16.48 3.30 -12.46
C HIS B 56 15.20 2.94 -13.48
N SER B 57 15.35 2.08 -14.46
CA SER B 57 14.37 1.87 -15.35
C SER B 57 13.65 0.75 -14.96
N LEU B 58 14.20 -0.03 -14.18
CA LEU B 58 13.47 -1.23 -13.95
C LEU B 58 12.70 -0.93 -12.63
N GLY B 59 13.19 -0.08 -11.73
CA GLY B 59 12.53 -0.10 -10.31
C GLY B 59 13.13 0.88 -9.29
N PHE B 60 12.71 0.99 -8.04
CA PHE B 60 13.53 1.82 -7.00
C PHE B 60 13.69 1.04 -5.70
N LYS B 61 14.30 -0.20 -5.81
CA LYS B 61 14.10 -1.45 -4.87
C LYS B 61 12.55 -1.93 -4.66
N GLU B 62 12.24 -3.12 -5.17
CA GLU B 62 10.97 -3.75 -5.36
C GLU B 62 11.22 -4.86 -6.47
N LEU B 63 11.95 -4.26 -7.46
CA LEU B 63 12.38 -4.72 -8.85
C LEU B 63 13.60 -3.86 -9.37
N GLY B 64 14.06 -2.82 -8.69
CA GLY B 64 15.49 -2.54 -8.87
C GLY B 64 16.58 -2.87 -7.77
N PRO B 65 17.32 -1.76 -7.39
CA PRO B 65 18.71 -1.91 -7.00
C PRO B 65 18.51 -2.58 -5.64
N ASN B 66 19.59 -3.27 -5.35
CA ASN B 66 19.60 -4.24 -4.33
C ASN B 66 18.79 -5.41 -4.82
N SER B 67 17.47 -5.29 -4.84
CA SER B 67 16.55 -6.31 -5.42
C SER B 67 17.14 -7.70 -5.93
N SER B 68 16.67 -8.85 -5.43
CA SER B 68 17.26 -10.17 -5.83
C SER B 68 16.58 -10.48 -7.01
N LYS B 69 15.34 -10.29 -7.05
CA LYS B 69 14.54 -10.33 -8.17
C LYS B 69 15.15 -9.97 -9.47
N THR B 70 15.89 -8.88 -9.36
CA THR B 70 16.63 -8.50 -10.63
C THR B 70 17.94 -9.12 -10.89
N TYR B 71 18.52 -9.51 -9.83
CA TYR B 71 19.84 -10.09 -9.90
C TYR B 71 20.17 -11.01 -11.12
N GLY B 72 21.34 -10.59 -11.63
CA GLY B 72 21.89 -10.83 -12.93
C GLY B 72 21.15 -10.43 -14.24
N ILE B 73 20.23 -9.45 -14.18
CA ILE B 73 19.69 -8.94 -15.50
C ILE B 73 20.81 -8.45 -16.30
N LYS B 74 20.74 -8.48 -17.54
CA LYS B 74 21.71 -8.06 -18.43
C LYS B 74 20.70 -7.66 -19.76
N TRP B 75 20.88 -6.47 -20.33
CA TRP B 75 20.00 -6.07 -21.29
C TRP B 75 20.53 -6.39 -22.63
N LYS B 76 19.64 -7.07 -23.39
CA LYS B 76 19.86 -7.46 -24.70
C LYS B 76 18.91 -7.01 -25.84
N ARG B 77 19.38 -6.94 -27.08
CA ARG B 77 18.53 -6.71 -28.32
C ARG B 77 18.14 -7.93 -29.09
N PRO B 78 16.96 -7.92 -29.64
CA PRO B 78 16.43 -9.08 -30.24
C PRO B 78 17.38 -9.55 -31.26
N THR B 79 18.27 -8.67 -31.90
CA THR B 79 19.37 -9.22 -32.79
C THR B 79 20.23 -10.18 -32.07
N GLU B 80 20.55 -9.86 -30.85
CA GLU B 80 21.44 -10.83 -30.24
C GLU B 80 20.78 -12.10 -29.49
N LEU B 81 19.92 -12.86 -30.14
CA LEU B 81 19.11 -13.85 -29.31
C LEU B 81 18.36 -14.64 -30.34
N LEU B 82 18.04 -14.11 -31.51
CA LEU B 82 17.37 -14.98 -32.54
C LEU B 82 17.74 -14.79 -34.03
N SER B 83 17.84 -15.82 -34.81
CA SER B 83 18.28 -15.60 -36.13
C SER B 83 17.34 -14.41 -36.69
N ASN B 84 16.03 -14.65 -36.88
CA ASN B 84 15.63 -13.64 -37.87
C ASN B 84 14.49 -13.07 -37.22
N PRO B 85 14.78 -12.26 -36.16
CA PRO B 85 13.80 -11.62 -35.22
C PRO B 85 12.72 -10.88 -36.12
N GLN B 86 11.49 -10.67 -35.60
CA GLN B 86 10.37 -10.13 -36.45
C GLN B 86 9.70 -9.21 -35.47
N PHE B 87 9.68 -7.89 -35.77
CA PHE B 87 8.79 -7.01 -35.08
C PHE B 87 7.41 -7.36 -35.07
N ILE B 88 6.86 -7.39 -36.17
CA ILE B 88 5.38 -7.80 -36.27
C ILE B 88 5.11 -8.15 -37.52
N VAL B 89 5.02 -9.37 -37.73
CA VAL B 89 4.63 -9.84 -39.09
C VAL B 89 3.56 -10.63 -38.73
N ASP B 90 2.36 -10.06 -38.83
CA ASP B 90 1.23 -10.92 -38.64
C ASP B 90 0.23 -10.75 -39.80
N GLY B 91 -0.14 -11.88 -40.36
CA GLY B 91 -1.55 -12.00 -40.63
C GLY B 91 -2.16 -12.84 -39.52
N ALA B 92 -1.47 -13.91 -38.97
CA ALA B 92 -1.79 -14.80 -37.77
C ALA B 92 -3.01 -14.40 -37.01
N THR B 93 -3.57 -15.41 -36.34
CA THR B 93 -4.91 -15.63 -36.11
C THR B 93 -4.73 -16.26 -34.69
N ARG B 94 -3.73 -17.09 -34.52
CA ARG B 94 -3.36 -17.33 -33.12
C ARG B 94 -2.30 -16.39 -32.55
N THR B 95 -2.08 -16.48 -31.21
CA THR B 95 -1.07 -15.83 -30.22
C THR B 95 -0.35 -16.73 -29.14
N ASP B 96 0.92 -16.38 -28.97
CA ASP B 96 1.73 -17.15 -27.97
C ASP B 96 2.33 -16.40 -27.02
N ILE B 97 2.21 -15.12 -27.11
CA ILE B 97 2.35 -14.34 -25.92
C ILE B 97 2.06 -15.04 -24.52
N CYS B 98 3.10 -14.84 -23.76
CA CYS B 98 3.23 -15.14 -22.36
C CYS B 98 3.77 -14.11 -21.48
N GLN B 99 3.38 -14.04 -20.26
CA GLN B 99 3.99 -13.13 -19.43
C GLN B 99 5.52 -13.36 -19.14
N GLY B 100 6.33 -12.39 -18.73
CA GLY B 100 7.57 -12.79 -18.05
C GLY B 100 7.55 -13.60 -16.73
N ALA B 101 8.65 -14.25 -16.36
CA ALA B 101 8.63 -15.04 -15.10
C ALA B 101 9.22 -14.19 -13.98
N LEU B 102 9.20 -12.91 -14.26
CA LEU B 102 9.55 -11.80 -13.33
C LEU B 102 8.40 -10.75 -13.46
N GLY B 103 7.28 -11.12 -14.07
CA GLY B 103 6.22 -10.18 -14.37
C GLY B 103 4.80 -10.49 -13.78
N ASP B 104 3.71 -9.84 -14.30
CA ASP B 104 2.38 -10.19 -13.71
C ASP B 104 1.42 -10.48 -14.88
N SER B 105 0.16 -10.33 -14.81
CA SER B 105 -0.49 -10.87 -15.84
C SER B 105 -1.68 -10.08 -16.28
N TRP B 106 -2.02 -9.09 -15.51
CA TRP B 106 -2.94 -8.15 -15.98
C TRP B 106 -2.74 -7.48 -17.36
N LEU B 107 -1.55 -7.31 -17.82
CA LEU B 107 -1.27 -6.61 -19.10
C LEU B 107 -1.44 -7.56 -20.24
N LEU B 108 -1.29 -8.79 -19.98
CA LEU B 108 -1.44 -9.87 -20.95
C LEU B 108 -2.84 -9.93 -21.62
N ALA B 109 -3.95 -9.61 -20.86
CA ALA B 109 -5.24 -9.59 -21.52
C ALA B 109 -5.41 -8.63 -22.73
N ALA B 110 -4.75 -7.54 -22.41
CA ALA B 110 -4.66 -6.35 -23.23
C ALA B 110 -3.96 -6.52 -24.45
N ILE B 111 -2.78 -6.98 -24.20
CA ILE B 111 -2.03 -7.09 -25.36
C ILE B 111 -2.64 -8.03 -26.31
N ALA B 112 -3.00 -9.20 -25.74
CA ALA B 112 -3.49 -10.35 -26.60
C ALA B 112 -4.90 -9.93 -27.36
N SER B 113 -5.72 -9.16 -26.60
CA SER B 113 -6.89 -8.71 -27.15
C SER B 113 -6.59 -7.84 -28.40
N LEU B 114 -5.49 -7.03 -28.29
CA LEU B 114 -5.18 -6.29 -29.42
C LEU B 114 -4.84 -7.17 -30.51
N THR B 115 -5.04 -8.53 -30.41
CA THR B 115 -4.65 -9.36 -31.57
C THR B 115 -5.78 -9.73 -32.32
N LEU B 116 -6.74 -9.74 -31.55
CA LEU B 116 -7.95 -10.10 -32.18
C LEU B 116 -8.38 -9.08 -33.28
N ASN B 117 -8.18 -7.84 -33.03
CA ASN B 117 -8.36 -6.85 -34.11
C ASN B 117 -7.08 -6.06 -34.72
N GLU B 118 -6.81 -6.39 -35.95
CA GLU B 118 -5.81 -5.70 -36.57
C GLU B 118 -5.92 -4.18 -36.71
N THR B 119 -6.89 -3.57 -37.27
CA THR B 119 -6.68 -2.12 -37.35
C THR B 119 -6.67 -1.50 -35.93
N ILE B 120 -7.33 -2.11 -34.88
CA ILE B 120 -7.21 -1.58 -33.54
C ILE B 120 -5.79 -1.72 -33.01
N LEU B 121 -4.94 -2.72 -33.42
CA LEU B 121 -3.51 -2.87 -33.17
C LEU B 121 -2.55 -1.95 -33.76
N HIS B 122 -2.63 -1.77 -35.07
CA HIS B 122 -1.67 -0.86 -35.80
C HIS B 122 -2.01 0.55 -35.46
N ARG B 123 -3.07 0.77 -34.68
CA ARG B 123 -3.02 2.06 -34.06
C ARG B 123 -2.10 2.41 -32.99
N VAL B 124 -1.61 1.36 -32.35
CA VAL B 124 -0.76 1.44 -31.25
C VAL B 124 0.60 1.08 -31.90
N VAL B 125 0.70 0.19 -32.83
CA VAL B 125 2.00 -0.27 -33.36
C VAL B 125 2.04 0.07 -34.82
N PRO B 126 2.63 1.21 -34.97
CA PRO B 126 2.90 1.74 -36.32
C PRO B 126 3.47 0.79 -37.35
N TYR B 127 3.17 0.93 -38.61
CA TYR B 127 3.69 0.09 -39.71
C TYR B 127 5.14 0.55 -39.97
N GLY B 128 5.89 -0.01 -40.83
CA GLY B 128 7.25 0.48 -41.01
C GLY B 128 8.41 -0.04 -40.22
N GLN B 129 8.04 -0.46 -39.04
CA GLN B 129 8.86 -1.12 -38.09
C GLN B 129 9.44 -2.46 -38.50
N SER B 130 10.77 -2.60 -38.62
CA SER B 130 11.58 -3.70 -38.87
C SER B 130 13.09 -3.74 -38.31
N PHE B 131 13.63 -4.94 -38.15
CA PHE B 131 15.04 -5.21 -37.83
C PHE B 131 15.80 -5.60 -39.09
N GLN B 132 15.20 -5.87 -40.24
CA GLN B 132 15.87 -6.03 -41.47
C GLN B 132 16.13 -4.72 -42.28
N GLU B 133 15.13 -4.02 -42.68
CA GLU B 133 15.32 -2.67 -43.45
C GLU B 133 15.13 -1.37 -42.59
N GLY B 134 16.15 -0.53 -42.39
CA GLY B 134 16.26 0.82 -41.74
C GLY B 134 16.16 0.54 -40.32
N TYR B 135 16.88 -0.55 -39.87
CA TYR B 135 16.79 -1.06 -38.61
C TYR B 135 17.39 -0.01 -37.78
N ALA B 136 18.60 -0.03 -37.33
CA ALA B 136 18.87 1.13 -36.16
C ALA B 136 18.40 1.07 -34.70
N GLY B 137 17.80 -0.03 -34.28
CA GLY B 137 17.57 -0.23 -32.88
C GLY B 137 16.61 0.73 -32.18
N ILE B 138 15.52 1.15 -32.82
CA ILE B 138 14.44 2.17 -32.28
C ILE B 138 13.12 1.98 -33.01
N PHE B 139 12.10 2.05 -32.30
CA PHE B 139 10.91 1.65 -32.55
C PHE B 139 10.00 2.61 -31.71
N HIS B 140 8.70 2.75 -32.12
CA HIS B 140 7.71 3.64 -31.35
C HIS B 140 6.33 3.27 -31.24
N PHE B 141 5.63 3.63 -30.13
CA PHE B 141 4.23 3.20 -30.00
C PHE B 141 3.33 4.36 -29.71
N GLN B 142 2.13 4.34 -30.21
CA GLN B 142 1.23 5.32 -29.67
C GLN B 142 0.38 4.82 -28.62
N LEU B 143 0.53 5.50 -27.54
CA LEU B 143 -0.38 5.32 -26.34
C LEU B 143 -1.35 6.39 -25.95
N TRP B 144 -2.48 6.11 -25.45
CA TRP B 144 -3.45 7.21 -25.07
C TRP B 144 -3.13 7.41 -23.62
N GLN B 145 -2.64 8.58 -23.41
CA GLN B 145 -2.50 9.08 -22.05
C GLN B 145 -3.53 10.20 -21.61
N PHE B 146 -4.30 9.83 -20.69
CA PHE B 146 -5.23 10.83 -19.97
C PHE B 146 -5.87 11.79 -20.89
N GLY B 147 -6.47 11.19 -21.88
CA GLY B 147 -7.28 11.70 -22.93
C GLY B 147 -6.53 12.16 -24.14
N GLU B 148 -5.19 12.14 -24.33
CA GLU B 148 -4.54 12.47 -25.56
C GLU B 148 -3.65 11.36 -26.09
N TRP B 149 -3.53 11.30 -27.41
CA TRP B 149 -2.57 10.45 -28.02
C TRP B 149 -1.06 10.89 -27.92
N VAL B 150 -0.33 10.14 -27.13
CA VAL B 150 1.18 10.26 -27.13
C VAL B 150 2.05 9.16 -28.07
N ASP B 151 2.93 9.65 -28.89
CA ASP B 151 3.80 8.85 -29.59
C ASP B 151 5.07 8.66 -28.66
N VAL B 152 5.55 7.43 -28.54
CA VAL B 152 6.65 7.04 -27.66
C VAL B 152 7.75 6.16 -28.33
N VAL B 153 8.95 6.56 -28.22
CA VAL B 153 10.03 6.02 -28.89
C VAL B 153 10.77 5.29 -27.80
N VAL B 154 11.40 4.24 -28.30
CA VAL B 154 12.08 3.25 -27.38
C VAL B 154 13.13 2.44 -28.12
N ASP B 155 14.21 2.05 -27.34
CA ASP B 155 15.29 1.24 -27.98
C ASP B 155 15.00 -0.20 -27.73
N ASP B 156 15.52 -1.15 -28.59
CA ASP B 156 15.25 -2.53 -28.31
C ASP B 156 16.12 -3.23 -27.13
N LEU B 157 16.32 -2.56 -26.02
CA LEU B 157 17.08 -3.32 -24.96
C LEU B 157 16.15 -3.92 -23.94
N LEU B 158 16.15 -5.19 -24.03
CA LEU B 158 15.22 -6.00 -23.19
C LEU B 158 15.93 -6.61 -21.99
N PRO B 159 15.31 -6.45 -20.81
CA PRO B 159 15.62 -7.25 -19.65
C PRO B 159 15.71 -8.71 -19.86
N THR B 160 16.87 -9.22 -19.67
CA THR B 160 16.98 -10.52 -19.82
C THR B 160 17.89 -11.17 -18.75
N LYS B 161 17.45 -12.41 -18.38
CA LYS B 161 18.13 -13.43 -17.43
C LYS B 161 18.49 -14.85 -18.11
N ASP B 162 19.61 -15.38 -17.66
CA ASP B 162 20.03 -16.58 -18.20
C ASP B 162 19.86 -16.42 -19.88
N GLY B 163 19.54 -15.31 -20.46
CA GLY B 163 19.49 -15.22 -21.88
C GLY B 163 18.06 -15.45 -22.55
N LYS B 164 17.03 -15.48 -21.74
CA LYS B 164 15.64 -15.59 -22.08
C LYS B 164 14.89 -14.32 -21.55
N LEU B 165 13.79 -13.78 -22.20
CA LEU B 165 13.29 -12.46 -21.70
C LEU B 165 12.45 -12.61 -20.55
N VAL B 166 12.43 -11.65 -19.62
CA VAL B 166 11.84 -12.00 -18.26
C VAL B 166 10.49 -11.31 -18.04
N PHE B 167 10.06 -10.49 -19.03
CA PHE B 167 8.79 -9.84 -18.94
C PHE B 167 8.12 -10.43 -20.24
N VAL B 168 7.15 -9.67 -20.74
CA VAL B 168 6.14 -10.27 -21.57
C VAL B 168 6.88 -10.61 -22.77
N HIS B 169 6.75 -11.79 -23.27
CA HIS B 169 7.29 -12.05 -24.48
C HIS B 169 6.57 -13.18 -25.28
N SER B 170 6.89 -13.28 -26.60
CA SER B 170 6.42 -14.38 -27.30
C SER B 170 7.11 -15.69 -26.76
N ALA B 171 6.31 -16.50 -26.12
CA ALA B 171 6.71 -17.74 -25.50
C ALA B 171 7.34 -18.63 -26.60
N GLN B 172 8.47 -18.15 -27.02
CA GLN B 172 9.17 -18.76 -28.09
C GLN B 172 8.41 -18.78 -29.48
N GLY B 173 9.16 -18.23 -30.43
CA GLY B 173 8.90 -17.96 -31.84
C GLY B 173 9.04 -16.51 -32.37
N ASN B 174 7.99 -16.04 -32.96
CA ASN B 174 8.23 -14.85 -33.66
C ASN B 174 7.28 -13.90 -33.00
N GLU B 175 7.78 -12.62 -33.14
CA GLU B 175 7.14 -11.38 -32.81
C GLU B 175 7.84 -10.77 -31.60
N PHE B 176 8.72 -9.81 -31.73
CA PHE B 176 9.01 -8.87 -30.69
C PHE B 176 8.07 -7.58 -30.45
N TRP B 177 7.20 -7.25 -31.31
CA TRP B 177 6.28 -6.14 -30.91
C TRP B 177 5.59 -6.14 -29.55
N SER B 178 5.11 -7.30 -29.13
CA SER B 178 4.43 -7.34 -27.71
C SER B 178 5.44 -6.90 -26.60
N ALA B 179 6.76 -7.37 -26.84
CA ALA B 179 7.68 -7.14 -25.74
C ALA B 179 7.98 -5.63 -25.69
N LEU B 180 8.40 -5.02 -26.86
CA LEU B 180 8.60 -3.54 -26.83
C LEU B 180 7.31 -2.64 -26.51
N LEU B 181 6.07 -3.22 -26.84
CA LEU B 181 4.90 -2.50 -26.49
C LEU B 181 4.93 -2.38 -25.11
N GLU B 182 5.26 -3.49 -24.48
CA GLU B 182 5.66 -3.37 -22.93
C GLU B 182 6.63 -2.39 -22.40
N LYS B 183 7.70 -2.18 -23.12
CA LYS B 183 8.68 -1.26 -22.58
C LYS B 183 8.29 0.19 -22.78
N ALA B 184 7.66 0.53 -23.85
CA ALA B 184 7.16 1.88 -23.98
C ALA B 184 6.19 2.16 -22.86
N TYR B 185 5.27 1.27 -22.62
CA TYR B 185 4.39 1.51 -21.48
C TYR B 185 5.00 1.54 -20.21
N ALA B 186 6.07 0.93 -20.05
CA ALA B 186 6.84 1.32 -18.86
C ALA B 186 7.54 2.62 -18.86
N LYS B 187 8.27 2.89 -19.87
CA LYS B 187 8.78 4.22 -19.88
C LYS B 187 7.73 5.28 -19.47
N VAL B 188 6.50 5.22 -19.94
CA VAL B 188 5.48 6.43 -19.87
C VAL B 188 5.15 6.29 -18.38
N ASN B 189 4.99 5.09 -17.90
CA ASN B 189 4.72 5.00 -16.60
C ASN B 189 5.81 5.05 -15.65
N GLY B 190 6.91 5.77 -15.98
CA GLY B 190 8.21 5.90 -15.17
C GLY B 190 9.10 4.67 -15.00
N SER B 191 8.58 3.47 -14.82
CA SER B 191 9.53 2.31 -14.92
C SER B 191 8.67 1.04 -14.87
N TYR B 192 9.38 -0.09 -14.91
CA TYR B 192 8.63 -1.26 -14.98
C TYR B 192 7.85 -1.43 -13.72
N GLU B 193 8.18 -0.66 -12.69
CA GLU B 193 7.79 -0.93 -11.28
C GLU B 193 6.68 -0.11 -11.31
N ALA B 194 6.72 1.26 -11.49
CA ALA B 194 5.54 2.06 -11.49
C ALA B 194 4.49 1.61 -12.40
N LEU B 195 4.79 0.77 -13.26
CA LEU B 195 3.79 0.14 -14.24
C LEU B 195 3.22 -1.15 -13.73
N SER B 196 3.35 -1.31 -12.43
CA SER B 196 2.91 -2.61 -11.76
C SER B 196 1.74 -2.45 -10.73
N GLY B 197 0.93 -3.50 -10.75
CA GLY B 197 -0.49 -3.36 -10.28
C GLY B 197 -1.58 -2.49 -11.07
N GLY B 198 -1.18 -1.68 -12.07
CA GLY B 198 -2.12 -1.38 -13.12
C GLY B 198 -3.30 -2.42 -13.13
N CYS B 199 -4.51 -1.87 -13.56
CA CYS B 199 -5.80 -2.64 -13.81
C CYS B 199 -5.58 -3.26 -15.29
N THR B 200 -6.31 -4.20 -15.85
CA THR B 200 -6.03 -4.60 -17.39
C THR B 200 -7.04 -3.73 -18.29
N SER B 201 -8.02 -3.18 -17.64
CA SER B 201 -8.80 -2.18 -18.19
C SER B 201 -8.02 -0.99 -18.42
N GLU B 202 -7.42 -0.47 -17.48
CA GLU B 202 -6.58 0.64 -17.75
C GLU B 202 -5.46 0.40 -18.71
N ALA B 203 -5.13 -0.78 -18.98
CA ALA B 203 -4.32 -0.88 -20.14
C ALA B 203 -5.14 -0.80 -21.48
N PHE B 204 -6.41 -1.27 -21.52
CA PHE B 204 -7.21 -1.15 -22.67
C PHE B 204 -7.40 0.39 -23.07
N GLU B 205 -7.63 1.26 -22.17
CA GLU B 205 -7.98 2.64 -22.48
C GLU B 205 -6.71 3.12 -23.08
N ASP B 206 -5.58 2.90 -22.33
CA ASP B 206 -4.25 3.35 -22.86
C ASP B 206 -3.97 2.62 -24.21
N PHE B 207 -4.46 1.44 -24.46
CA PHE B 207 -4.25 0.90 -25.72
C PHE B 207 -5.30 1.30 -26.93
N THR B 208 -6.43 1.82 -26.56
CA THR B 208 -7.53 1.83 -27.45
C THR B 208 -8.00 3.22 -27.62
N GLY B 209 -8.02 3.83 -26.45
CA GLY B 209 -8.51 5.17 -26.34
C GLY B 209 -10.01 5.14 -25.90
N GLY B 210 -10.68 4.04 -25.81
CA GLY B 210 -12.12 4.18 -25.54
C GLY B 210 -12.48 4.05 -24.05
N VAL B 211 -13.69 3.67 -23.71
CA VAL B 211 -14.22 3.75 -22.33
C VAL B 211 -14.53 2.41 -21.87
N THR B 212 -14.72 2.28 -20.66
CA THR B 212 -14.81 0.87 -20.24
C THR B 212 -15.85 0.65 -19.30
N GLU B 213 -16.35 -0.47 -19.36
CA GLU B 213 -17.47 -0.81 -18.51
C GLU B 213 -17.53 -2.37 -18.13
N TRP B 214 -17.75 -2.68 -16.89
CA TRP B 214 -17.66 -4.10 -16.46
C TRP B 214 -18.92 -4.61 -15.85
N TYR B 215 -19.15 -5.90 -15.96
CA TYR B 215 -20.36 -6.37 -15.39
C TYR B 215 -19.82 -7.71 -14.71
N ASP B 216 -20.36 -7.86 -13.54
CA ASP B 216 -20.35 -9.03 -12.74
C ASP B 216 -21.45 -9.82 -13.26
N LEU B 217 -20.99 -10.86 -14.01
CA LEU B 217 -21.87 -11.99 -14.66
C LEU B 217 -22.74 -12.74 -13.63
N GLN B 218 -22.38 -12.75 -12.38
CA GLN B 218 -22.96 -13.72 -11.45
C GLN B 218 -24.14 -12.95 -10.92
N LYS B 219 -24.24 -11.83 -11.46
CA LYS B 219 -25.35 -10.90 -11.19
C LYS B 219 -25.62 -9.82 -12.44
N ALA B 220 -26.02 -10.29 -13.70
CA ALA B 220 -26.16 -9.57 -14.96
C ALA B 220 -27.47 -8.97 -14.99
N PRO B 221 -27.50 -7.82 -15.47
CA PRO B 221 -28.80 -7.19 -15.50
C PRO B 221 -29.48 -7.95 -16.66
N SER B 222 -30.78 -8.17 -16.57
CA SER B 222 -31.55 -8.66 -17.65
C SER B 222 -31.34 -8.00 -18.99
N ASP B 223 -30.93 -6.71 -19.17
CA ASP B 223 -30.73 -6.08 -20.46
C ASP B 223 -29.42 -6.21 -20.89
N LEU B 224 -28.84 -7.21 -20.46
CA LEU B 224 -27.44 -7.45 -20.76
C LEU B 224 -27.12 -8.02 -22.18
N TYR B 225 -28.03 -8.81 -22.67
CA TYR B 225 -27.86 -9.52 -23.85
C TYR B 225 -27.94 -8.67 -24.92
N GLN B 226 -28.69 -7.51 -24.80
CA GLN B 226 -28.91 -6.38 -25.75
C GLN B 226 -27.69 -5.29 -25.46
N ILE B 227 -27.31 -4.97 -24.20
CA ILE B 227 -26.01 -4.37 -24.11
C ILE B 227 -24.86 -5.16 -24.90
N ILE B 228 -24.76 -6.40 -24.72
CA ILE B 228 -23.74 -6.94 -25.53
C ILE B 228 -23.90 -6.77 -27.00
N LEU B 229 -24.98 -7.23 -27.51
CA LEU B 229 -25.45 -6.85 -28.95
C LEU B 229 -25.32 -5.41 -29.47
N LYS B 230 -25.78 -4.41 -28.73
CA LYS B 230 -25.44 -3.02 -29.14
C LYS B 230 -23.92 -2.91 -29.19
N ALA B 231 -23.23 -3.67 -28.33
CA ALA B 231 -21.65 -3.56 -28.13
C ALA B 231 -20.99 -4.16 -29.25
N LEU B 232 -21.57 -5.15 -29.73
CA LEU B 232 -20.98 -5.71 -30.88
C LEU B 232 -21.13 -4.88 -32.14
N GLU B 233 -22.17 -4.09 -32.29
CA GLU B 233 -22.40 -3.54 -33.66
C GLU B 233 -21.82 -2.20 -33.70
N ARG B 234 -21.52 -1.75 -32.51
CA ARG B 234 -20.64 -0.57 -32.30
C ARG B 234 -19.14 -0.90 -32.35
N GLY B 235 -18.78 -2.21 -32.46
CA GLY B 235 -17.32 -2.55 -32.66
C GLY B 235 -16.43 -2.84 -31.41
N SER B 236 -17.12 -2.70 -30.32
CA SER B 236 -16.45 -2.88 -29.14
C SER B 236 -15.62 -4.13 -28.92
N LEU B 237 -14.69 -4.10 -28.06
CA LEU B 237 -13.96 -5.39 -27.43
C LEU B 237 -14.59 -5.95 -26.06
N LEU B 238 -15.30 -7.00 -26.04
CA LEU B 238 -15.75 -7.53 -24.81
C LEU B 238 -14.73 -8.72 -24.39
N GLY B 239 -14.11 -8.61 -23.18
CA GLY B 239 -13.27 -9.70 -22.64
C GLY B 239 -13.92 -10.27 -21.33
N CYS B 240 -13.81 -11.60 -21.26
CA CYS B 240 -14.34 -12.30 -20.16
C CYS B 240 -13.40 -13.07 -19.40
N SER B 241 -13.80 -13.35 -18.17
CA SER B 241 -12.71 -13.95 -17.32
C SER B 241 -13.27 -14.54 -16.20
N ILE B 242 -12.60 -15.60 -15.66
CA ILE B 242 -13.15 -16.37 -14.45
C ILE B 242 -12.54 -16.17 -13.12
N ASN B 243 -13.30 -16.15 -12.01
CA ASN B 243 -12.94 -15.69 -10.46
C ASN B 243 -12.23 -14.28 -10.42
N LYS B 256 -17.86 -28.77 -16.35
CA LYS B 256 -16.77 -27.97 -17.19
C LYS B 256 -15.66 -27.03 -16.60
N ASN B 257 -14.97 -27.50 -15.58
CA ASN B 257 -14.03 -26.65 -14.92
C ASN B 257 -12.79 -26.36 -15.82
N LEU B 258 -13.05 -25.57 -16.93
CA LEU B 258 -12.04 -25.26 -17.98
C LEU B 258 -11.56 -23.94 -17.64
N VAL B 259 -10.29 -23.69 -17.91
CA VAL B 259 -9.46 -22.54 -17.41
C VAL B 259 -7.87 -22.45 -18.09
N GLY B 261 -3.01 -16.61 -15.95
CA GLY B 261 -4.10 -15.58 -16.04
C GLY B 261 -4.54 -15.17 -17.52
N HIS B 262 -5.04 -16.17 -18.36
CA HIS B 262 -5.48 -15.93 -19.81
C HIS B 262 -6.83 -15.12 -19.93
N ALA B 263 -7.73 -15.37 -20.94
CA ALA B 263 -8.97 -14.43 -21.17
C ALA B 263 -9.46 -14.49 -22.47
N TYR B 264 -10.73 -14.63 -22.46
CA TYR B 264 -11.36 -14.92 -23.67
C TYR B 264 -12.19 -13.75 -24.12
N SER B 265 -12.40 -13.63 -25.42
CA SER B 265 -13.17 -12.47 -25.78
C SER B 265 -14.53 -12.76 -26.45
N VAL B 266 -15.56 -11.98 -26.34
CA VAL B 266 -16.77 -12.22 -26.95
C VAL B 266 -16.76 -11.62 -28.31
N THR B 267 -17.02 -12.47 -29.27
CA THR B 267 -17.07 -12.07 -30.53
C THR B 267 -18.38 -12.40 -31.17
N ASP B 268 -19.10 -11.58 -31.78
CA ASP B 268 -20.36 -12.13 -32.24
C ASP B 268 -21.34 -12.78 -31.25
N ALA B 269 -22.66 -12.69 -31.58
CA ALA B 269 -23.86 -13.01 -30.62
C ALA B 269 -25.13 -13.06 -31.36
N LYS B 270 -25.86 -14.15 -31.36
CA LYS B 270 -26.89 -14.43 -32.42
C LYS B 270 -27.85 -15.28 -31.82
N GLN B 271 -29.14 -15.09 -32.06
CA GLN B 271 -30.21 -15.88 -31.43
C GLN B 271 -30.85 -16.72 -32.56
N VAL B 272 -31.17 -18.02 -32.32
CA VAL B 272 -31.51 -19.02 -33.37
C VAL B 272 -32.65 -19.79 -32.88
N THR B 273 -33.09 -20.65 -33.70
CA THR B 273 -34.22 -21.37 -33.39
C THR B 273 -33.81 -22.88 -33.17
N TYR B 274 -34.28 -23.39 -32.06
CA TYR B 274 -34.11 -24.74 -31.76
C TYR B 274 -35.36 -25.41 -30.99
N GLN B 275 -35.81 -26.67 -31.40
CA GLN B 275 -36.86 -27.40 -30.81
C GLN B 275 -37.74 -26.33 -30.48
N GLY B 276 -38.13 -25.39 -31.36
CA GLY B 276 -39.43 -24.76 -30.98
C GLY B 276 -39.15 -23.33 -30.89
N GLN B 277 -38.13 -22.86 -30.07
CA GLN B 277 -38.01 -21.51 -29.82
C GLN B 277 -36.71 -21.07 -29.90
N ARG B 278 -36.53 -19.72 -29.65
CA ARG B 278 -35.35 -18.93 -29.83
C ARG B 278 -34.42 -18.95 -28.59
N VAL B 279 -33.18 -19.34 -28.81
CA VAL B 279 -32.13 -19.30 -27.73
C VAL B 279 -31.08 -18.29 -27.99
N ASN B 280 -30.60 -17.66 -26.91
CA ASN B 280 -29.55 -16.68 -26.98
C ASN B 280 -28.13 -17.28 -27.10
N LEU B 281 -27.48 -17.00 -28.24
CA LEU B 281 -26.15 -17.53 -28.39
C LEU B 281 -25.06 -16.44 -28.28
N ILE B 282 -23.82 -16.96 -27.92
CA ILE B 282 -22.68 -16.25 -27.69
C ILE B 282 -21.42 -16.90 -28.14
N ARG B 283 -20.53 -16.16 -28.86
CA ARG B 283 -19.39 -16.92 -29.37
C ARG B 283 -18.25 -16.40 -28.78
N MET B 284 -17.30 -17.22 -28.64
CA MET B 284 -16.11 -16.89 -27.76
C MET B 284 -14.91 -17.19 -28.65
N ARG B 285 -13.81 -16.41 -28.42
CA ARG B 285 -12.51 -16.85 -28.96
C ARG B 285 -11.52 -16.90 -27.92
N ASN B 286 -10.57 -17.87 -27.99
CA ASN B 286 -9.30 -17.72 -27.25
C ASN B 286 -8.16 -17.25 -28.15
N PRO B 287 -7.68 -16.05 -28.02
CA PRO B 287 -6.57 -15.44 -28.75
C PRO B 287 -5.39 -16.35 -28.87
N TRP B 288 -5.26 -17.17 -27.82
CA TRP B 288 -4.26 -18.27 -27.89
C TRP B 288 -4.57 -19.51 -28.75
N GLY B 289 -5.81 -19.65 -29.22
CA GLY B 289 -6.30 -20.75 -29.99
C GLY B 289 -6.89 -22.01 -29.48
N GLU B 290 -6.75 -22.29 -28.19
CA GLU B 290 -7.28 -23.61 -27.57
C GLU B 290 -8.83 -23.70 -27.37
N VAL B 291 -9.44 -24.83 -27.45
CA VAL B 291 -10.83 -24.79 -27.29
C VAL B 291 -11.39 -24.98 -26.00
N GLU B 292 -11.58 -26.24 -25.67
CA GLU B 292 -11.76 -26.63 -24.20
C GLU B 292 -13.20 -26.21 -23.90
N TRP B 293 -14.04 -26.60 -24.84
CA TRP B 293 -15.43 -26.37 -24.62
C TRP B 293 -16.15 -27.61 -25.11
N LYS B 294 -16.47 -28.49 -24.17
CA LYS B 294 -16.95 -29.72 -24.66
C LYS B 294 -18.52 -29.41 -24.88
N GLY B 295 -19.08 -29.98 -26.00
CA GLY B 295 -20.09 -29.29 -27.04
C GLY B 295 -19.86 -27.94 -27.88
N PRO B 296 -20.20 -27.78 -29.12
CA PRO B 296 -19.80 -26.60 -29.74
C PRO B 296 -21.19 -25.68 -29.59
N TRP B 297 -21.94 -26.04 -28.52
CA TRP B 297 -22.90 -25.15 -27.91
C TRP B 297 -23.20 -25.52 -26.41
N SER B 298 -23.17 -26.72 -26.01
CA SER B 298 -22.99 -26.78 -24.49
C SER B 298 -21.78 -27.68 -24.39
N GLU B 303 -24.22 -31.76 -29.95
CA GLU B 303 -25.64 -31.87 -30.36
C GLU B 303 -25.93 -30.95 -31.47
N TRP B 304 -25.21 -29.76 -31.41
CA TRP B 304 -24.91 -28.59 -32.42
C TRP B 304 -25.09 -28.99 -33.79
N ASN B 305 -24.94 -30.29 -34.07
CA ASN B 305 -25.42 -31.03 -35.24
C ASN B 305 -26.98 -31.38 -35.10
N ASP B 308 -30.07 -28.34 -37.63
CA ASP B 308 -31.04 -27.22 -38.00
C ASP B 308 -30.03 -26.32 -38.95
N PRO B 309 -29.79 -26.72 -40.26
CA PRO B 309 -28.52 -26.15 -40.90
C PRO B 309 -28.74 -24.66 -41.24
N TYR B 310 -30.01 -24.19 -41.44
CA TYR B 310 -30.25 -23.00 -42.23
C TYR B 310 -30.36 -22.04 -41.24
N GLU B 311 -30.19 -22.45 -39.93
CA GLU B 311 -30.16 -21.63 -38.61
C GLU B 311 -28.75 -21.70 -37.82
N ARG B 312 -27.85 -22.50 -38.35
CA ARG B 312 -26.40 -22.81 -38.10
C ARG B 312 -25.53 -22.37 -39.27
N GLU B 313 -26.00 -22.14 -40.42
CA GLU B 313 -25.09 -21.67 -41.44
C GLU B 313 -24.44 -20.40 -41.19
N GLN B 314 -24.89 -19.73 -40.07
CA GLN B 314 -24.37 -18.48 -39.48
C GLN B 314 -23.40 -18.99 -38.29
N LEU B 315 -22.46 -19.68 -38.81
CA LEU B 315 -21.53 -20.40 -38.05
C LEU B 315 -20.34 -20.13 -38.73
N ARG B 316 -20.40 -20.24 -40.07
CA ARG B 316 -19.26 -20.05 -40.91
C ARG B 316 -18.59 -18.70 -40.68
N VAL B 317 -19.27 -17.76 -41.28
CA VAL B 317 -18.88 -16.44 -41.32
C VAL B 317 -17.38 -16.21 -40.79
N LYS B 318 -16.22 -16.64 -41.42
CA LYS B 318 -14.88 -16.20 -40.94
C LYS B 318 -14.74 -16.52 -39.40
N MET B 319 -15.35 -17.62 -39.04
CA MET B 319 -15.29 -18.02 -37.62
C MET B 319 -13.82 -18.30 -37.33
N GLU B 320 -13.01 -17.24 -37.07
CA GLU B 320 -11.55 -17.35 -36.91
C GLU B 320 -10.99 -18.53 -35.94
N ASP B 321 -9.64 -18.51 -35.68
CA ASP B 321 -9.08 -19.59 -34.81
C ASP B 321 -9.67 -19.62 -33.41
N GLY B 322 -9.39 -20.78 -32.72
CA GLY B 322 -10.18 -21.12 -31.50
C GLY B 322 -11.40 -20.12 -31.09
N GLU B 323 -12.39 -20.04 -32.06
CA GLU B 323 -13.85 -19.65 -31.89
C GLU B 323 -14.88 -20.82 -31.40
N PHE B 324 -15.87 -20.52 -30.55
CA PHE B 324 -16.71 -21.38 -30.14
C PHE B 324 -17.86 -20.81 -29.70
N TRP B 325 -18.99 -21.52 -29.97
CA TRP B 325 -20.35 -21.04 -29.66
C TRP B 325 -20.87 -21.58 -28.33
N MET B 326 -21.59 -20.74 -27.64
CA MET B 326 -22.24 -21.13 -26.53
C MET B 326 -23.56 -20.39 -26.12
N SER B 327 -24.32 -21.08 -25.15
CA SER B 327 -25.70 -20.53 -24.71
C SER B 327 -25.43 -19.20 -23.94
N PHE B 328 -26.11 -18.17 -24.25
CA PHE B 328 -25.88 -16.96 -23.35
C PHE B 328 -25.97 -17.34 -21.96
N ARG B 329 -26.69 -18.40 -21.64
CA ARG B 329 -26.86 -18.79 -20.34
C ARG B 329 -25.39 -19.46 -19.79
N ASP B 330 -24.19 -18.65 -20.02
CA ASP B 330 -22.82 -18.82 -19.77
C ASP B 330 -22.62 -17.57 -18.82
N PHE B 331 -23.61 -16.93 -18.26
CA PHE B 331 -23.28 -16.24 -17.10
C PHE B 331 -22.86 -17.04 -15.99
N ILE B 332 -22.79 -18.29 -16.29
CA ILE B 332 -22.41 -19.27 -15.35
C ILE B 332 -20.93 -19.58 -15.43
N ARG B 333 -20.45 -20.06 -16.59
CA ARG B 333 -18.94 -20.20 -16.82
C ARG B 333 -18.40 -18.69 -17.07
N GLU B 334 -17.21 -18.28 -16.65
CA GLU B 334 -16.83 -16.70 -16.66
C GLU B 334 -17.66 -15.79 -15.80
N PHE B 335 -16.95 -14.84 -15.14
CA PHE B 335 -17.45 -14.08 -13.93
C PHE B 335 -17.60 -12.56 -14.25
N THR B 336 -16.68 -12.04 -14.96
CA THR B 336 -16.70 -10.63 -15.11
C THR B 336 -16.62 -10.61 -16.61
N LYS B 337 -17.26 -9.55 -17.13
CA LYS B 337 -17.34 -9.26 -18.50
C LYS B 337 -16.95 -7.86 -18.54
N LEU B 338 -16.00 -7.47 -19.32
CA LEU B 338 -15.55 -6.08 -19.36
C LEU B 338 -15.34 -5.78 -20.74
N GLU B 339 -16.06 -4.71 -21.24
CA GLU B 339 -15.83 -4.00 -22.61
C GLU B 339 -15.22 -2.59 -22.78
N ILE B 340 -14.39 -2.44 -23.76
CA ILE B 340 -13.96 -1.15 -24.02
C ILE B 340 -14.84 -0.65 -25.17
N CYS B 341 -15.59 0.35 -24.98
CA CYS B 341 -16.20 0.98 -26.11
C CYS B 341 -15.39 1.88 -26.79
N ASN B 342 -15.27 1.78 -28.18
CA ASN B 342 -14.42 2.67 -29.02
C ASN B 342 -15.00 4.07 -29.39
N LEU B 343 -14.08 5.06 -29.59
CA LEU B 343 -14.42 6.35 -30.03
C LEU B 343 -14.62 6.15 -31.43
N THR B 344 -15.47 6.92 -31.94
CA THR B 344 -15.55 6.80 -33.55
C THR B 344 -14.31 6.92 -34.41
N PRO B 345 -13.22 7.63 -34.06
CA PRO B 345 -11.91 7.63 -34.83
C PRO B 345 -11.27 6.27 -35.03
N ASP B 346 -11.30 5.43 -34.00
CA ASP B 346 -10.90 3.94 -33.80
C ASP B 346 -11.28 3.04 -35.03
N ALA B 347 -12.48 2.49 -35.24
CA ALA B 347 -12.70 1.50 -36.33
C ALA B 347 -13.24 2.43 -37.48
N LEU B 348 -13.97 3.59 -37.24
CA LEU B 348 -14.48 4.46 -38.39
C LEU B 348 -15.19 3.75 -39.50
N LYS B 349 -15.85 2.65 -39.14
CA LYS B 349 -15.98 1.37 -40.02
C LYS B 349 -16.69 1.95 -40.96
N SER B 350 -16.71 1.29 -42.08
CA SER B 350 -17.54 1.77 -43.16
C SER B 350 -19.13 1.59 -42.89
N ARG B 351 -19.99 2.20 -43.74
CA ARG B 351 -21.41 2.07 -43.43
C ARG B 351 -22.00 2.62 -41.96
N ARG B 354 -22.69 1.05 -37.29
CA ARG B 354 -22.85 1.87 -35.93
C ARG B 354 -21.66 2.30 -35.01
N ASN B 355 -21.65 3.53 -34.49
CA ASN B 355 -20.61 4.29 -33.87
C ASN B 355 -21.20 4.78 -32.54
N TRP B 356 -20.41 4.88 -31.39
CA TRP B 356 -21.00 5.67 -30.33
C TRP B 356 -20.88 7.12 -30.60
N ASN B 357 -21.62 7.95 -29.87
CA ASN B 357 -21.42 9.45 -29.92
C ASN B 357 -20.57 9.87 -28.87
N THR B 358 -19.47 10.47 -29.11
CA THR B 358 -18.67 11.05 -28.04
C THR B 358 -18.44 12.62 -27.73
N THR B 359 -17.85 12.91 -26.58
CA THR B 359 -17.44 14.28 -26.20
C THR B 359 -16.71 14.00 -25.02
N PHE B 360 -15.77 14.89 -24.88
CA PHE B 360 -15.10 14.93 -23.58
C PHE B 360 -14.84 16.22 -22.87
N TYR B 361 -14.93 16.35 -21.52
CA TYR B 361 -14.31 17.56 -20.85
C TYR B 361 -13.10 17.39 -19.84
N GLU B 362 -12.12 18.32 -19.93
CA GLU B 362 -11.02 18.43 -18.98
C GLU B 362 -11.45 19.45 -18.03
N GLY B 363 -11.47 19.06 -16.72
CA GLY B 363 -11.57 20.24 -15.68
C GLY B 363 -10.63 20.03 -14.42
N THR B 364 -10.68 20.97 -13.51
CA THR B 364 -10.00 20.98 -12.24
C THR B 364 -10.76 21.29 -11.03
N TRP B 365 -10.20 20.78 -9.91
CA TRP B 365 -10.68 21.06 -8.57
C TRP B 365 -9.69 21.79 -7.74
N ARG B 366 -9.64 23.01 -7.93
CA ARG B 366 -8.91 23.91 -6.96
C ARG B 366 -9.53 24.41 -5.65
N ARG B 367 -8.68 24.30 -4.61
CA ARG B 367 -8.89 24.70 -3.20
C ARG B 367 -9.54 26.05 -2.92
N GLY B 368 -10.80 25.99 -2.42
CA GLY B 368 -11.40 27.31 -2.16
C GLY B 368 -12.10 28.06 -3.40
N SER B 369 -12.09 27.25 -4.52
CA SER B 369 -12.76 27.65 -5.81
C SER B 369 -13.61 26.67 -6.44
N THR B 370 -13.09 25.57 -6.76
CA THR B 370 -13.81 24.59 -7.43
C THR B 370 -13.93 23.28 -6.71
N ALA B 371 -13.15 23.13 -5.65
CA ALA B 371 -12.87 21.90 -5.06
C ALA B 371 -13.92 21.76 -4.13
N GLY B 372 -15.11 21.33 -4.41
CA GLY B 372 -16.04 21.32 -3.24
C GLY B 372 -16.79 20.10 -2.66
N GLY B 373 -16.51 18.90 -3.09
CA GLY B 373 -17.03 17.78 -2.23
C GLY B 373 -18.04 17.08 -3.02
N CYS B 374 -18.72 16.13 -2.51
CA CYS B 374 -20.12 15.74 -3.01
C CYS B 374 -21.45 16.19 -2.32
N ARG B 375 -22.50 15.49 -2.71
CA ARG B 375 -23.84 15.64 -2.03
C ARG B 375 -23.69 15.92 -0.61
N ASN B 376 -22.93 15.11 0.11
CA ASN B 376 -22.99 15.31 1.53
C ASN B 376 -22.35 16.59 1.99
N TYR B 377 -21.94 17.57 1.17
CA TYR B 377 -21.27 18.63 1.65
C TYR B 377 -21.75 19.86 0.94
N PRO B 378 -22.86 20.05 1.48
CA PRO B 378 -23.85 20.98 0.82
C PRO B 378 -23.49 22.31 0.84
N ALA B 379 -22.35 22.51 1.35
CA ALA B 379 -22.04 23.88 1.69
C ALA B 379 -21.18 24.29 0.57
N THR B 380 -20.48 23.28 0.03
CA THR B 380 -19.65 23.53 -1.14
C THR B 380 -19.90 22.61 -2.50
N PHE B 381 -20.87 21.67 -2.44
CA PHE B 381 -21.09 20.82 -3.63
C PHE B 381 -21.32 21.78 -4.75
N TRP B 382 -22.12 22.76 -4.50
CA TRP B 382 -22.45 23.65 -5.64
C TRP B 382 -21.20 24.12 -6.52
N VAL B 383 -20.10 24.16 -5.78
CA VAL B 383 -18.92 24.90 -6.36
C VAL B 383 -18.21 24.20 -7.46
N ASN B 384 -18.29 22.78 -7.45
CA ASN B 384 -17.76 21.93 -8.54
C ASN B 384 -18.14 22.48 -9.98
N PRO B 385 -17.35 22.04 -10.92
CA PRO B 385 -17.60 22.45 -12.29
C PRO B 385 -18.79 21.60 -12.73
N GLN B 386 -19.71 22.30 -13.39
CA GLN B 386 -20.82 21.54 -13.95
C GLN B 386 -20.98 21.27 -15.32
N PHE B 387 -21.60 20.12 -15.67
CA PHE B 387 -21.87 19.77 -17.11
C PHE B 387 -23.31 19.34 -17.38
N LYS B 388 -23.83 19.57 -18.59
CA LYS B 388 -25.08 18.89 -19.15
C LYS B 388 -25.14 18.19 -20.35
N ILE B 389 -26.08 17.27 -20.38
CA ILE B 389 -26.26 16.38 -21.50
C ILE B 389 -27.69 16.83 -21.71
N ARG B 390 -27.85 16.92 -23.04
CA ARG B 390 -29.26 16.95 -23.58
C ARG B 390 -29.74 15.66 -24.23
N LEU B 391 -30.81 15.11 -23.72
CA LEU B 391 -31.20 13.84 -24.27
C LEU B 391 -32.46 14.00 -24.90
N GLU B 392 -32.38 14.02 -26.23
CA GLU B 392 -33.55 13.98 -27.12
C GLU B 392 -34.03 12.53 -27.66
N GLU B 393 -33.35 11.96 -28.62
CA GLU B 393 -33.71 10.63 -29.00
C GLU B 393 -33.79 9.44 -27.97
N VAL B 394 -34.18 8.27 -28.44
CA VAL B 394 -34.47 7.04 -27.57
C VAL B 394 -33.95 5.82 -28.34
N ASP B 395 -33.74 4.75 -27.50
CA ASP B 395 -32.94 3.71 -27.97
C ASP B 395 -33.70 3.06 -29.06
N ASP B 396 -33.11 3.17 -30.28
CA ASP B 396 -33.61 2.43 -31.45
C ASP B 396 -35.19 2.07 -31.21
N ALA B 397 -36.04 3.20 -31.59
CA ALA B 397 -37.52 3.55 -31.68
C ALA B 397 -37.71 4.81 -32.79
N ASP B 398 -38.58 4.87 -33.89
CA ASP B 398 -39.88 4.17 -34.18
C ASP B 398 -40.36 2.61 -34.05
N ASP B 399 -40.27 1.30 -33.29
CA ASP B 399 -41.52 0.43 -33.42
C ASP B 399 -41.79 -0.48 -32.30
N TYR B 400 -43.06 -0.39 -31.66
CA TYR B 400 -43.15 -0.35 -30.11
C TYR B 400 -42.52 -1.29 -28.87
N ASP B 401 -43.48 -1.67 -27.98
CA ASP B 401 -43.29 -2.68 -26.97
C ASP B 401 -42.23 -2.30 -26.00
N SER B 402 -41.91 -3.23 -25.13
CA SER B 402 -41.31 -2.93 -23.88
C SER B 402 -39.79 -2.80 -23.58
N ARG B 403 -39.70 -2.13 -22.26
CA ARG B 403 -38.82 -1.82 -20.94
C ARG B 403 -38.89 -0.28 -20.18
N GLU B 404 -40.07 0.36 -20.06
CA GLU B 404 -40.18 1.91 -20.02
C GLU B 404 -39.63 2.70 -21.24
N SER B 405 -39.18 3.99 -21.20
CA SER B 405 -38.71 4.67 -22.52
C SER B 405 -37.78 5.84 -22.44
N GLY B 406 -36.55 5.60 -22.96
CA GLY B 406 -35.29 5.78 -22.23
C GLY B 406 -34.18 6.04 -23.16
N CYS B 407 -33.24 6.90 -22.73
CA CYS B 407 -32.14 7.32 -23.73
C CYS B 407 -31.02 6.84 -22.90
N SER B 408 -29.88 6.37 -23.53
CA SER B 408 -28.86 5.55 -22.94
C SER B 408 -27.58 6.13 -23.08
N PHE B 409 -26.91 6.44 -21.89
CA PHE B 409 -25.54 6.76 -21.90
C PHE B 409 -24.54 6.19 -20.90
N LEU B 410 -23.22 6.22 -21.27
CA LEU B 410 -22.01 6.03 -20.50
C LEU B 410 -21.45 7.38 -19.96
N LEU B 411 -21.44 7.53 -18.70
CA LEU B 411 -20.76 8.67 -18.20
C LEU B 411 -19.48 8.22 -17.47
N ALA B 412 -18.37 8.97 -17.69
CA ALA B 412 -17.10 8.49 -17.15
C ALA B 412 -16.17 9.53 -16.68
N LEU B 413 -15.64 9.30 -15.50
CA LEU B 413 -14.78 10.29 -15.01
C LEU B 413 -13.42 9.78 -14.59
N MET B 414 -12.39 10.45 -15.01
CA MET B 414 -11.12 9.91 -14.78
C MET B 414 -10.22 10.82 -14.00
N GLN B 415 -9.20 10.34 -13.26
CA GLN B 415 -8.24 11.46 -12.74
C GLN B 415 -6.89 11.40 -13.28
N LYS B 416 -6.08 12.53 -13.40
CA LYS B 416 -4.71 12.72 -13.94
C LYS B 416 -3.90 13.28 -12.81
N HIS B 417 -2.84 12.59 -12.53
CA HIS B 417 -1.74 13.09 -11.59
C HIS B 417 -0.87 14.14 -12.36
N ARG B 418 -0.32 15.24 -11.75
CA ARG B 418 1.20 15.75 -12.00
C ARG B 418 1.51 16.79 -10.87
N PHE B 424 3.00 1.14 -9.04
CA PHE B 424 2.34 1.96 -8.01
C PHE B 424 1.20 2.92 -8.68
N GLY B 425 -0.11 2.73 -8.11
CA GLY B 425 -1.46 3.46 -8.27
C GLY B 425 -1.98 3.90 -6.87
N ARG B 426 -3.27 3.92 -6.48
CA ARG B 426 -3.64 4.30 -5.02
C ARG B 426 -3.17 5.77 -4.59
N ASP B 427 -2.58 6.48 -5.57
CA ASP B 427 -2.16 7.90 -5.41
C ASP B 427 -3.47 8.92 -5.43
N MET B 428 -4.40 8.34 -6.14
CA MET B 428 -5.64 8.80 -6.65
C MET B 428 -6.43 9.67 -5.56
N GLU B 429 -7.57 10.27 -5.84
CA GLU B 429 -8.38 10.68 -4.81
C GLU B 429 -9.74 9.99 -4.95
N THR B 430 -10.59 10.11 -3.99
CA THR B 430 -12.03 9.69 -4.11
C THR B 430 -12.93 10.54 -4.98
N ILE B 431 -13.50 9.83 -5.99
CA ILE B 431 -14.16 10.47 -7.14
C ILE B 431 -15.45 9.69 -7.61
N GLY B 432 -16.42 10.55 -7.95
CA GLY B 432 -17.76 10.08 -8.31
C GLY B 432 -18.39 11.21 -9.06
N PHE B 433 -19.65 10.90 -9.38
CA PHE B 433 -20.60 11.88 -9.52
C PHE B 433 -22.11 11.68 -9.22
N ALA B 434 -22.87 12.77 -9.53
CA ALA B 434 -24.32 12.94 -9.41
C ALA B 434 -25.04 13.62 -10.58
N VAL B 435 -26.15 13.11 -10.97
CA VAL B 435 -26.86 13.59 -12.27
C VAL B 435 -28.26 14.08 -11.88
N TYR B 436 -28.58 15.40 -11.66
CA TYR B 436 -29.84 15.87 -11.30
C TYR B 436 -30.38 16.42 -12.61
N GLN B 437 -31.55 16.98 -12.54
CA GLN B 437 -32.24 17.45 -13.67
C GLN B 437 -32.39 18.91 -13.63
N VAL B 438 -32.17 19.54 -14.79
CA VAL B 438 -32.29 20.95 -15.02
C VAL B 438 -33.71 21.25 -15.14
N PRO B 439 -34.12 22.36 -14.62
CA PRO B 439 -35.47 22.67 -14.78
C PRO B 439 -35.91 23.62 -16.01
N ARG B 440 -37.25 23.75 -16.38
CA ARG B 440 -37.75 24.58 -17.45
C ARG B 440 -36.86 25.50 -18.06
N GLU B 441 -36.23 26.55 -17.35
CA GLU B 441 -35.03 27.41 -17.74
C GLU B 441 -33.69 26.59 -18.12
N LEU B 442 -34.02 25.86 -19.19
CA LEU B 442 -33.04 25.15 -19.82
C LEU B 442 -31.88 25.99 -20.49
N ALA B 443 -32.05 27.26 -20.85
CA ALA B 443 -30.92 28.24 -21.39
C ALA B 443 -29.99 27.59 -22.35
N GLY B 444 -28.72 28.05 -22.16
CA GLY B 444 -27.50 27.22 -22.51
C GLY B 444 -26.83 27.84 -23.80
N PRO B 446 -24.29 29.86 -19.62
CA PRO B 446 -24.83 30.99 -18.76
C PRO B 446 -25.66 30.50 -17.55
N VAL B 447 -25.11 29.51 -16.91
CA VAL B 447 -25.76 28.69 -15.86
C VAL B 447 -24.87 28.62 -14.50
N HIS B 448 -24.21 27.62 -14.26
CA HIS B 448 -23.83 27.39 -12.90
C HIS B 448 -24.79 27.40 -11.74
N LEU B 449 -25.28 26.22 -11.35
CA LEU B 449 -26.32 26.19 -10.38
C LEU B 449 -25.58 26.09 -9.11
N LYS B 450 -26.40 26.37 -8.04
CA LYS B 450 -26.03 26.76 -6.68
C LYS B 450 -26.75 25.81 -5.70
N ARG B 451 -26.54 26.17 -4.36
CA ARG B 451 -26.42 25.18 -3.42
C ARG B 451 -27.72 24.63 -3.36
N ASP B 452 -28.68 25.61 -3.27
CA ASP B 452 -30.17 25.42 -2.98
C ASP B 452 -30.90 24.43 -3.89
N PHE B 453 -30.78 24.72 -5.19
CA PHE B 453 -30.97 23.82 -6.38
C PHE B 453 -30.66 22.45 -6.07
N PHE B 454 -29.57 22.22 -5.33
CA PHE B 454 -29.06 20.86 -4.88
C PHE B 454 -29.60 20.38 -3.54
N LEU B 455 -29.88 21.38 -2.64
CA LEU B 455 -30.59 20.94 -1.35
C LEU B 455 -31.88 20.19 -1.59
N ALA B 456 -32.75 20.95 -2.28
CA ALA B 456 -34.11 20.37 -2.84
C ALA B 456 -33.94 18.94 -3.81
N ASN B 457 -34.05 19.01 -5.12
CA ASN B 457 -33.40 18.00 -6.04
C ASN B 457 -32.63 16.84 -5.48
N ALA B 458 -33.05 15.68 -5.95
CA ALA B 458 -32.37 14.48 -5.66
C ALA B 458 -31.93 13.92 -6.98
N SER B 459 -30.69 13.53 -7.14
CA SER B 459 -30.24 12.92 -8.42
C SER B 459 -31.28 11.95 -9.15
N ARG B 460 -31.23 12.03 -10.46
CA ARG B 460 -31.86 11.15 -11.28
C ARG B 460 -30.95 9.90 -11.58
N ALA B 461 -29.71 9.98 -10.99
CA ALA B 461 -28.70 9.05 -11.23
C ALA B 461 -27.38 9.62 -10.84
N GLN B 462 -26.45 8.71 -10.78
CA GLN B 462 -25.14 8.92 -10.34
C GLN B 462 -24.11 7.76 -10.14
N SER B 463 -22.91 8.06 -9.76
CA SER B 463 -22.00 6.97 -9.45
C SER B 463 -22.26 6.11 -8.23
N GLU B 464 -22.82 4.92 -8.47
CA GLU B 464 -22.95 3.77 -7.49
C GLU B 464 -21.65 3.57 -6.64
N HIS B 465 -21.60 3.73 -5.34
CA HIS B 465 -20.16 3.89 -4.86
C HIS B 465 -19.21 4.95 -5.35
N PHE B 466 -18.48 5.64 -4.51
CA PHE B 466 -17.44 6.53 -4.97
C PHE B 466 -16.11 5.89 -4.73
N ILE B 467 -16.00 4.55 -4.59
CA ILE B 467 -14.61 3.87 -4.83
C ILE B 467 -13.61 4.75 -5.69
N ASN B 468 -12.75 5.53 -5.08
CA ASN B 468 -11.62 6.21 -5.71
C ASN B 468 -10.53 5.17 -6.35
N LEU B 469 -10.33 5.26 -7.75
CA LEU B 469 -9.55 4.43 -8.67
C LEU B 469 -9.45 5.36 -9.88
N ARG B 470 -8.86 4.82 -10.85
CA ARG B 470 -8.21 5.60 -11.79
C ARG B 470 -9.40 6.53 -12.43
N GLU B 471 -10.48 5.84 -12.72
CA GLU B 471 -11.70 6.34 -13.37
C GLU B 471 -12.88 5.64 -12.72
N VAL B 472 -13.89 6.47 -12.44
CA VAL B 472 -15.28 5.83 -12.29
C VAL B 472 -16.26 6.14 -13.43
N SER B 473 -17.04 5.12 -13.77
CA SER B 473 -17.85 5.42 -14.80
C SER B 473 -19.18 4.65 -15.04
N ASN B 474 -20.42 5.10 -15.06
CA ASN B 474 -21.38 4.08 -14.92
C ASN B 474 -22.15 4.08 -16.22
N ARG B 475 -23.33 3.49 -16.29
CA ARG B 475 -24.07 3.69 -17.40
C ARG B 475 -25.44 4.12 -16.96
N ILE B 476 -26.09 5.07 -17.69
CA ILE B 476 -27.18 5.85 -17.19
C ILE B 476 -28.35 5.76 -18.23
N ARG B 477 -29.58 5.90 -17.75
CA ARG B 477 -30.76 5.72 -18.62
C ARG B 477 -31.76 6.68 -18.08
N LEU B 478 -32.16 7.59 -18.96
CA LEU B 478 -32.90 8.70 -18.61
C LEU B 478 -33.93 9.08 -19.57
N PRO B 479 -35.08 9.47 -19.12
CA PRO B 479 -36.09 9.85 -20.10
C PRO B 479 -35.73 11.16 -20.66
N PRO B 480 -36.15 11.43 -21.86
CA PRO B 480 -35.61 12.65 -22.56
C PRO B 480 -35.59 13.93 -21.73
N GLY B 481 -34.68 14.86 -21.95
CA GLY B 481 -34.59 15.92 -20.91
C GLY B 481 -33.23 16.43 -21.00
N GLU B 482 -33.03 17.58 -20.35
CA GLU B 482 -31.69 18.03 -20.07
C GLU B 482 -31.25 17.67 -18.65
N TYR B 483 -30.02 17.16 -18.44
CA TYR B 483 -29.61 16.82 -17.08
C TYR B 483 -28.30 17.33 -16.74
N ILE B 484 -28.03 17.52 -15.47
CA ILE B 484 -26.81 18.16 -14.88
C ILE B 484 -26.06 17.01 -14.31
N VAL B 485 -24.78 17.01 -14.73
CA VAL B 485 -23.74 16.21 -14.06
C VAL B 485 -22.58 16.94 -13.40
N VAL B 486 -22.61 16.67 -12.15
CA VAL B 486 -21.59 17.18 -11.23
C VAL B 486 -20.48 16.16 -10.77
N PRO B 487 -19.32 16.24 -11.37
CA PRO B 487 -18.26 15.29 -11.06
C PRO B 487 -17.47 15.81 -9.95
N SER B 488 -17.19 14.87 -9.06
CA SER B 488 -16.42 15.43 -7.94
C SER B 488 -15.68 14.43 -7.04
N THR B 489 -14.82 15.00 -6.25
CA THR B 489 -14.21 14.23 -5.15
C THR B 489 -15.21 14.05 -3.94
N PHE B 490 -15.38 12.79 -3.31
CA PHE B 490 -15.96 12.69 -2.03
C PHE B 490 -15.84 13.86 -1.11
N GLU B 491 -14.77 14.12 -0.48
CA GLU B 491 -14.44 15.27 0.48
C GLU B 491 -13.97 16.49 -0.15
N PRO B 492 -14.29 17.68 0.32
CA PRO B 492 -13.87 18.93 -0.30
C PRO B 492 -12.45 19.24 -0.06
N ASN B 493 -12.17 20.39 -0.58
CA ASN B 493 -10.94 20.96 -0.28
C ASN B 493 -9.73 20.14 -0.98
N LYS B 494 -10.12 19.00 -1.60
CA LYS B 494 -9.19 18.08 -2.36
C LYS B 494 -9.08 18.58 -3.87
N GLU B 495 -7.94 18.44 -4.51
CA GLU B 495 -7.62 19.23 -5.71
C GLU B 495 -7.27 18.21 -6.70
N GLY B 496 -7.51 18.53 -7.99
CA GLY B 496 -7.35 17.54 -8.95
C GLY B 496 -7.56 17.94 -10.36
N ASP B 497 -7.21 16.96 -11.31
CA ASP B 497 -7.46 17.18 -12.78
C ASP B 497 -8.35 16.05 -13.34
N PHE B 498 -9.42 16.30 -14.15
CA PHE B 498 -10.10 15.12 -14.57
C PHE B 498 -10.51 15.33 -16.08
N LEU B 499 -11.26 14.37 -16.65
CA LEU B 499 -11.65 14.31 -17.92
C LEU B 499 -12.97 13.65 -17.90
N LEU B 500 -14.10 14.41 -18.07
CA LEU B 500 -15.39 13.61 -18.15
C LEU B 500 -15.61 13.30 -19.60
N ARG B 501 -16.26 12.21 -19.81
CA ARG B 501 -16.57 11.76 -21.13
C ARG B 501 -17.98 11.38 -21.17
N PHE B 502 -18.44 11.43 -22.41
CA PHE B 502 -19.83 11.05 -22.65
C PHE B 502 -19.72 10.24 -23.72
N PHE B 503 -20.17 9.02 -23.50
CA PHE B 503 -20.51 8.14 -24.64
C PHE B 503 -21.93 7.90 -24.79
N SER B 504 -22.60 8.17 -25.86
CA SER B 504 -24.22 7.99 -26.01
C SER B 504 -24.73 7.08 -27.13
N GLU B 505 -25.77 6.43 -26.82
CA GLU B 505 -26.27 5.62 -27.85
C GLU B 505 -26.92 6.40 -29.12
N LYS B 506 -27.48 7.57 -28.96
CA LYS B 506 -27.90 8.51 -30.02
C LYS B 506 -27.44 9.91 -29.87
N LYS B 507 -27.26 10.68 -30.91
CA LYS B 507 -26.72 11.95 -30.56
C LYS B 507 -27.40 12.66 -29.46
N ALA B 508 -26.57 13.22 -28.67
CA ALA B 508 -27.00 13.90 -27.46
C ALA B 508 -26.23 15.09 -26.99
N GLY B 509 -26.27 16.20 -27.57
CA GLY B 509 -25.42 17.30 -27.19
C GLY B 509 -25.13 17.43 -25.80
N THR B 510 -23.84 17.48 -25.64
CA THR B 510 -23.36 17.63 -24.23
C THR B 510 -22.72 18.90 -24.21
N GLN B 511 -22.79 19.67 -23.16
CA GLN B 511 -21.96 20.94 -23.07
C GLN B 511 -21.56 21.29 -21.60
N GLU B 512 -20.50 21.97 -21.44
CA GLU B 512 -20.13 22.59 -20.12
C GLU B 512 -21.03 23.61 -19.61
N LEU B 513 -21.64 23.39 -18.47
CA LEU B 513 -22.65 24.26 -17.88
C LEU B 513 -21.99 25.22 -16.90
N ASP B 514 -22.00 26.48 -17.27
CA ASP B 514 -21.46 27.54 -16.41
C ASP B 514 -21.72 29.02 -16.84
N ASP B 515 -21.47 29.94 -15.93
CA ASP B 515 -21.54 31.34 -16.40
C ASP B 515 -20.82 31.79 -17.70
N GLN B 516 -21.05 33.02 -18.10
CA GLN B 516 -20.49 33.54 -19.34
C GLN B 516 -19.62 34.81 -18.94
N ILE B 517 -18.30 34.82 -19.27
CA ILE B 517 -17.35 35.97 -18.94
C ILE B 517 -18.11 37.36 -19.34
N GLN B 518 -18.44 38.31 -18.41
CA GLN B 518 -19.46 39.49 -18.73
C GLN B 518 -19.40 40.38 -17.63
N ALA B 519 -19.15 41.63 -17.92
CA ALA B 519 -18.94 42.65 -16.78
C ALA B 519 -20.09 43.53 -17.06
N ASN B 520 -21.08 43.60 -16.35
CA ASN B 520 -21.91 44.76 -16.46
C ASN B 520 -21.98 45.86 -15.38
N LEU B 521 -21.36 47.00 -15.66
CA LEU B 521 -21.10 48.11 -14.59
C LEU B 521 -21.39 49.71 -14.76
N PRO B 522 -21.77 50.38 -13.56
CA PRO B 522 -22.43 51.71 -13.55
C PRO B 522 -21.49 52.71 -14.15
N ASP B 523 -22.04 53.78 -14.78
CA ASP B 523 -21.32 54.89 -15.41
C ASP B 523 -20.79 55.77 -14.24
N GLU B 524 -19.73 56.47 -14.43
CA GLU B 524 -19.52 57.47 -13.45
C GLU B 524 -20.95 58.15 -12.93
N LYS B 525 -21.88 58.37 -13.88
CA LYS B 525 -23.10 59.11 -13.52
C LYS B 525 -23.65 58.74 -12.17
N VAL B 526 -23.31 59.48 -11.12
CA VAL B 526 -23.95 59.26 -9.79
C VAL B 526 -24.18 57.72 -9.45
N LYS B 537 -16.11 64.39 1.75
CA LYS B 537 -16.22 65.38 2.86
C LYS B 537 -15.14 66.52 2.84
N THR B 538 -14.25 66.50 1.81
CA THR B 538 -13.27 67.56 1.46
C THR B 538 -12.27 67.49 2.50
N LEU B 539 -11.20 68.33 2.46
CA LEU B 539 -10.01 67.81 3.30
C LEU B 539 -8.79 67.44 2.16
N PHE B 540 -7.75 68.37 2.09
CA PHE B 540 -6.53 68.11 1.26
C PHE B 540 -6.08 66.70 1.39
N ILE B 550 -6.41 63.78 -3.47
CA ILE B 550 -4.98 63.99 -3.38
C ILE B 550 -4.34 62.92 -4.31
N SER B 551 -3.02 62.90 -4.62
CA SER B 551 -2.47 61.94 -5.58
C SER B 551 -2.46 60.44 -5.02
N VAL B 552 -1.54 59.50 -5.48
CA VAL B 552 -1.41 58.16 -4.73
C VAL B 552 -1.02 58.20 -3.24
N LYS B 553 0.29 58.31 -2.97
CA LYS B 553 0.78 58.18 -1.57
C LYS B 553 0.03 59.11 -0.65
N GLU B 554 -0.74 60.00 -1.26
CA GLU B 554 -1.83 60.72 -0.61
C GLU B 554 -3.16 60.07 -0.52
N LEU B 555 -3.70 59.38 -1.58
CA LEU B 555 -5.13 58.73 -1.46
C LEU B 555 -5.09 57.84 -0.32
N GLN B 556 -4.14 56.90 -0.35
CA GLN B 556 -4.30 55.87 0.61
C GLN B 556 -4.64 56.72 1.81
N THR B 557 -3.57 57.47 2.08
CA THR B 557 -3.35 58.09 3.28
C THR B 557 -4.74 58.26 3.76
N ILE B 558 -5.48 59.23 3.12
CA ILE B 558 -6.81 59.78 3.44
C ILE B 558 -7.53 58.57 3.82
N LEU B 559 -8.03 57.84 2.81
CA LEU B 559 -9.12 56.77 3.05
C LEU B 559 -8.88 56.03 4.44
N ASN B 560 -7.62 55.34 4.48
CA ASN B 560 -7.18 54.21 5.38
C ASN B 560 -6.93 54.89 6.73
N ARG B 570 -2.54 41.75 11.59
CA ARG B 570 -1.64 43.13 11.36
C ARG B 570 -1.68 43.94 9.99
N THR B 571 -2.87 43.97 9.38
CA THR B 571 -3.10 44.33 7.95
C THR B 571 -4.53 44.99 7.54
N ASN B 572 -5.30 45.42 8.58
CA ASN B 572 -6.31 46.55 8.54
C ASN B 572 -6.09 48.12 7.77
N GLY B 573 -7.02 48.44 6.75
CA GLY B 573 -7.04 49.62 5.88
C GLY B 573 -6.45 49.02 4.64
N PHE B 574 -6.57 49.85 3.62
CA PHE B 574 -6.12 49.59 2.21
C PHE B 574 -4.63 49.43 2.24
N SER B 575 -3.97 49.94 1.25
CA SER B 575 -2.54 49.90 0.99
C SER B 575 -2.32 50.63 -0.31
N LEU B 576 -1.11 50.49 -0.66
CA LEU B 576 -0.66 50.93 -1.96
C LEU B 576 -1.19 49.92 -3.02
N GLU B 577 -0.34 49.05 -3.53
CA GLU B 577 -0.75 48.16 -4.62
C GLU B 577 -2.29 48.37 -4.89
N SER B 578 -3.13 48.29 -3.81
CA SER B 578 -4.47 48.53 -4.08
C SER B 578 -4.59 49.79 -4.75
N CYS B 579 -4.28 50.79 -4.06
CA CYS B 579 -4.48 52.25 -4.44
C CYS B 579 -3.72 52.44 -5.75
N ARG B 580 -2.67 51.73 -5.93
CA ARG B 580 -1.79 51.99 -7.15
C ARG B 580 -2.67 51.68 -8.36
N SER B 581 -3.46 50.61 -8.25
CA SER B 581 -4.52 50.33 -9.22
C SER B 581 -5.86 51.21 -9.04
N MET B 582 -6.26 51.58 -7.84
CA MET B 582 -7.36 52.58 -7.79
C MET B 582 -7.25 53.90 -8.72
N VAL B 583 -6.11 54.02 -9.29
CA VAL B 583 -5.68 55.21 -9.76
C VAL B 583 -4.96 54.48 -10.81
N ASN B 584 -4.78 55.14 -11.85
CA ASN B 584 -4.65 54.37 -13.10
C ASN B 584 -6.09 53.79 -13.69
N LEU B 585 -6.98 53.36 -12.74
CA LEU B 585 -8.39 53.14 -12.99
C LEU B 585 -8.90 54.40 -13.34
N MET B 586 -9.34 55.08 -12.31
CA MET B 586 -9.91 56.40 -12.40
C MET B 586 -9.50 57.44 -13.58
N ASP B 587 -9.65 58.77 -13.39
CA ASP B 587 -9.18 59.92 -14.28
C ASP B 587 -9.30 59.96 -15.90
N LEU B 594 -4.35 63.69 -8.84
CA LEU B 594 -5.71 63.00 -9.13
C LEU B 594 -7.07 63.86 -9.36
N GLY B 595 -7.80 64.18 -8.32
CA GLY B 595 -9.13 64.64 -8.63
C GLY B 595 -10.00 65.02 -7.45
N LEU B 596 -10.49 66.23 -7.57
CA LEU B 596 -11.38 66.77 -6.56
C LEU B 596 -12.88 66.35 -6.72
N VAL B 597 -13.23 65.66 -7.94
CA VAL B 597 -14.55 65.16 -8.53
C VAL B 597 -14.51 63.52 -8.91
N GLU B 598 -13.49 63.15 -9.70
CA GLU B 598 -13.07 61.74 -9.92
C GLU B 598 -12.98 61.15 -8.44
N PHE B 599 -12.23 61.85 -7.55
CA PHE B 599 -12.09 61.36 -6.16
C PHE B 599 -13.41 60.99 -5.45
N ASN B 600 -14.35 61.96 -5.62
CA ASN B 600 -15.85 61.81 -5.40
C ASN B 600 -16.48 60.49 -5.89
N ILE B 601 -16.44 60.25 -7.25
CA ILE B 601 -16.86 58.91 -7.65
C ILE B 601 -15.74 57.85 -7.15
N LEU B 602 -14.59 58.18 -6.51
CA LEU B 602 -13.90 56.99 -6.03
C LEU B 602 -14.48 56.34 -4.82
N TRP B 603 -14.83 57.23 -3.84
CA TRP B 603 -15.36 56.81 -2.52
C TRP B 603 -16.79 56.17 -2.66
N ASN B 604 -17.42 56.44 -3.84
CA ASN B 604 -18.73 55.84 -4.32
C ASN B 604 -18.84 54.32 -4.61
N ARG B 605 -17.98 53.92 -5.56
CA ARG B 605 -17.36 52.58 -5.63
C ARG B 605 -17.01 51.86 -4.37
N ILE B 606 -15.94 52.32 -3.76
CA ILE B 606 -15.41 51.64 -2.58
C ILE B 606 -16.67 51.50 -1.70
N ARG B 607 -17.58 52.43 -1.73
CA ARG B 607 -18.63 52.38 -0.68
C ARG B 607 -19.48 51.23 -1.02
N ASN B 608 -20.08 51.31 -2.22
CA ASN B 608 -20.73 50.13 -2.87
C ASN B 608 -20.01 48.65 -2.63
N TYR B 609 -18.65 48.59 -2.85
CA TYR B 609 -17.92 47.33 -2.63
C TYR B 609 -18.14 46.98 -1.14
N LEU B 610 -18.21 48.00 -0.20
CA LEU B 610 -18.19 47.70 1.23
C LEU B 610 -19.52 47.23 1.70
N THR B 611 -20.56 47.75 1.10
CA THR B 611 -21.91 47.05 1.15
C THR B 611 -22.16 45.48 0.76
N ILE B 612 -21.33 44.95 -0.10
CA ILE B 612 -21.45 43.65 -0.67
C ILE B 612 -20.61 42.79 0.17
N PHE B 613 -19.39 43.18 0.61
CA PHE B 613 -18.58 42.41 1.65
C PHE B 613 -19.32 42.05 2.87
N ARG B 614 -20.07 43.04 3.32
CA ARG B 614 -20.86 42.97 4.53
C ARG B 614 -22.06 42.14 4.48
N LYS B 615 -22.61 41.93 3.32
CA LYS B 615 -23.60 40.91 3.15
C LYS B 615 -22.89 39.48 3.06
N PHE B 616 -21.58 39.44 3.39
CA PHE B 616 -20.57 38.34 3.14
C PHE B 616 -19.54 38.18 4.33
N ASP B 617 -20.13 38.66 5.40
CA ASP B 617 -19.55 38.62 6.70
C ASP B 617 -20.23 39.43 7.64
N LEU B 618 -21.56 39.26 7.65
CA LEU B 618 -22.37 39.61 8.79
C LEU B 618 -21.83 39.10 10.28
N ASP B 619 -20.59 38.49 10.42
CA ASP B 619 -19.74 38.49 11.71
C ASP B 619 -18.35 39.14 11.65
N LYS B 620 -18.18 40.29 12.32
CA LYS B 620 -16.81 40.76 12.80
C LYS B 620 -15.59 39.73 12.83
N SER B 621 -15.07 39.55 11.59
CA SER B 621 -13.88 38.70 11.21
C SER B 621 -12.71 39.49 10.42
N GLY B 622 -13.08 40.70 9.83
CA GLY B 622 -12.59 41.38 8.60
C GLY B 622 -12.54 40.55 7.30
N SER B 623 -13.38 39.55 7.14
CA SER B 623 -13.12 38.61 6.09
C SER B 623 -14.29 37.81 5.65
N MET B 624 -14.05 37.19 4.48
CA MET B 624 -15.03 36.21 3.95
C MET B 624 -14.55 34.64 3.67
N SER B 625 -14.52 34.10 2.44
CA SER B 625 -14.15 32.64 2.06
C SER B 625 -14.25 32.52 0.61
N ALA B 626 -13.17 32.23 0.01
CA ALA B 626 -13.21 32.38 -1.36
C ALA B 626 -14.13 31.42 -1.88
N TYR B 627 -14.39 30.27 -1.26
CA TYR B 627 -15.57 29.46 -1.74
C TYR B 627 -16.90 30.36 -1.90
N GLU B 628 -16.87 31.61 -1.56
CA GLU B 628 -18.05 32.43 -1.70
C GLU B 628 -17.69 33.63 -2.59
N MET B 629 -16.41 34.01 -2.74
CA MET B 629 -15.98 35.20 -3.48
C MET B 629 -16.67 35.18 -4.71
N ARG B 630 -16.71 33.91 -5.22
CA ARG B 630 -17.64 33.37 -6.32
C ARG B 630 -18.83 34.29 -6.30
N MET B 631 -19.74 34.27 -5.19
CA MET B 631 -21.11 34.84 -5.13
C MET B 631 -21.04 36.14 -4.32
N ALA B 632 -20.50 37.12 -5.10
CA ALA B 632 -20.29 38.46 -4.63
C ALA B 632 -19.66 39.40 -5.67
N ILE B 633 -18.71 38.83 -6.38
CA ILE B 633 -18.26 39.44 -7.64
C ILE B 633 -19.41 39.61 -8.72
N GLU B 634 -20.31 38.61 -8.67
CA GLU B 634 -21.64 38.49 -9.38
C GLU B 634 -22.47 39.59 -8.87
N ALA B 635 -22.38 39.82 -7.52
CA ALA B 635 -22.94 41.06 -6.93
C ALA B 635 -22.30 42.26 -7.46
N ALA B 636 -20.97 42.22 -7.69
CA ALA B 636 -20.28 43.44 -8.18
C ALA B 636 -20.45 43.74 -9.69
N GLY B 637 -21.13 42.74 -10.25
CA GLY B 637 -21.66 42.91 -11.63
C GLY B 637 -20.86 42.24 -12.65
N PHE B 638 -19.86 41.39 -12.21
CA PHE B 638 -18.98 40.54 -13.04
C PHE B 638 -19.51 39.17 -12.92
N LYS B 639 -19.55 38.53 -14.11
CA LYS B 639 -19.88 37.14 -14.14
C LYS B 639 -18.72 36.30 -14.89
N LEU B 640 -18.12 35.21 -14.23
CA LEU B 640 -16.86 34.42 -14.79
C LEU B 640 -16.82 32.90 -14.90
N PRO B 641 -16.02 32.28 -15.68
CA PRO B 641 -16.17 30.81 -15.61
C PRO B 641 -15.46 30.21 -14.49
N CYS B 642 -15.73 29.13 -13.84
CA CYS B 642 -14.85 28.81 -12.64
C CYS B 642 -13.36 28.96 -12.93
N GLN B 643 -12.91 28.65 -14.10
CA GLN B 643 -11.43 29.00 -14.37
C GLN B 643 -10.92 30.37 -13.71
N LEU B 644 -11.42 31.53 -14.06
CA LEU B 644 -11.32 32.84 -13.31
C LEU B 644 -11.54 32.74 -11.79
N HIS B 645 -12.28 31.83 -11.21
CA HIS B 645 -12.65 31.95 -9.82
C HIS B 645 -11.66 31.26 -9.20
N GLN B 646 -10.96 30.53 -9.99
CA GLN B 646 -9.72 29.87 -9.55
C GLN B 646 -8.59 31.01 -9.51
N VAL B 647 -7.81 31.30 -10.56
CA VAL B 647 -6.96 32.50 -10.57
C VAL B 647 -7.30 33.62 -9.52
N ILE B 648 -8.50 34.09 -9.43
CA ILE B 648 -9.11 35.01 -8.41
C ILE B 648 -8.68 34.62 -6.95
N VAL B 649 -9.28 33.65 -6.43
CA VAL B 649 -8.80 33.03 -5.28
C VAL B 649 -7.22 32.74 -5.29
N ALA B 650 -6.79 31.89 -6.13
CA ALA B 650 -5.47 31.61 -6.06
C ALA B 650 -4.58 32.91 -6.04
N ARG B 651 -4.98 34.03 -6.61
CA ARG B 651 -4.12 35.13 -6.34
C ARG B 651 -4.56 36.12 -5.13
N PHE B 652 -5.86 36.27 -4.83
CA PHE B 652 -6.26 37.19 -3.88
C PHE B 652 -6.61 36.56 -2.53
N ALA B 653 -6.30 35.33 -2.41
CA ALA B 653 -6.68 34.69 -1.20
C ALA B 653 -5.48 33.84 -0.54
N ASP B 654 -5.35 34.28 0.69
CA ASP B 654 -4.49 33.64 1.63
C ASP B 654 -4.35 32.09 1.70
N ASP B 655 -3.33 31.92 2.51
CA ASP B 655 -2.64 30.69 2.93
C ASP B 655 -3.63 29.91 3.82
N GLU B 656 -4.45 30.65 4.50
CA GLU B 656 -5.28 29.97 5.45
C GLU B 656 -6.47 29.47 4.60
N LEU B 657 -7.18 30.48 4.10
CA LEU B 657 -8.38 30.16 3.33
C LEU B 657 -9.33 31.38 2.83
N ILE B 658 -8.91 32.62 3.13
CA ILE B 658 -9.83 33.67 3.58
C ILE B 658 -9.26 34.91 3.26
N ILE B 659 -10.00 35.60 2.31
CA ILE B 659 -9.67 36.84 1.62
C ILE B 659 -10.31 38.15 2.29
N ASP B 660 -9.61 39.25 2.44
CA ASP B 660 -10.06 40.39 3.18
C ASP B 660 -10.53 41.54 2.22
N PHE B 661 -11.34 42.51 2.80
CA PHE B 661 -11.85 43.74 2.07
C PHE B 661 -10.90 44.61 1.15
N ASP B 662 -9.75 44.86 1.78
CA ASP B 662 -8.60 45.42 1.17
C ASP B 662 -8.41 44.64 -0.26
N ASN B 663 -8.35 43.24 -0.29
CA ASN B 663 -8.07 42.40 -1.47
C ASN B 663 -9.26 42.19 -2.12
N PHE B 664 -10.36 41.93 -1.39
CA PHE B 664 -11.63 42.06 -1.98
C PHE B 664 -11.63 43.03 -3.14
N VAL B 665 -11.17 44.27 -2.92
CA VAL B 665 -11.74 45.37 -3.77
C VAL B 665 -10.61 45.65 -4.81
N ARG B 666 -9.46 45.05 -4.47
CA ARG B 666 -8.32 45.34 -5.38
C ARG B 666 -8.72 44.41 -6.54
N CYS B 667 -9.41 43.35 -6.27
CA CYS B 667 -9.83 42.50 -7.30
C CYS B 667 -10.86 43.31 -8.02
N LEU B 668 -11.92 43.50 -7.31
CA LEU B 668 -12.89 44.06 -8.16
C LEU B 668 -12.26 45.16 -9.14
N VAL B 669 -11.72 46.29 -8.63
CA VAL B 669 -11.00 47.40 -9.43
C VAL B 669 -10.12 46.79 -10.51
N ARG B 670 -9.14 45.97 -10.18
CA ARG B 670 -8.31 45.38 -11.21
C ARG B 670 -9.17 44.73 -12.35
N LEU B 671 -10.19 43.94 -11.97
CA LEU B 671 -11.05 43.27 -13.00
C LEU B 671 -11.72 44.17 -14.08
N GLU B 672 -12.48 45.11 -13.47
CA GLU B 672 -12.94 46.31 -14.17
C GLU B 672 -11.82 46.84 -15.11
N ILE B 673 -10.69 47.31 -14.54
CA ILE B 673 -9.67 47.74 -15.41
C ILE B 673 -9.53 46.87 -16.83
N LEU B 674 -9.02 45.63 -16.62
CA LEU B 674 -8.98 44.62 -17.56
C LEU B 674 -10.14 44.61 -18.61
N PHE B 675 -11.37 44.63 -18.05
CA PHE B 675 -12.46 44.62 -18.93
C PHE B 675 -12.35 45.91 -19.78
N LYS B 676 -12.10 47.04 -19.09
CA LYS B 676 -12.22 48.30 -19.77
C LYS B 676 -11.04 48.29 -20.72
N ILE B 677 -9.82 47.82 -20.42
CA ILE B 677 -8.71 48.16 -21.33
C ILE B 677 -9.12 47.38 -22.62
N PHE B 678 -9.75 46.21 -22.22
CA PHE B 678 -10.35 45.29 -23.19
C PHE B 678 -11.21 46.16 -24.08
N LYS B 679 -12.16 46.82 -23.42
CA LYS B 679 -13.22 47.41 -24.28
C LYS B 679 -12.47 48.49 -25.19
N GLN B 680 -11.64 49.30 -24.42
CA GLN B 680 -10.86 50.50 -24.79
C GLN B 680 -10.19 49.95 -26.00
N LEU B 681 -9.73 48.68 -26.01
CA LEU B 681 -9.14 47.90 -27.19
C LEU B 681 -9.95 47.16 -28.41
N ASP B 682 -11.16 46.76 -28.08
CA ASP B 682 -12.09 46.07 -28.97
C ASP B 682 -13.37 47.00 -29.48
N PRO B 683 -13.04 48.15 -30.05
CA PRO B 683 -14.10 49.16 -30.43
C PRO B 683 -15.22 48.58 -31.27
N GLU B 684 -14.95 47.95 -32.39
CA GLU B 684 -15.94 47.09 -33.04
C GLU B 684 -16.55 45.84 -32.42
N ASN B 685 -16.42 45.64 -31.19
CA ASN B 685 -16.82 44.43 -30.51
C ASN B 685 -16.59 43.08 -31.35
N THR B 686 -15.34 42.92 -31.69
CA THR B 686 -14.95 41.70 -32.33
C THR B 686 -14.58 40.64 -31.32
N GLY B 687 -14.49 41.02 -30.08
CA GLY B 687 -14.35 40.00 -29.06
C GLY B 687 -12.82 39.45 -29.01
N THR B 688 -11.93 40.12 -29.74
CA THR B 688 -10.55 39.60 -29.69
C THR B 688 -9.67 40.83 -29.78
N ILE B 689 -8.58 41.03 -28.95
CA ILE B 689 -7.69 42.24 -28.98
C ILE B 689 -6.28 42.05 -29.54
N GLN B 690 -5.77 42.95 -30.34
CA GLN B 690 -4.58 42.61 -31.08
C GLN B 690 -3.55 43.65 -30.86
N LEU B 691 -2.50 43.32 -30.11
CA LEU B 691 -1.47 44.17 -29.59
C LEU B 691 -0.01 43.52 -29.83
N ASP B 692 0.99 44.37 -29.76
CA ASP B 692 2.36 43.97 -30.10
C ASP B 692 3.38 43.90 -28.86
N LEU B 693 4.57 43.40 -29.20
CA LEU B 693 5.46 42.99 -28.12
C LEU B 693 5.47 44.18 -27.14
N ILE B 694 5.65 45.40 -27.63
CA ILE B 694 5.75 46.62 -26.75
C ILE B 694 4.42 46.86 -26.02
N SER B 695 3.39 46.77 -26.80
CA SER B 695 2.13 47.26 -26.24
C SER B 695 1.69 46.30 -25.09
N TRP B 696 2.02 45.00 -25.19
CA TRP B 696 1.92 44.09 -24.09
C TRP B 696 2.58 44.55 -22.80
N LEU B 697 3.92 44.74 -22.85
CA LEU B 697 4.64 44.54 -21.66
C LEU B 697 4.25 45.88 -20.94
N SER B 698 4.06 46.86 -21.70
CA SER B 698 3.68 48.06 -21.10
C SER B 698 2.18 48.16 -20.83
N PHE B 699 1.42 47.07 -20.92
CA PHE B 699 0.00 47.04 -20.46
C PHE B 699 -0.27 45.74 -19.60
N SER B 700 0.80 44.94 -19.50
CA SER B 700 0.77 43.52 -19.08
C SER B 700 1.33 43.29 -17.68
N VAL B 701 2.50 43.98 -17.67
CA VAL B 701 3.14 44.80 -16.65
C VAL B 701 2.64 46.33 -16.51
N LEU B 702 1.38 46.28 -15.90
CA LEU B 702 0.45 47.35 -15.27
C LEU B 702 0.56 48.82 -15.66
N MET B 717 4.22 4.95 2.18
CA MET B 717 3.43 3.80 1.57
C MET B 717 3.38 4.18 0.11
N HIS B 718 3.32 5.51 -0.14
CA HIS B 718 3.54 5.97 -1.44
C HIS B 718 5.04 5.74 -1.53
N TYR B 719 5.73 5.94 -0.37
CA TYR B 719 7.17 5.64 -0.07
C TYR B 719 8.05 6.71 -0.80
N SER B 720 8.45 7.75 -0.08
CA SER B 720 9.02 8.97 -0.71
C SER B 720 9.86 8.82 -2.15
N ASN B 721 10.13 10.04 -2.82
CA ASN B 721 11.09 10.32 -3.96
C ASN B 721 12.52 11.09 -3.72
N ASN B 725 25.45 12.57 -13.52
CA ASN B 725 24.61 13.09 -12.45
C ASN B 725 25.48 14.36 -12.09
N GLU B 726 25.00 15.54 -11.58
CA GLU B 726 25.83 16.70 -10.99
C GLU B 726 25.21 17.26 -9.61
N SER B 727 25.17 16.43 -8.53
CA SER B 727 24.76 16.67 -7.10
C SER B 727 25.22 17.98 -6.39
N GLU B 728 24.14 18.82 -6.22
CA GLU B 728 24.09 20.26 -5.76
C GLU B 728 23.64 20.14 -4.33
N GLU B 730 19.15 25.84 -2.00
CA GLU B 730 19.20 25.17 -3.37
C GLU B 730 18.39 23.80 -3.42
N ARG B 731 18.57 23.02 -4.44
CA ARG B 731 17.61 21.96 -4.61
C ARG B 731 18.08 20.76 -3.86
N GLN B 732 17.52 20.54 -2.67
CA GLN B 732 17.94 19.44 -1.75
C GLN B 732 17.39 20.03 -0.48
N PHE B 733 17.95 21.21 -0.21
CA PHE B 733 17.51 22.19 0.79
C PHE B 733 16.05 22.60 0.69
N ARG B 734 15.54 22.58 -0.52
CA ARG B 734 14.19 23.18 -0.65
C ARG B 734 12.82 22.44 -0.20
N LYS B 735 12.88 21.07 -0.47
CA LYS B 735 11.95 19.95 0.02
C LYS B 735 12.17 20.18 1.48
N LEU B 736 11.20 20.75 2.13
CA LEU B 736 11.13 20.68 3.57
C LEU B 736 10.24 19.35 3.91
N PHE B 737 9.49 19.52 5.02
CA PHE B 737 8.32 18.67 5.21
C PHE B 737 7.02 19.12 4.37
N VAL B 738 7.10 20.18 3.41
CA VAL B 738 5.92 20.80 2.70
C VAL B 738 5.13 19.68 2.02
N GLN B 739 4.45 18.72 2.66
CA GLN B 739 4.16 17.38 1.98
C GLN B 739 5.32 16.33 1.58
N LEU B 740 5.41 15.24 2.36
CA LEU B 740 6.54 14.27 2.06
C LEU B 740 8.00 14.85 2.42
N MET B 745 5.27 17.98 -2.44
CA MET B 745 6.64 18.31 -2.81
C MET B 745 6.78 19.76 -3.20
N GLU B 746 5.80 20.56 -2.95
CA GLU B 746 5.60 21.65 -3.89
C GLU B 746 5.77 22.83 -3.02
N VAL B 747 6.12 23.97 -3.60
CA VAL B 747 6.45 25.19 -2.72
C VAL B 747 5.24 25.95 -2.44
N SER B 748 5.39 27.23 -1.99
CA SER B 748 4.27 28.25 -1.95
C SER B 748 4.77 29.70 -2.03
N ALA B 749 3.94 30.79 -1.88
CA ALA B 749 4.36 32.38 -1.72
C ALA B 749 4.84 32.96 -0.28
N THR B 750 4.32 32.24 0.70
CA THR B 750 4.35 32.62 2.13
C THR B 750 5.79 32.41 2.63
N GLU B 751 6.26 31.21 2.16
CA GLU B 751 7.51 30.54 2.21
C GLU B 751 8.59 31.23 1.35
N LEU B 752 8.18 31.69 0.18
CA LEU B 752 9.03 32.38 -0.80
C LEU B 752 9.48 33.58 -0.13
N MET B 753 8.65 34.48 0.38
CA MET B 753 9.12 35.64 1.08
C MET B 753 9.89 34.99 2.21
N PHE B 771 11.93 41.74 0.57
CA PHE B 771 10.93 41.63 -0.43
C PHE B 771 9.67 41.73 0.36
N GLY B 772 8.63 42.14 -0.38
CA GLY B 772 7.31 42.23 0.23
C GLY B 772 6.40 41.02 0.12
N ILE B 773 5.25 41.11 0.74
CA ILE B 773 4.39 40.06 0.62
C ILE B 773 3.71 39.94 -0.75
N ASP B 774 2.86 40.97 -1.14
CA ASP B 774 2.02 41.03 -2.40
C ASP B 774 3.10 40.92 -3.42
N THR B 775 4.28 41.49 -3.09
CA THR B 775 5.42 41.13 -3.85
C THR B 775 5.53 39.59 -4.18
N CYS B 776 4.99 38.61 -3.48
CA CYS B 776 5.48 37.27 -3.78
C CYS B 776 4.46 36.49 -4.29
N ARG B 777 3.28 36.73 -3.73
CA ARG B 777 2.15 36.44 -4.54
C ARG B 777 2.29 36.93 -6.07
N SER B 778 3.13 37.92 -6.60
CA SER B 778 3.17 37.91 -8.07
C SER B 778 4.40 37.18 -8.48
N MET B 779 5.15 36.58 -7.54
CA MET B 779 6.15 35.72 -8.07
C MET B 779 5.74 34.26 -8.35
N VAL B 780 5.32 33.51 -7.29
CA VAL B 780 4.86 32.05 -7.56
C VAL B 780 3.89 31.89 -8.80
N ALA B 781 3.22 33.03 -9.03
CA ALA B 781 1.97 33.06 -9.77
C ALA B 781 2.28 32.84 -11.19
N VAL B 782 2.85 33.90 -11.70
CA VAL B 782 3.45 34.00 -12.93
C VAL B 782 4.39 32.90 -13.14
N MET B 783 4.77 32.10 -12.14
CA MET B 783 5.38 30.82 -12.58
C MET B 783 4.71 29.58 -12.47
N ASP B 784 3.57 29.49 -11.78
CA ASP B 784 2.50 28.31 -11.92
C ASP B 784 1.58 28.26 -13.23
N SER B 785 1.57 27.03 -13.85
CA SER B 785 0.73 26.71 -14.98
C SER B 785 -0.33 25.77 -14.52
N ASP B 786 -0.87 25.89 -13.31
CA ASP B 786 -1.93 25.02 -12.92
C ASP B 786 -2.80 25.76 -11.93
N THR B 787 -2.64 27.04 -11.94
CA THR B 787 -3.44 27.92 -10.95
C THR B 787 -3.74 27.17 -9.62
N THR B 788 -2.67 26.99 -8.90
CA THR B 788 -2.46 26.28 -7.57
C THR B 788 -1.71 27.20 -6.61
N GLY B 789 -0.84 28.07 -7.18
CA GLY B 789 0.19 28.82 -6.37
C GLY B 789 1.52 28.02 -6.19
N LYS B 790 1.43 26.68 -6.08
CA LYS B 790 2.59 25.78 -5.67
C LYS B 790 3.81 25.99 -6.52
N LEU B 791 5.04 25.91 -5.95
CA LEU B 791 6.10 25.97 -6.89
C LEU B 791 6.95 24.82 -7.03
N GLY B 792 6.51 23.85 -7.81
CA GLY B 792 7.15 22.62 -8.07
C GLY B 792 8.53 22.90 -8.48
N PHE B 793 9.16 21.88 -8.99
CA PHE B 793 10.59 21.85 -8.74
C PHE B 793 11.35 22.96 -9.56
N GLU B 794 11.12 22.74 -10.77
CA GLU B 794 11.60 23.42 -11.89
C GLU B 794 11.10 24.89 -11.78
N GLU B 795 9.83 25.11 -11.24
CA GLU B 795 9.08 26.45 -11.05
C GLU B 795 9.33 26.62 -9.63
N PHE B 796 10.60 26.35 -9.40
CA PHE B 796 11.38 26.88 -8.28
C PHE B 796 12.76 27.37 -8.69
N LYS B 797 13.51 26.30 -9.14
CA LYS B 797 14.85 26.38 -9.68
C LYS B 797 14.87 27.57 -10.58
N TYR B 798 14.22 27.47 -11.73
CA TYR B 798 14.34 28.55 -12.69
C TYR B 798 14.36 29.72 -11.69
N LEU B 799 13.35 29.86 -10.83
CA LEU B 799 13.09 31.11 -10.21
C LEU B 799 14.22 31.48 -9.43
N TRP B 800 14.87 30.49 -8.88
CA TRP B 800 16.05 30.78 -8.06
C TRP B 800 17.11 31.30 -8.90
N ASN B 801 17.54 30.45 -9.85
CA ASN B 801 18.70 30.81 -10.74
C ASN B 801 18.61 32.20 -11.39
N ASN B 802 17.49 32.93 -11.33
CA ASN B 802 17.23 34.21 -12.05
C ASN B 802 17.04 35.37 -11.10
N ILE B 803 16.42 35.26 -9.91
CA ILE B 803 16.77 36.29 -8.88
C ILE B 803 18.45 36.26 -8.82
N LYS B 804 19.07 35.04 -8.77
CA LYS B 804 20.49 34.88 -8.52
C LYS B 804 21.57 35.55 -9.45
N LYS B 805 21.65 34.97 -10.72
CA LYS B 805 22.19 35.55 -11.99
C LYS B 805 21.96 37.11 -11.95
N TRP B 806 20.77 37.40 -11.48
CA TRP B 806 20.23 38.74 -11.33
C TRP B 806 20.90 39.62 -10.25
N GLN B 807 21.41 38.99 -9.20
CA GLN B 807 21.85 39.57 -7.91
C GLN B 807 23.02 40.51 -8.16
N GLY B 808 24.04 39.87 -8.78
CA GLY B 808 25.06 40.55 -9.57
C GLY B 808 24.45 41.66 -10.39
N ILE B 809 23.71 41.27 -11.42
CA ILE B 809 23.72 41.96 -12.72
C ILE B 809 23.44 43.45 -12.66
N ARG B 812 24.69 51.25 -5.55
CA ARG B 812 25.35 50.98 -6.87
C ARG B 812 24.69 51.73 -8.00
N PHE B 813 24.54 51.01 -9.16
CA PHE B 813 23.92 51.45 -10.51
C PHE B 813 25.23 51.68 -11.21
N GLU B 814 26.42 51.67 -10.50
CA GLU B 814 27.53 52.48 -10.89
C GLU B 814 28.21 53.24 -9.69
N THR B 815 27.52 53.70 -8.58
CA THR B 815 28.02 53.65 -7.17
C THR B 815 28.73 52.26 -6.53
N ASP B 816 28.61 51.97 -5.28
CA ASP B 816 29.30 50.70 -4.97
C ASP B 816 28.74 49.92 -3.77
N ARG B 817 28.73 50.68 -2.60
CA ARG B 817 28.29 50.28 -1.23
C ARG B 817 26.73 50.10 -1.49
N SER B 818 25.87 50.57 -0.53
CA SER B 818 24.50 50.98 -0.82
C SER B 818 23.50 50.05 0.20
N GLY B 819 23.80 48.76 0.24
CA GLY B 819 23.05 47.71 0.95
C GLY B 819 23.92 46.40 1.05
N PRO B 827 19.25 49.49 -16.27
CA PRO B 827 20.29 50.32 -16.80
C PRO B 827 20.54 49.66 -18.14
N GLY B 828 21.80 49.27 -18.25
CA GLY B 828 22.18 48.21 -19.15
C GLY B 828 22.75 47.16 -18.23
N ALA B 829 22.26 47.19 -17.02
CA ALA B 829 22.05 46.01 -16.21
C ALA B 829 21.32 44.86 -16.86
N PHE B 830 19.95 45.04 -16.97
CA PHE B 830 18.89 44.39 -17.88
C PHE B 830 19.35 44.17 -19.34
N GLU B 831 20.27 44.95 -19.85
CA GLU B 831 20.76 44.64 -21.22
C GLU B 831 21.73 43.28 -21.31
N ALA B 832 21.73 42.50 -20.21
CA ALA B 832 22.75 41.50 -19.71
C ALA B 832 22.20 40.21 -19.02
N ALA B 833 20.91 40.49 -18.85
CA ALA B 833 19.73 39.77 -18.44
C ALA B 833 18.82 39.38 -19.66
N GLY B 834 19.29 39.61 -20.83
CA GLY B 834 18.53 39.31 -22.05
C GLY B 834 17.26 40.22 -22.17
N PHE B 835 17.39 41.53 -21.79
CA PHE B 835 16.37 42.67 -21.89
C PHE B 835 16.86 44.07 -22.29
N HIS B 836 17.19 44.15 -23.56
CA HIS B 836 17.17 45.41 -24.28
C HIS B 836 15.83 46.16 -24.38
N LEU B 837 15.61 47.09 -23.51
CA LEU B 837 14.34 47.80 -23.45
C LEU B 837 14.77 49.02 -24.19
N ASN B 838 14.11 50.16 -23.88
CA ASN B 838 14.25 51.41 -24.66
C ASN B 838 13.34 52.58 -24.02
N GLN B 839 13.71 53.92 -24.20
CA GLN B 839 13.10 54.95 -23.32
C GLN B 839 11.58 54.83 -23.58
N HIS B 840 11.33 54.19 -24.77
CA HIS B 840 10.30 53.07 -25.08
C HIS B 840 9.92 52.28 -23.76
N ILE B 841 10.24 50.98 -23.58
CA ILE B 841 9.60 50.32 -22.40
C ILE B 841 10.03 50.89 -20.98
N TYR B 842 10.91 51.89 -20.98
CA TYR B 842 11.23 52.76 -19.81
C TYR B 842 10.28 54.04 -19.66
N SER B 843 9.12 53.98 -20.40
CA SER B 843 8.07 55.01 -20.33
C SER B 843 7.77 54.99 -18.81
N MET B 844 8.52 55.74 -17.95
CA MET B 844 8.47 55.43 -16.44
C MET B 844 8.18 53.79 -15.97
N ILE B 845 8.85 52.85 -16.67
CA ILE B 845 9.15 51.56 -16.14
C ILE B 845 9.56 51.76 -14.80
N ILE B 846 10.37 52.77 -14.35
CA ILE B 846 10.47 53.13 -12.89
C ILE B 846 9.39 52.64 -11.72
N ARG B 847 8.02 52.84 -12.01
CA ARG B 847 6.99 52.74 -11.00
C ARG B 847 6.15 51.57 -11.61
N SER B 850 9.14 51.57 -8.72
CA SER B 850 10.17 52.47 -7.88
C SER B 850 9.89 52.71 -6.23
N ASP B 851 10.95 52.60 -5.33
CA ASP B 851 10.88 52.69 -3.82
C ASP B 851 10.32 54.05 -3.36
N GLU B 852 10.10 54.38 -2.07
CA GLU B 852 9.36 55.64 -1.79
C GLU B 852 9.96 56.94 -2.42
N THR B 853 11.27 57.10 -2.59
CA THR B 853 11.78 58.02 -3.69
C THR B 853 13.11 57.65 -4.47
N GLY B 854 13.91 56.87 -3.78
CA GLY B 854 15.10 56.39 -4.32
C GLY B 854 14.61 55.41 -5.34
N ASN B 855 15.65 54.88 -6.07
CA ASN B 855 15.46 54.02 -7.27
C ASN B 855 15.35 52.47 -7.05
N MET B 856 15.38 52.04 -5.71
CA MET B 856 15.36 50.65 -5.00
C MET B 856 16.31 49.73 -5.58
N ASP B 857 16.23 48.47 -5.14
CA ASP B 857 17.35 47.60 -5.42
C ASP B 857 17.00 46.36 -4.71
N PHE B 858 16.11 45.67 -5.45
CA PHE B 858 16.03 44.28 -5.06
C PHE B 858 14.55 44.01 -4.53
N ASP B 859 14.14 44.81 -3.47
CA ASP B 859 12.71 44.77 -3.07
C ASP B 859 11.93 45.68 -3.99
N ASN B 860 12.26 45.66 -5.37
CA ASN B 860 11.50 46.33 -6.49
C ASN B 860 11.94 45.99 -7.87
N PHE B 861 13.08 46.57 -8.09
CA PHE B 861 13.80 46.28 -9.21
C PHE B 861 13.72 44.82 -9.45
N ILE B 862 13.85 43.87 -8.52
CA ILE B 862 13.84 42.35 -8.92
C ILE B 862 12.40 41.93 -9.25
N SER B 863 11.46 42.52 -8.48
CA SER B 863 10.04 42.37 -8.78
C SER B 863 9.86 42.97 -10.19
N CYS B 864 10.00 44.34 -10.39
CA CYS B 864 9.78 45.01 -11.69
C CYS B 864 10.62 44.44 -12.75
N LEU B 865 11.33 43.33 -12.41
CA LEU B 865 11.79 42.22 -13.37
C LEU B 865 11.25 40.70 -13.65
N VAL B 866 10.92 39.98 -12.63
CA VAL B 866 10.58 38.60 -12.83
C VAL B 866 9.26 38.69 -13.56
N ARG B 867 8.68 39.87 -13.65
CA ARG B 867 7.40 40.15 -14.35
C ARG B 867 7.63 40.96 -15.66
N LEU B 868 8.82 41.57 -15.77
CA LEU B 868 9.39 41.70 -17.11
C LEU B 868 9.60 40.35 -17.82
N ASP B 869 10.01 39.36 -17.05
CA ASP B 869 10.76 38.43 -17.77
C ASP B 869 9.52 37.77 -18.27
N ALA B 870 8.95 36.97 -17.34
CA ALA B 870 7.64 36.44 -17.36
C ALA B 870 6.71 36.93 -18.55
N MET B 871 6.74 38.12 -18.91
CA MET B 871 5.87 38.41 -19.97
C MET B 871 6.19 38.12 -21.48
N PHE B 872 7.42 37.94 -21.65
CA PHE B 872 8.03 38.03 -22.91
C PHE B 872 7.66 36.68 -22.96
N ARG B 873 8.23 35.89 -22.16
CA ARG B 873 8.11 34.48 -22.44
C ARG B 873 6.63 33.96 -22.78
N ALA B 874 5.61 34.66 -22.29
CA ALA B 874 4.20 34.62 -22.65
C ALA B 874 3.89 35.03 -24.02
N PHE B 875 4.06 36.28 -24.19
CA PHE B 875 3.92 36.73 -25.45
C PHE B 875 4.73 35.80 -26.37
N ARG B 876 5.57 34.93 -25.94
CA ARG B 876 6.26 34.20 -27.05
C ARG B 876 5.72 32.89 -27.09
N SER B 877 5.27 32.48 -25.95
CA SER B 877 4.60 31.20 -25.88
C SER B 877 3.29 31.17 -26.70
N LEU B 878 2.56 32.33 -26.66
CA LEU B 878 1.33 32.59 -27.36
C LEU B 878 1.55 33.07 -28.74
N ASP B 879 2.80 33.11 -29.23
CA ASP B 879 3.19 33.69 -30.62
C ASP B 879 4.24 32.65 -31.05
N LYS B 880 3.93 31.37 -30.92
CA LYS B 880 4.58 30.40 -31.64
C LYS B 880 5.36 30.98 -32.80
N ASN B 881 4.67 31.72 -33.68
CA ASN B 881 5.39 32.13 -35.08
C ASN B 881 5.88 33.57 -35.18
N GLY B 882 6.85 33.87 -34.36
CA GLY B 882 6.99 35.29 -34.10
C GLY B 882 6.30 36.27 -35.11
N THR B 883 4.99 36.40 -35.06
CA THR B 883 4.35 37.31 -35.98
C THR B 883 4.48 38.58 -35.48
N GLY B 884 5.15 38.68 -34.40
CA GLY B 884 5.29 39.99 -33.78
C GLY B 884 4.10 40.49 -32.96
N GLN B 885 3.02 39.73 -33.00
CA GLN B 885 1.95 40.20 -32.24
C GLN B 885 1.33 39.11 -31.56
N ILE B 886 0.24 39.33 -30.81
CA ILE B 886 -0.58 38.19 -30.16
C ILE B 886 -2.02 38.41 -30.08
N GLN B 887 -2.93 37.43 -30.16
CA GLN B 887 -4.32 37.88 -30.21
C GLN B 887 -5.03 37.11 -29.21
N VAL B 888 -5.87 37.65 -28.25
CA VAL B 888 -6.42 36.89 -27.16
C VAL B 888 -7.97 37.35 -27.14
N ASN B 889 -8.76 36.91 -26.12
CA ASN B 889 -10.05 37.31 -26.23
C ASN B 889 -10.17 37.41 -24.77
N ILE B 890 -11.40 37.67 -24.28
CA ILE B 890 -11.72 37.96 -22.90
C ILE B 890 -11.30 37.00 -21.92
N GLN B 891 -11.57 35.73 -22.22
CA GLN B 891 -11.25 34.65 -21.35
C GLN B 891 -9.74 34.45 -21.03
N GLU B 892 -8.80 34.84 -21.92
CA GLU B 892 -7.37 34.58 -21.71
C GLU B 892 -6.74 35.84 -21.27
N TRP B 893 -7.07 36.94 -21.79
CA TRP B 893 -6.71 38.26 -21.28
C TRP B 893 -6.92 38.49 -19.87
N LEU B 894 -8.09 38.15 -19.39
CA LEU B 894 -8.37 37.98 -17.96
C LEU B 894 -7.41 37.06 -17.28
N GLN B 895 -6.97 35.99 -17.89
CA GLN B 895 -6.26 34.91 -17.19
C GLN B 895 -4.81 35.46 -17.14
N LEU B 896 -4.41 36.17 -18.23
CA LEU B 896 -3.12 36.66 -18.38
C LEU B 896 -2.92 37.98 -17.50
N THR B 897 -3.90 38.36 -16.72
CA THR B 897 -3.78 39.65 -16.08
C THR B 897 -4.34 39.45 -14.74
N MET B 898 -4.93 38.33 -14.43
CA MET B 898 -5.32 38.27 -13.05
C MET B 898 -4.36 37.18 -12.41
N TYR B 899 -3.63 36.38 -13.22
CA TYR B 899 -2.97 35.28 -12.44
C TYR B 899 -1.49 35.73 -12.38
N SER B 900 -1.28 36.66 -11.45
CA SER B 900 -0.04 37.39 -11.45
C SER B 900 -0.39 38.73 -10.68
#